data_6GXU
#
_entry.id   6GXU
#
_cell.length_a   70.420
_cell.length_b   70.460
_cell.length_c   97.910
_cell.angle_alpha   77.96
_cell.angle_beta   75.94
_cell.angle_gamma   85.97
#
_symmetry.space_group_name_H-M   'P 1'
#
loop_
_entity.id
_entity.type
_entity.pdbx_description
1 polymer 'Histone deacetylase'
2 non-polymer 'ZINC ION'
3 non-polymer 'POTASSIUM ION'
4 non-polymer (~{E})-3-[2-(4-chlorophenyl)sulfanylphenyl]-~{N}-oxidanyl-prop-2-enamide
5 non-polymer DIMETHYLFORMAMIDE
6 non-polymer GLYCEROL
7 water water
#
_entity_poly.entity_id   1
_entity_poly.type   'polypeptide(L)'
_entity_poly.pdbx_seq_one_letter_code
;HMSVGIVYGDQYRQLCCSSPKFGDRYALVMDLINAYKLIPELSRVPPLQWDSPSRMYEAVTAFHSTEYVDALKKLQMLHC
EEKELTADDELLMDSFSLNYDCPGFPSVFDYSLAAVQGSLAAASALICRHCEVVINWGGGWHHAKRSEASGFCYLNDIVL
AIHRLVSSTPPETSPNRQTRVLYVDLDLHHGDGVEEAFWYSPRVVTFSVHHASPGFFPGTGTWNMVDNDKLPIFLNGAGR
GRFSAFNLPLEEGINDLDWSNAIGPILDSLNIVIQPSYVVVQCGADCLATDPHRIFRLTNFYPNLNLDSDCDSECSLSGY
LYAIKKILSWKVPTLILGGGGYNFPDTARLWTRVTALTIEEVKGKKMTISPEIPEHSYFSRYGPDFELDIDYFPHESHNK
TLDSIQKHHRRILEQLRNYADLNKLIYDYDQVYQLYNLTGMGSLVPR
;
_entity_poly.pdbx_strand_id   A,B,C,D
#
loop_
_chem_comp.id
_chem_comp.type
_chem_comp.name
_chem_comp.formula
DMF non-polymer DIMETHYLFORMAMIDE 'C3 H7 N O'
FG8 non-polymer (~{E})-3-[2-(4-chlorophenyl)sulfanylphenyl]-~{N}-oxidanyl-prop-2-enamide 'C15 H12 Cl N O2 S'
GOL non-polymer GLYCEROL 'C3 H8 O3'
K non-polymer 'POTASSIUM ION' 'K 1'
ZN non-polymer 'ZINC ION' 'Zn 2'
#
# COMPACT_ATOMS: atom_id res chain seq x y z
N SER A 3 0.50 12.25 36.07
CA SER A 3 1.47 11.31 36.60
C SER A 3 2.74 11.31 35.76
N VAL A 4 3.85 10.83 36.32
CA VAL A 4 5.09 10.64 35.58
C VAL A 4 5.18 9.18 35.17
N GLY A 5 5.30 8.93 33.87
CA GLY A 5 5.48 7.60 33.34
C GLY A 5 6.95 7.29 33.05
N ILE A 6 7.30 6.01 33.13
CA ILE A 6 8.65 5.56 32.76
C ILE A 6 8.51 4.25 32.03
N VAL A 7 9.18 4.13 30.88
CA VAL A 7 9.04 2.91 30.07
C VAL A 7 9.98 1.85 30.61
N TYR A 8 9.43 0.68 30.97
CA TYR A 8 10.28 -0.47 31.24
C TYR A 8 9.45 -1.73 31.13
N GLY A 9 10.14 -2.87 31.27
CA GLY A 9 9.52 -4.17 31.16
C GLY A 9 10.62 -5.22 31.15
N ASP A 10 10.29 -6.47 31.49
CA ASP A 10 11.32 -7.52 31.58
C ASP A 10 11.98 -7.78 30.24
N GLN A 11 11.20 -7.99 29.19
CA GLN A 11 11.82 -8.21 27.89
C GLN A 11 12.44 -6.94 27.33
N TYR A 12 11.88 -5.78 27.66
CA TYR A 12 12.44 -4.53 27.18
C TYR A 12 13.83 -4.33 27.75
N ARG A 13 13.98 -4.58 29.06
CA ARG A 13 15.28 -4.55 29.70
C ARG A 13 16.26 -5.52 29.04
N GLN A 14 15.83 -6.75 28.74
CA GLN A 14 16.76 -7.71 28.16
C GLN A 14 17.21 -7.28 26.76
N LEU A 15 16.31 -6.70 25.99
CA LEU A 15 16.69 -6.16 24.68
C LEU A 15 17.63 -4.96 24.82
N CYS A 16 17.26 -3.98 25.65
CA CYS A 16 18.11 -2.79 25.82
C CYS A 16 19.49 -3.13 26.32
N CYS A 17 19.67 -4.30 26.94
CA CYS A 17 20.96 -4.73 27.49
C CYS A 17 21.67 -5.73 26.59
N SER A 18 21.24 -5.88 25.35
CA SER A 18 21.77 -6.92 24.48
C SER A 18 22.78 -6.39 23.47
N SER A 19 23.09 -5.01 23.50
CA SER A 19 24.01 -4.50 22.48
C SER A 19 25.45 -4.51 22.98
N PRO A 20 26.41 -4.71 22.09
CA PRO A 20 27.82 -4.73 22.54
C PRO A 20 28.32 -3.36 22.96
N LYS A 21 27.69 -2.27 22.52
CA LYS A 21 28.17 -0.93 22.83
C LYS A 21 27.67 -0.46 24.19
N PHE A 22 26.38 -0.65 24.49
CA PHE A 22 25.82 -0.13 25.72
C PHE A 22 25.66 -1.20 26.80
N GLY A 23 26.01 -2.45 26.51
CA GLY A 23 26.04 -3.50 27.50
C GLY A 23 24.87 -3.42 28.45
N ASP A 24 25.13 -3.37 29.76
CA ASP A 24 24.07 -3.37 30.75
C ASP A 24 23.78 -1.98 31.32
N ARG A 25 24.06 -0.92 30.55
CA ARG A 25 23.78 0.43 31.04
C ARG A 25 22.33 0.60 31.45
N TYR A 26 21.40 0.21 30.57
CA TYR A 26 19.99 0.38 30.89
C TYR A 26 19.64 -0.30 32.21
N ALA A 27 20.26 -1.46 32.50
CA ALA A 27 19.97 -2.16 33.75
C ALA A 27 20.47 -1.38 34.95
N LEU A 28 21.65 -0.78 34.85
CA LEU A 28 22.14 0.03 35.97
C LEU A 28 21.22 1.22 36.21
N VAL A 29 20.82 1.91 35.14
CA VAL A 29 19.92 3.07 35.30
C VAL A 29 18.61 2.65 35.99
N MET A 30 18.01 1.57 35.51
CA MET A 30 16.71 1.21 36.07
C MET A 30 16.83 0.65 37.49
N ASP A 31 17.92 -0.06 37.79
CA ASP A 31 18.07 -0.59 39.14
C ASP A 31 18.55 0.45 40.14
N LEU A 32 19.28 1.49 39.70
CA LEU A 32 19.58 2.59 40.60
C LEU A 32 18.32 3.40 40.89
N ILE A 33 17.48 3.62 39.87
CA ILE A 33 16.19 4.27 40.09
C ILE A 33 15.36 3.46 41.08
N ASN A 34 15.33 2.14 40.88
CA ASN A 34 14.71 1.24 41.84
C ASN A 34 15.36 1.36 43.21
N ALA A 35 16.69 1.29 43.26
CA ALA A 35 17.40 1.33 44.53
C ALA A 35 17.02 2.55 45.34
N TYR A 36 16.77 3.68 44.68
CA TYR A 36 16.36 4.91 45.36
C TYR A 36 14.86 5.00 45.62
N LYS A 37 14.11 3.90 45.44
CA LYS A 37 12.70 3.84 45.76
C LYS A 37 11.86 4.82 44.95
N LEU A 38 12.26 5.11 43.71
CA LEU A 38 11.50 6.03 42.86
C LEU A 38 10.39 5.37 42.08
N ILE A 39 10.44 4.04 41.92
CA ILE A 39 9.54 3.29 41.03
C ILE A 39 8.09 3.32 41.48
N PRO A 40 7.76 3.18 42.77
CA PRO A 40 6.35 3.27 43.17
C PRO A 40 5.72 4.61 42.84
N GLU A 41 6.52 5.66 42.75
CA GLU A 41 6.03 6.97 42.39
C GLU A 41 5.72 7.11 40.90
N LEU A 42 6.21 6.20 40.06
CA LEU A 42 6.13 6.31 38.60
C LEU A 42 5.14 5.30 38.02
N SER A 43 4.48 5.70 36.94
CA SER A 43 3.56 4.82 36.22
C SER A 43 4.34 4.09 35.14
N ARG A 44 4.37 2.76 35.19
CA ARG A 44 5.16 2.06 34.17
C ARG A 44 4.44 2.12 32.84
N VAL A 45 5.13 2.60 31.82
CA VAL A 45 4.62 2.63 30.45
C VAL A 45 5.17 1.41 29.72
N PRO A 46 4.33 0.48 29.27
CA PRO A 46 4.84 -0.71 28.61
C PRO A 46 5.19 -0.41 27.16
N PRO A 47 6.30 -0.93 26.66
CA PRO A 47 6.66 -0.70 25.24
C PRO A 47 5.54 -1.14 24.31
N LEU A 48 5.39 -0.44 23.19
CA LEU A 48 4.33 -0.79 22.24
C LEU A 48 4.65 -2.11 21.56
N GLN A 49 3.61 -2.89 21.26
CA GLN A 49 3.77 -4.02 20.33
C GLN A 49 2.67 -3.97 19.28
N TRP A 50 2.93 -4.63 18.16
CA TRP A 50 2.10 -4.46 16.97
C TRP A 50 1.28 -5.71 16.66
N ASP A 51 0.22 -5.52 15.88
CA ASP A 51 -0.71 -6.58 15.52
C ASP A 51 -0.12 -7.58 14.55
N SER A 52 0.91 -7.20 13.81
CA SER A 52 1.36 -7.99 12.68
C SER A 52 2.66 -7.40 12.18
N PRO A 53 3.47 -8.18 11.46
CA PRO A 53 4.61 -7.62 10.73
C PRO A 53 4.28 -6.40 9.89
N SER A 54 3.17 -6.44 9.14
CA SER A 54 2.80 -5.29 8.30
C SER A 54 2.57 -4.05 9.14
N ARG A 55 1.94 -4.21 10.32
CA ARG A 55 1.69 -3.04 11.15
C ARG A 55 2.99 -2.48 11.72
N MET A 56 3.93 -3.34 12.07
CA MET A 56 5.26 -2.87 12.47
C MET A 56 5.91 -2.11 11.33
N TYR A 57 5.96 -2.72 10.13
CA TYR A 57 6.57 -2.04 8.99
C TYR A 57 5.92 -0.69 8.72
N GLU A 58 4.58 -0.64 8.79
CA GLU A 58 3.87 0.63 8.59
C GLU A 58 4.32 1.69 9.59
N ALA A 59 4.56 1.30 10.84
CA ALA A 59 5.00 2.27 11.85
C ALA A 59 6.43 2.72 11.62
N VAL A 60 7.33 1.76 11.38
CA VAL A 60 8.75 2.11 11.28
C VAL A 60 9.03 2.84 9.98
N THR A 61 8.35 2.48 8.88
CA THR A 61 8.61 3.18 7.62
C THR A 61 7.85 4.49 7.49
N ALA A 62 7.18 4.97 8.56
CA ALA A 62 6.76 6.36 8.59
C ALA A 62 7.95 7.30 8.51
N PHE A 63 9.15 6.81 8.81
CA PHE A 63 10.39 7.56 8.65
C PHE A 63 11.40 6.81 7.80
N HIS A 64 11.73 5.58 8.19
CA HIS A 64 12.75 4.81 7.49
C HIS A 64 12.20 4.19 6.20
N SER A 65 13.10 3.92 5.26
CA SER A 65 12.69 3.22 4.04
C SER A 65 12.48 1.74 4.32
N THR A 66 11.64 1.11 3.49
CA THR A 66 11.45 -0.32 3.63
C THR A 66 12.75 -1.07 3.32
N GLU A 67 13.51 -0.59 2.35
CA GLU A 67 14.78 -1.24 2.01
C GLU A 67 15.74 -1.21 3.19
N TYR A 68 15.77 -0.09 3.90
CA TYR A 68 16.66 0.00 5.06
C TYR A 68 16.17 -0.92 6.19
N VAL A 69 14.87 -0.96 6.43
CA VAL A 69 14.36 -1.85 7.47
C VAL A 69 14.60 -3.31 7.08
N ASP A 70 14.34 -3.66 5.81
CA ASP A 70 14.65 -5.00 5.32
C ASP A 70 16.11 -5.36 5.57
N ALA A 71 17.03 -4.44 5.28
CA ALA A 71 18.45 -4.77 5.44
C ALA A 71 18.83 -4.95 6.90
N LEU A 72 18.22 -4.17 7.77
CA LEU A 72 18.49 -4.27 9.20
C LEU A 72 17.97 -5.58 9.79
N LYS A 73 16.79 -6.03 9.37
CA LYS A 73 16.30 -7.34 9.76
C LYS A 73 17.19 -8.45 9.21
N LYS A 74 17.67 -8.30 7.97
CA LYS A 74 18.52 -9.33 7.39
C LYS A 74 19.89 -9.34 8.07
N LEU A 75 20.42 -8.17 8.43
CA LEU A 75 21.64 -8.14 9.24
C LEU A 75 21.48 -8.97 10.51
N GLN A 76 20.32 -8.87 11.17
CA GLN A 76 20.13 -9.62 12.40
C GLN A 76 20.11 -11.13 12.14
N MET A 77 19.37 -11.57 11.13
CA MET A 77 19.36 -12.99 10.82
C MET A 77 20.73 -13.48 10.40
N LEU A 78 21.51 -12.65 9.68
CA LEU A 78 22.83 -13.09 9.25
C LEU A 78 23.77 -13.23 10.43
N HIS A 79 23.62 -12.38 11.44
CA HIS A 79 24.41 -12.51 12.66
C HIS A 79 23.86 -13.56 13.61
N CYS A 80 22.77 -14.24 13.27
CA CYS A 80 22.29 -15.38 14.05
C CYS A 80 22.69 -16.71 13.43
N GLU A 81 23.48 -16.69 12.36
CA GLU A 81 24.20 -17.84 11.87
C GLU A 81 25.69 -17.49 11.87
N GLU A 82 26.53 -18.51 12.02
CA GLU A 82 27.97 -18.25 12.11
C GLU A 82 28.54 -17.76 10.79
N LYS A 83 28.03 -18.26 9.66
CA LYS A 83 28.58 -18.04 8.33
C LYS A 83 29.00 -16.59 8.04
N LEU A 85 29.44 -13.39 6.23
CA LEU A 85 28.68 -12.63 5.24
C LEU A 85 29.29 -12.71 3.85
N THR A 86 28.43 -12.76 2.84
CA THR A 86 28.88 -12.83 1.46
C THR A 86 29.27 -11.43 0.96
N ALA A 87 29.93 -11.41 -0.20
CA ALA A 87 30.32 -10.13 -0.79
C ALA A 87 29.10 -9.26 -1.11
N ASP A 88 28.04 -9.88 -1.60
CA ASP A 88 26.84 -9.10 -1.92
C ASP A 88 26.11 -8.64 -0.67
N ASP A 89 26.11 -9.45 0.39
CA ASP A 89 25.47 -8.99 1.61
C ASP A 89 26.29 -7.89 2.28
N GLU A 90 27.62 -7.95 2.19
CA GLU A 90 28.42 -6.87 2.78
C GLU A 90 28.19 -5.57 2.03
N LEU A 91 28.11 -5.65 0.70
CA LEU A 91 27.82 -4.48 -0.11
C LEU A 91 26.46 -3.90 0.24
N LEU A 92 25.46 -4.77 0.37
CA LEU A 92 24.13 -4.32 0.78
C LEU A 92 24.19 -3.56 2.10
N MET A 93 24.85 -4.12 3.11
CA MET A 93 24.94 -3.47 4.40
C MET A 93 25.72 -2.16 4.32
N ASP A 94 26.82 -2.15 3.56
CA ASP A 94 27.57 -0.92 3.36
C ASP A 94 26.72 0.18 2.76
N SER A 95 25.72 -0.17 1.94
CA SER A 95 24.95 0.88 1.28
C SER A 95 24.01 1.58 2.24
N PHE A 96 23.80 0.99 3.42
CA PHE A 96 23.03 1.56 4.51
C PHE A 96 23.89 1.98 5.70
N SER A 97 25.23 1.95 5.57
CA SER A 97 26.18 2.25 6.65
C SER A 97 26.00 1.32 7.85
N LEU A 98 25.53 0.11 7.57
CA LEU A 98 25.44 -0.95 8.57
C LEU A 98 26.79 -1.66 8.64
N ASN A 99 27.76 -0.94 9.20
CA ASN A 99 29.15 -1.37 9.26
C ASN A 99 29.90 -0.44 10.22
N TYR A 100 31.20 -0.71 10.40
CA TYR A 100 32.11 0.11 11.18
C TYR A 100 31.52 0.42 12.56
N ASP A 101 31.18 1.70 12.82
CA ASP A 101 30.62 2.04 14.13
C ASP A 101 29.19 1.57 14.31
N CYS A 102 28.54 1.03 13.28
CA CYS A 102 27.18 0.51 13.34
C CYS A 102 27.15 -0.96 12.93
N PRO A 103 27.88 -1.82 13.63
CA PRO A 103 28.00 -3.21 13.17
C PRO A 103 26.72 -4.00 13.43
N GLY A 104 26.66 -5.16 12.83
CA GLY A 104 25.62 -6.10 13.17
C GLY A 104 25.95 -6.86 14.43
N PHE A 105 24.90 -7.42 15.03
CA PHE A 105 25.03 -8.34 16.15
C PHE A 105 23.70 -9.08 16.28
N PRO A 106 23.66 -10.19 17.04
CA PRO A 106 22.52 -11.12 16.91
C PRO A 106 21.15 -10.55 17.21
N SER A 107 21.04 -9.46 17.98
CA SER A 107 19.74 -8.86 18.23
C SER A 107 19.64 -7.43 17.67
N VAL A 108 20.52 -7.07 16.73
CA VAL A 108 20.61 -5.66 16.32
C VAL A 108 19.24 -5.10 15.95
N PHE A 109 18.40 -5.90 15.31
CA PHE A 109 17.10 -5.36 14.93
C PHE A 109 16.16 -5.33 16.13
N ASP A 110 16.10 -6.44 16.88
CA ASP A 110 15.25 -6.47 18.06
C ASP A 110 15.63 -5.39 19.04
N TYR A 111 16.94 -5.16 19.19
CA TYR A 111 17.42 -4.08 20.03
C TYR A 111 16.96 -2.73 19.51
N SER A 112 17.18 -2.47 18.21
CA SER A 112 16.82 -1.17 17.65
C SER A 112 15.31 -0.92 17.73
N LEU A 113 14.50 -1.93 17.43
CA LEU A 113 13.06 -1.79 17.44
C LEU A 113 12.54 -1.47 18.83
N ALA A 114 13.19 -2.03 19.85
CA ALA A 114 12.76 -1.84 21.23
C ALA A 114 12.68 -0.35 21.58
N ALA A 115 13.72 0.41 21.24
CA ALA A 115 13.69 1.85 21.51
C ALA A 115 12.48 2.49 20.85
N VAL A 116 12.17 2.10 19.61
CA VAL A 116 10.99 2.63 18.93
C VAL A 116 9.73 2.26 19.68
N GLN A 117 9.62 0.98 20.09
CA GLN A 117 8.48 0.53 20.89
C GLN A 117 8.38 1.34 22.18
N GLY A 118 9.49 1.57 22.85
CA GLY A 118 9.45 2.38 24.05
C GLY A 118 8.97 3.79 23.76
N SER A 119 9.57 4.45 22.79
CA SER A 119 9.27 5.87 22.61
C SER A 119 7.92 6.10 21.93
N LEU A 120 7.47 5.16 21.09
CA LEU A 120 6.10 5.26 20.59
C LEU A 120 5.08 5.16 21.72
N ALA A 121 5.25 4.15 22.59
CA ALA A 121 4.33 4.01 23.73
C ALA A 121 4.39 5.24 24.63
N ALA A 122 5.57 5.83 24.78
CA ALA A 122 5.68 7.02 25.60
C ALA A 122 4.85 8.17 25.02
N ALA A 123 4.87 8.32 23.70
CA ALA A 123 4.09 9.40 23.11
C ALA A 123 2.61 9.11 23.20
N SER A 124 2.22 7.84 23.12
CA SER A 124 0.80 7.56 23.26
C SER A 124 0.31 7.89 24.66
N ALA A 125 1.10 7.57 25.69
CA ALA A 125 0.72 7.94 27.04
C ALA A 125 0.62 9.46 27.19
N LEU A 126 1.44 10.21 26.48
CA LEU A 126 1.29 11.66 26.54
C LEU A 126 0.05 12.11 25.79
N ILE A 127 -0.19 11.52 24.61
CA ILE A 127 -1.29 11.95 23.76
C ILE A 127 -2.62 11.77 24.46
N CYS A 128 -2.83 10.62 25.08
CA CYS A 128 -4.09 10.35 25.76
C CYS A 128 -4.10 10.92 27.18
N ARG A 129 -3.08 11.70 27.56
CA ARG A 129 -2.99 12.38 28.85
C ARG A 129 -3.02 11.41 30.04
N HIS A 130 -2.61 10.16 29.85
CA HIS A 130 -2.40 9.31 31.01
C HIS A 130 -1.23 9.82 31.86
N CYS A 131 -0.20 10.37 31.20
CA CYS A 131 0.97 10.92 31.85
C CYS A 131 1.19 12.37 31.43
N GLU A 132 1.69 13.17 32.37
CA GLU A 132 2.15 14.53 32.08
C GLU A 132 3.56 14.53 31.50
N VAL A 133 4.42 13.65 32.00
CA VAL A 133 5.76 13.45 31.48
C VAL A 133 5.99 11.96 31.37
N VAL A 134 6.69 11.54 30.32
CA VAL A 134 7.12 10.15 30.23
C VAL A 134 8.63 10.14 30.01
N ILE A 135 9.30 9.27 30.74
CA ILE A 135 10.73 9.05 30.62
C ILE A 135 10.96 7.73 29.91
N ASN A 136 11.87 7.71 28.94
CA ASN A 136 12.35 6.45 28.33
C ASN A 136 13.88 6.43 28.30
N TRP A 137 14.49 5.77 29.28
CA TRP A 137 15.95 5.76 29.28
C TRP A 137 16.54 4.74 28.31
N GLY A 138 15.71 3.93 27.64
CA GLY A 138 16.18 3.10 26.56
C GLY A 138 16.15 3.76 25.21
N GLY A 139 15.69 5.02 25.13
CA GLY A 139 15.53 5.72 23.87
C GLY A 139 16.50 6.88 23.71
N GLY A 140 16.38 7.53 22.56
CA GLY A 140 17.05 8.80 22.30
C GLY A 140 18.08 8.73 21.19
N TRP A 141 17.81 7.93 20.15
CA TRP A 141 18.85 7.55 19.20
C TRP A 141 18.76 8.52 18.03
N HIS A 142 19.29 9.71 18.26
CA HIS A 142 19.03 10.87 17.42
C HIS A 142 19.81 10.87 16.11
N HIS A 143 20.79 9.99 15.91
CA HIS A 143 21.59 10.07 14.70
C HIS A 143 21.07 9.26 13.52
N ALA A 144 20.14 8.34 13.73
CA ALA A 144 19.73 7.49 12.62
C ALA A 144 18.97 8.30 11.56
N LYS A 145 19.23 7.98 10.30
CA LYS A 145 18.62 8.63 9.16
C LYS A 145 17.65 7.67 8.49
N ARG A 146 16.88 8.20 7.53
CA ARG A 146 15.85 7.42 6.82
C ARG A 146 16.38 6.06 6.33
N SER A 147 17.57 6.05 5.74
CA SER A 147 18.20 4.87 5.15
C SER A 147 19.65 4.74 5.55
N GLU A 148 19.99 5.10 6.80
CA GLU A 148 21.38 5.11 7.24
C GLU A 148 21.45 4.97 8.75
N ALA A 149 22.15 3.94 9.22
CA ALA A 149 22.57 3.89 10.61
C ALA A 149 23.75 4.84 10.79
N SER A 150 23.88 5.39 12.00
CA SER A 150 24.94 6.35 12.27
C SER A 150 25.15 6.45 13.77
N GLY A 151 26.41 6.33 14.22
CA GLY A 151 26.76 6.50 15.63
C GLY A 151 26.02 5.58 16.58
N PHE A 152 25.99 4.29 16.24
CA PHE A 152 25.25 3.23 16.96
C PHE A 152 23.77 3.54 17.12
N CYS A 153 23.24 4.45 16.33
CA CYS A 153 21.80 4.64 16.22
C CYS A 153 21.34 3.94 14.93
N TYR A 154 20.44 2.97 15.07
CA TYR A 154 19.97 2.20 13.93
C TYR A 154 18.54 2.58 13.48
N LEU A 155 17.65 2.83 14.43
CA LEU A 155 16.30 3.30 14.19
C LEU A 155 16.06 4.54 15.05
N ASN A 156 15.51 5.59 14.42
CA ASN A 156 15.39 6.88 15.11
C ASN A 156 14.05 6.91 15.85
N ASP A 157 14.06 6.43 17.09
CA ASP A 157 12.84 6.43 17.91
C ASP A 157 12.34 7.85 18.17
N ILE A 158 13.24 8.84 18.20
CA ILE A 158 12.80 10.20 18.47
C ILE A 158 11.92 10.72 17.32
N VAL A 159 12.37 10.49 16.09
CA VAL A 159 11.61 10.94 14.93
C VAL A 159 10.24 10.30 14.89
N LEU A 160 10.19 8.98 15.10
CA LEU A 160 8.92 8.26 15.07
C LEU A 160 8.01 8.72 16.21
N ALA A 161 8.57 8.91 17.41
CA ALA A 161 7.76 9.45 18.52
C ALA A 161 7.23 10.84 18.20
N ILE A 162 8.09 11.74 17.71
CA ILE A 162 7.62 13.07 17.36
C ILE A 162 6.55 13.00 16.26
N HIS A 163 6.77 12.14 15.27
CA HIS A 163 5.75 11.97 14.23
C HIS A 163 4.40 11.61 14.83
N ARG A 164 4.40 10.69 15.81
CA ARG A 164 3.16 10.32 16.48
C ARG A 164 2.54 11.51 17.20
N LEU A 165 3.37 12.38 17.79
CA LEU A 165 2.86 13.55 18.51
C LEU A 165 2.20 14.54 17.55
N VAL A 166 2.85 14.82 16.41
CA VAL A 166 2.27 15.83 15.51
C VAL A 166 1.00 15.29 14.87
N SER A 167 0.95 14.00 14.56
CA SER A 167 -0.23 13.42 13.95
C SER A 167 -1.38 13.24 14.94
N SER A 168 -1.23 13.66 16.20
CA SER A 168 -2.28 13.51 17.19
C SER A 168 -3.34 14.60 17.05
N GLN A 178 -3.55 24.07 16.43
CA GLN A 178 -2.49 23.36 15.72
C GLN A 178 -1.53 22.66 16.70
N THR A 179 -0.79 21.67 16.20
CA THR A 179 0.15 20.90 17.02
C THR A 179 1.57 21.31 16.68
N ARG A 180 2.34 21.66 17.71
CA ARG A 180 3.74 22.07 17.53
C ARG A 180 4.60 21.35 18.57
N VAL A 181 5.69 20.74 18.11
CA VAL A 181 6.62 20.03 18.99
C VAL A 181 7.92 20.81 19.06
N LEU A 182 8.39 21.08 20.28
CA LEU A 182 9.75 21.57 20.51
C LEU A 182 10.63 20.39 20.91
N TYR A 183 11.65 20.12 20.10
CA TYR A 183 12.63 19.08 20.41
C TYR A 183 13.91 19.75 20.93
N VAL A 184 14.37 19.30 22.10
CA VAL A 184 15.56 19.85 22.76
C VAL A 184 16.59 18.73 22.88
N ASP A 185 17.80 18.96 22.38
CA ASP A 185 18.82 17.91 22.32
C ASP A 185 19.97 18.31 23.22
N LEU A 186 20.07 17.69 24.39
CA LEU A 186 21.13 18.02 25.33
C LEU A 186 22.36 17.14 25.20
N ASP A 187 22.35 16.18 24.28
CA ASP A 187 23.48 15.27 24.10
C ASP A 187 24.74 16.05 23.71
N LEU A 188 25.90 15.50 24.05
CA LEU A 188 27.17 16.10 23.65
C LEU A 188 27.27 16.24 22.14
N HIS A 189 26.58 15.39 21.39
CA HIS A 189 26.66 15.39 19.93
C HIS A 189 25.49 16.13 19.29
N HIS A 190 25.74 16.73 18.13
CA HIS A 190 24.67 17.35 17.36
C HIS A 190 23.60 16.31 17.04
N GLY A 191 22.34 16.66 17.28
CA GLY A 191 21.24 15.77 16.94
C GLY A 191 20.88 15.89 15.47
N ASP A 192 21.70 15.29 14.60
CA ASP A 192 21.52 15.50 13.17
C ASP A 192 20.37 14.71 12.57
N GLY A 193 20.07 13.50 13.04
CA GLY A 193 18.98 12.73 12.44
C GLY A 193 17.59 13.33 12.67
N VAL A 194 17.33 13.81 13.89
CA VAL A 194 16.05 14.49 14.15
C VAL A 194 15.98 15.81 13.39
N GLU A 195 17.06 16.58 13.40
CA GLU A 195 17.09 17.84 12.66
C GLU A 195 16.74 17.64 11.19
N GLU A 196 17.50 16.77 10.52
CA GLU A 196 17.28 16.49 9.11
C GLU A 196 15.86 15.99 8.84
N ALA A 197 15.32 15.14 9.73
CA ALA A 197 13.98 14.61 9.49
C ALA A 197 12.93 15.71 9.39
N PHE A 198 13.11 16.81 10.12
CA PHE A 198 12.11 17.87 10.16
C PHE A 198 12.63 19.16 9.56
N TRP A 199 13.67 19.03 8.73
CA TRP A 199 14.26 20.16 8.02
C TRP A 199 13.20 21.04 7.37
N TYR A 200 12.11 20.44 6.87
CA TYR A 200 11.11 21.16 6.08
C TYR A 200 9.80 21.32 6.83
N SER A 201 9.78 21.04 8.12
N SER A 201 9.78 21.08 8.13
CA SER A 201 8.56 21.08 8.90
CA SER A 201 8.55 21.08 8.91
C SER A 201 8.62 22.20 9.93
C SER A 201 8.59 22.18 9.96
N PRO A 202 7.85 23.28 9.76
CA PRO A 202 7.80 24.31 10.82
C PRO A 202 7.19 23.84 12.13
N ARG A 203 6.31 22.85 12.10
CA ARG A 203 5.60 22.43 13.30
C ARG A 203 6.49 21.73 14.32
N VAL A 204 7.60 21.13 13.88
CA VAL A 204 8.58 20.55 14.78
C VAL A 204 9.81 21.45 14.78
N VAL A 205 10.04 22.17 15.86
CA VAL A 205 11.22 23.02 15.98
C VAL A 205 12.28 22.26 16.76
N THR A 206 13.49 22.19 16.19
CA THR A 206 14.56 21.38 16.76
C THR A 206 15.64 22.28 17.33
N PHE A 207 16.11 21.97 18.54
CA PHE A 207 17.18 22.74 19.17
C PHE A 207 18.21 21.80 19.77
N SER A 208 19.45 21.89 19.29
CA SER A 208 20.53 21.06 19.79
C SER A 208 21.65 21.96 20.29
N VAL A 209 22.10 21.68 21.50
CA VAL A 209 23.33 22.26 22.03
C VAL A 209 24.35 21.13 22.11
N HIS A 210 25.58 21.42 21.67
CA HIS A 210 26.51 20.32 21.43
C HIS A 210 27.91 20.89 21.32
N HIS A 211 28.89 20.01 21.46
CA HIS A 211 30.23 20.32 21.00
C HIS A 211 30.29 20.13 19.50
N ALA A 212 31.02 21.02 18.85
CA ALA A 212 31.35 20.80 17.46
C ALA A 212 32.72 21.38 17.24
N SER A 213 33.55 20.64 16.51
CA SER A 213 34.90 21.09 16.20
C SER A 213 35.35 20.28 15.00
N PRO A 214 36.40 20.73 14.30
CA PRO A 214 36.80 20.02 13.08
C PRO A 214 37.12 18.57 13.39
N GLY A 215 36.42 17.68 12.68
CA GLY A 215 36.65 16.25 12.77
C GLY A 215 35.87 15.53 13.84
N PHE A 216 35.10 16.24 14.66
CA PHE A 216 34.29 15.66 15.73
C PHE A 216 32.94 15.24 15.18
N PHE A 217 32.51 14.02 15.52
CA PHE A 217 31.22 13.46 15.07
C PHE A 217 29.98 14.27 15.53
N PRO A 218 28.94 14.39 14.68
CA PRO A 218 28.85 13.91 13.29
C PRO A 218 29.31 14.94 12.29
N GLY A 219 29.74 16.10 12.79
CA GLY A 219 30.26 17.17 11.97
C GLY A 219 29.31 18.32 11.74
N THR A 220 28.01 18.14 11.97
CA THR A 220 27.04 19.18 11.67
C THR A 220 26.70 19.99 12.92
N GLY A 221 25.72 20.89 12.80
CA GLY A 221 25.33 21.69 13.94
C GLY A 221 26.16 22.95 14.12
N THR A 222 26.82 23.41 13.07
CA THR A 222 27.74 24.53 13.20
C THR A 222 27.84 25.26 11.86
N TRP A 223 28.75 26.22 11.79
CA TRP A 223 28.97 27.00 10.59
C TRP A 223 29.15 26.07 9.39
N ASN A 224 28.69 26.52 8.24
CA ASN A 224 28.62 25.66 7.06
C ASN A 224 29.20 26.34 5.83
N LEU A 231 32.30 34.30 4.14
CA LEU A 231 32.14 33.80 5.50
C LEU A 231 30.97 32.83 5.58
N PRO A 232 31.21 31.62 6.11
CA PRO A 232 30.15 30.60 6.15
C PRO A 232 29.01 31.04 7.07
N ILE A 233 27.90 30.30 6.98
CA ILE A 233 26.69 30.64 7.73
C ILE A 233 26.04 29.38 8.27
N PHE A 234 25.11 29.60 9.19
CA PHE A 234 24.31 28.53 9.80
C PHE A 234 23.10 28.25 8.92
N LEU A 235 23.05 27.07 8.34
CA LEU A 235 21.79 26.56 7.80
C LEU A 235 20.79 26.34 8.93
N ASN A 236 19.48 26.44 8.61
CA ASN A 236 18.49 26.37 9.69
C ASN A 236 17.11 25.89 9.23
N GLY A 237 17.06 25.02 8.22
CA GLY A 237 15.82 24.57 7.64
C GLY A 237 15.66 25.07 6.21
N ALA A 238 14.66 24.49 5.54
CA ALA A 238 14.39 24.83 4.16
C ALA A 238 12.89 24.75 3.92
N GLY A 239 12.47 25.33 2.79
CA GLY A 239 11.06 25.39 2.48
C GLY A 239 10.29 26.11 3.57
N ARG A 240 9.09 25.61 3.86
CA ARG A 240 8.29 26.15 4.95
C ARG A 240 8.95 25.93 6.31
N GLY A 241 10.01 25.15 6.37
CA GLY A 241 10.71 24.94 7.61
C GLY A 241 11.90 25.85 7.82
N ARG A 242 12.01 26.89 7.00
CA ARG A 242 13.14 27.78 7.15
C ARG A 242 13.11 28.41 8.54
N PHE A 243 14.30 28.55 9.12
CA PHE A 243 14.52 29.10 10.47
C PHE A 243 14.02 28.20 11.59
N SER A 244 13.58 26.97 11.29
CA SER A 244 13.01 26.09 12.31
C SER A 244 13.99 25.08 12.92
N ALA A 245 15.27 25.10 12.51
CA ALA A 245 16.26 24.23 13.16
C ALA A 245 17.31 25.09 13.82
N PHE A 246 17.45 24.96 15.13
CA PHE A 246 18.32 25.78 15.94
C PHE A 246 19.52 24.97 16.42
N ASN A 247 20.69 25.60 16.43
CA ASN A 247 21.89 24.94 16.91
C ASN A 247 22.72 25.88 17.76
N LEU A 248 23.31 25.35 18.82
CA LEU A 248 24.27 26.08 19.65
C LEU A 248 25.53 25.24 19.84
N PRO A 249 26.54 25.38 18.96
CA PRO A 249 27.79 24.64 19.16
C PRO A 249 28.67 25.36 20.17
N LEU A 250 29.26 24.59 21.08
CA LEU A 250 30.01 25.15 22.20
C LEU A 250 31.40 24.53 22.30
N GLU A 251 32.37 25.31 22.75
CA GLU A 251 33.74 24.84 22.87
C GLU A 251 33.88 23.85 24.02
N GLU A 252 34.90 23.00 23.90
CA GLU A 252 35.17 22.00 24.93
C GLU A 252 35.59 22.66 26.24
N GLY A 253 35.28 21.99 27.34
CA GLY A 253 35.63 22.46 28.67
C GLY A 253 34.55 23.23 29.40
N ILE A 254 33.38 23.43 28.78
CA ILE A 254 32.34 24.28 29.36
C ILE A 254 31.78 23.62 30.62
N ASN A 255 31.43 24.44 31.62
CA ASN A 255 31.01 23.91 32.90
C ASN A 255 29.51 24.07 33.07
N ASP A 256 29.03 23.66 34.25
CA ASP A 256 27.59 23.71 34.53
C ASP A 256 27.06 25.13 34.38
N LEU A 257 27.75 26.08 35.01
CA LEU A 257 27.28 27.46 35.02
C LEU A 257 27.27 28.06 33.62
N ASP A 258 28.37 27.91 32.87
CA ASP A 258 28.48 28.56 31.58
C ASP A 258 27.57 27.90 30.53
N TRP A 259 27.41 26.58 30.59
CA TRP A 259 26.44 25.90 29.74
C TRP A 259 25.01 26.32 30.07
N SER A 260 24.67 26.38 31.35
CA SER A 260 23.31 26.74 31.77
C SER A 260 22.92 28.14 31.32
N ASN A 261 23.80 29.12 31.54
CA ASN A 261 23.53 30.46 31.06
C ASN A 261 23.52 30.51 29.53
N ALA A 262 24.26 29.60 28.87
CA ALA A 262 24.25 29.56 27.40
C ALA A 262 22.89 29.13 26.86
N ILE A 263 22.30 28.09 27.44
CA ILE A 263 21.08 27.50 26.90
C ILE A 263 19.80 28.02 27.55
N GLY A 264 19.86 28.52 28.78
CA GLY A 264 18.67 28.92 29.52
C GLY A 264 17.79 29.93 28.81
N PRO A 265 18.36 31.07 28.44
CA PRO A 265 17.56 32.07 27.69
C PRO A 265 17.05 31.57 26.36
N ILE A 266 17.79 30.72 25.66
CA ILE A 266 17.29 30.15 24.40
C ILE A 266 16.06 29.29 24.67
N LEU A 267 16.11 28.48 25.74
CA LEU A 267 14.97 27.61 26.06
C LEU A 267 13.72 28.41 26.35
N ASP A 268 13.82 29.39 27.25
CA ASP A 268 12.67 30.24 27.56
C ASP A 268 12.15 30.94 26.31
N SER A 269 13.06 31.51 25.50
CA SER A 269 12.64 32.18 24.27
C SER A 269 11.85 31.26 23.36
N LEU A 270 12.36 30.04 23.11
CA LEU A 270 11.66 29.12 22.23
C LEU A 270 10.28 28.81 22.74
N ASN A 271 10.17 28.55 24.05
CA ASN A 271 8.86 28.30 24.66
C ASN A 271 7.90 29.47 24.46
N ILE A 272 8.33 30.69 24.76
CA ILE A 272 7.45 31.85 24.64
C ILE A 272 6.90 31.98 23.23
N VAL A 273 7.79 31.92 22.24
CA VAL A 273 7.43 32.19 20.86
C VAL A 273 6.73 30.99 20.23
N ILE A 274 7.28 29.80 20.39
CA ILE A 274 6.71 28.64 19.70
C ILE A 274 5.46 28.15 20.40
N GLN A 275 5.38 28.26 21.72
CA GLN A 275 4.28 27.73 22.52
C GLN A 275 3.99 26.25 22.19
N PRO A 276 4.94 25.36 22.42
CA PRO A 276 4.78 23.99 21.93
C PRO A 276 3.63 23.27 22.59
N SER A 277 3.03 22.35 21.83
CA SER A 277 2.05 21.44 22.41
C SER A 277 2.72 20.34 23.23
N TYR A 278 3.87 19.84 22.78
CA TYR A 278 4.68 18.84 23.48
C TYR A 278 6.15 19.26 23.41
N VAL A 279 6.91 18.79 24.38
CA VAL A 279 8.36 18.99 24.38
C VAL A 279 9.02 17.63 24.44
N VAL A 280 9.98 17.40 23.55
CA VAL A 280 10.74 16.16 23.53
C VAL A 280 12.17 16.53 23.85
N VAL A 281 12.71 15.91 24.90
CA VAL A 281 14.05 16.19 25.41
C VAL A 281 14.91 14.94 25.25
N GLN A 282 16.03 15.09 24.57
CA GLN A 282 17.05 14.05 24.54
C GLN A 282 18.09 14.44 25.58
N CYS A 283 18.34 13.55 26.53
CA CYS A 283 19.20 13.88 27.66
CA CYS A 283 19.20 13.87 27.66
C CYS A 283 20.46 13.02 27.67
N GLY A 284 21.12 12.91 26.53
CA GLY A 284 22.39 12.22 26.43
C GLY A 284 23.37 12.64 27.53
N ALA A 285 23.93 11.67 28.23
CA ALA A 285 24.74 11.87 29.42
C ALA A 285 26.23 12.05 29.14
N ASP A 286 26.63 12.21 27.87
CA ASP A 286 28.05 12.26 27.54
C ASP A 286 28.67 13.65 27.67
N CYS A 287 27.94 14.61 28.22
CA CYS A 287 28.52 15.90 28.57
C CYS A 287 29.07 15.91 29.97
N LEU A 288 28.78 14.86 30.74
CA LEU A 288 29.34 14.71 32.07
C LEU A 288 30.85 14.86 32.03
N ALA A 289 31.37 15.57 33.03
CA ALA A 289 32.82 15.74 33.17
C ALA A 289 33.55 14.41 33.24
N THR A 290 32.87 13.33 33.66
CA THR A 290 33.48 12.02 33.79
C THR A 290 33.14 11.08 32.64
N ASP A 291 32.43 11.55 31.62
CA ASP A 291 32.28 10.75 30.41
C ASP A 291 33.67 10.51 29.80
N PRO A 292 33.94 9.31 29.24
CA PRO A 292 35.23 9.09 28.54
C PRO A 292 35.50 10.08 27.41
N HIS A 293 34.50 10.83 26.95
CA HIS A 293 34.75 11.86 25.96
C HIS A 293 35.62 12.99 26.53
N ARG A 294 35.45 13.30 27.81
CA ARG A 294 36.16 14.39 28.49
C ARG A 294 36.18 15.66 27.65
N ILE A 295 35.01 16.00 27.10
CA ILE A 295 34.86 17.23 26.34
C ILE A 295 34.16 18.31 27.16
N PHE A 296 32.97 18.01 27.67
CA PHE A 296 32.29 18.98 28.53
C PHE A 296 32.52 18.61 30.00
N ARG A 297 32.26 19.57 30.88
CA ARG A 297 32.46 19.36 32.31
C ARG A 297 31.15 19.58 33.06
N LEU A 298 30.09 18.95 32.59
CA LEU A 298 28.85 18.99 33.35
C LEU A 298 28.90 17.93 34.46
N THR A 299 28.07 18.17 35.48
CA THR A 299 27.94 17.28 36.62
C THR A 299 26.48 16.83 36.76
N ASN A 300 26.24 15.96 37.75
CA ASN A 300 24.88 15.69 38.23
C ASN A 300 24.64 16.33 39.59
N PHE A 301 25.38 17.37 39.95
CA PHE A 301 25.26 17.97 41.28
C PHE A 301 23.91 18.69 41.42
N TYR A 302 23.37 18.69 42.65
CA TYR A 302 22.08 19.33 42.93
C TYR A 302 22.12 19.87 44.35
N PRO A 303 22.65 21.09 44.54
CA PRO A 303 22.93 21.69 45.86
C PRO A 303 21.69 21.90 46.71
N SER A 316 27.76 24.12 42.39
CA SER A 316 26.77 24.67 41.47
C SER A 316 25.85 23.57 40.94
N LEU A 317 24.83 23.98 40.16
CA LEU A 317 23.75 23.10 39.79
C LEU A 317 24.03 22.42 38.44
N SER A 318 23.85 21.10 38.40
CA SER A 318 23.95 20.35 37.16
C SER A 318 23.32 21.12 35.99
N GLY A 319 24.08 21.25 34.89
CA GLY A 319 23.53 21.85 33.70
C GLY A 319 22.30 21.11 33.21
N TYR A 320 22.32 19.77 33.30
CA TYR A 320 21.18 18.97 32.87
C TYR A 320 19.96 19.27 33.72
N LEU A 321 20.13 19.19 35.05
CA LEU A 321 19.01 19.39 35.97
C LEU A 321 18.44 20.80 35.85
N TYR A 322 19.31 21.80 35.71
CA TYR A 322 18.87 23.15 35.43
C TYR A 322 17.93 23.19 34.22
N ALA A 323 18.35 22.60 33.10
CA ALA A 323 17.56 22.72 31.88
C ALA A 323 16.28 21.90 31.97
N ILE A 324 16.33 20.70 32.57
CA ILE A 324 15.13 19.89 32.74
C ILE A 324 14.11 20.61 33.63
N LYS A 325 14.57 21.12 34.77
CA LYS A 325 13.64 21.84 35.66
C LYS A 325 13.02 23.03 34.95
N LYS A 326 13.83 23.81 34.21
CA LYS A 326 13.28 24.87 33.37
C LYS A 326 12.21 24.34 32.42
N ILE A 327 12.57 23.38 31.56
CA ILE A 327 11.61 22.80 30.61
C ILE A 327 10.33 22.37 31.33
N LEU A 328 10.46 21.71 32.48
CA LEU A 328 9.29 21.20 33.19
C LEU A 328 8.46 22.32 33.83
N SER A 329 9.09 23.44 34.16
CA SER A 329 8.36 24.57 34.73
C SER A 329 7.39 25.19 33.74
N TRP A 330 7.49 24.85 32.46
CA TRP A 330 6.56 25.32 31.43
C TRP A 330 5.21 24.62 31.47
N LYS A 331 5.10 23.50 32.19
CA LYS A 331 3.88 22.69 32.27
C LYS A 331 3.37 22.27 30.89
N VAL A 332 4.27 21.79 30.05
CA VAL A 332 3.93 21.20 28.75
C VAL A 332 4.13 19.69 28.84
N PRO A 333 3.19 18.88 28.37
CA PRO A 333 3.40 17.43 28.33
C PRO A 333 4.72 17.10 27.63
N THR A 334 5.55 16.29 28.29
CA THR A 334 6.95 16.22 27.91
C THR A 334 7.48 14.79 27.88
N LEU A 335 8.27 14.49 26.85
CA LEU A 335 8.94 13.20 26.71
C LEU A 335 10.42 13.38 27.05
N ILE A 336 10.94 12.56 27.97
CA ILE A 336 12.35 12.64 28.34
C ILE A 336 13.04 11.37 27.86
N LEU A 337 14.03 11.53 26.98
CA LEU A 337 14.72 10.38 26.41
C LEU A 337 16.16 10.37 26.87
N GLY A 338 16.77 9.18 26.81
CA GLY A 338 18.20 9.06 27.02
C GLY A 338 19.03 9.36 25.78
N GLY A 339 20.10 8.59 25.57
CA GLY A 339 21.01 8.74 24.45
C GLY A 339 22.44 8.35 24.80
N GLY A 340 23.40 9.18 24.41
CA GLY A 340 24.79 8.95 24.79
C GLY A 340 24.97 8.83 26.29
N GLY A 341 26.15 8.37 26.66
CA GLY A 341 26.48 8.17 28.06
C GLY A 341 27.32 6.92 28.19
N TYR A 342 28.64 7.09 28.19
CA TYR A 342 29.54 5.94 28.11
C TYR A 342 30.30 5.71 29.41
N ASN A 343 30.03 6.51 30.44
CA ASN A 343 30.35 6.15 31.84
C ASN A 343 29.03 5.65 32.42
N PHE A 344 28.87 4.31 32.45
CA PHE A 344 27.55 3.76 32.76
C PHE A 344 27.10 4.10 34.18
N PRO A 345 27.91 3.91 35.23
CA PRO A 345 27.44 4.32 36.57
C PRO A 345 27.12 5.80 36.67
N ASP A 346 27.95 6.67 36.10
CA ASP A 346 27.67 8.10 36.19
C ASP A 346 26.48 8.51 35.33
N THR A 347 26.24 7.80 34.22
CA THR A 347 25.00 8.03 33.50
C THR A 347 23.80 7.71 34.38
N ALA A 348 23.86 6.58 35.09
CA ALA A 348 22.83 6.21 36.06
C ALA A 348 22.72 7.26 37.17
N ARG A 349 23.85 7.72 37.68
CA ARG A 349 23.83 8.79 38.67
C ARG A 349 23.06 10.00 38.16
N LEU A 350 23.25 10.38 36.89
CA LEU A 350 22.57 11.56 36.38
C LEU A 350 21.09 11.27 36.14
N TRP A 351 20.80 10.15 35.47
CA TRP A 351 19.42 9.91 35.07
C TRP A 351 18.54 9.66 36.29
N THR A 352 19.11 9.06 37.35
CA THR A 352 18.37 8.90 38.60
C THR A 352 17.96 10.25 39.15
N ARG A 353 18.90 11.20 39.22
CA ARG A 353 18.56 12.54 39.68
C ARG A 353 17.57 13.22 38.72
N VAL A 354 17.72 13.02 37.41
CA VAL A 354 16.75 13.59 36.46
C VAL A 354 15.36 13.03 36.74
N THR A 355 15.27 11.73 36.96
CA THR A 355 13.97 11.11 37.21
C THR A 355 13.36 11.63 38.51
N ALA A 356 14.15 11.62 39.59
CA ALA A 356 13.71 12.18 40.85
C ALA A 356 13.22 13.63 40.69
N LEU A 357 13.99 14.46 39.98
CA LEU A 357 13.58 15.84 39.75
C LEU A 357 12.24 15.91 39.03
N THR A 358 12.05 15.05 38.02
CA THR A 358 10.82 15.12 37.25
C THR A 358 9.61 14.83 38.14
N ILE A 359 9.74 13.84 39.02
CA ILE A 359 8.67 13.54 39.99
C ILE A 359 8.40 14.74 40.89
N GLU A 360 9.47 15.37 41.41
CA GLU A 360 9.31 16.56 42.23
C GLU A 360 8.54 17.65 41.49
N GLU A 361 8.98 17.95 40.27
CA GLU A 361 8.38 19.08 39.54
C GLU A 361 6.97 18.77 39.08
N VAL A 362 6.69 17.51 38.72
CA VAL A 362 5.37 17.18 38.20
C VAL A 362 4.38 16.97 39.33
N LYS A 363 4.72 16.11 40.30
CA LYS A 363 3.80 15.77 41.36
C LYS A 363 3.80 16.77 42.52
N GLY A 364 4.74 17.70 42.56
CA GLY A 364 4.83 18.61 43.69
C GLY A 364 5.18 17.93 44.99
N LYS A 365 5.91 16.83 44.93
CA LYS A 365 6.17 15.97 46.09
C LYS A 365 7.68 15.87 46.31
N LYS A 366 8.13 16.23 47.50
CA LYS A 366 9.56 16.23 47.79
C LYS A 366 10.14 14.84 47.60
N MET A 367 11.28 14.77 46.92
CA MET A 367 12.02 13.52 46.74
C MET A 367 13.35 13.64 47.47
N THR A 368 13.56 12.81 48.46
CA THR A 368 14.78 12.82 49.25
C THR A 368 15.69 11.72 48.74
N ILE A 369 16.88 12.09 48.28
CA ILE A 369 17.83 11.16 47.70
C ILE A 369 19.11 11.20 48.52
N SER A 370 19.37 10.11 49.25
CA SER A 370 20.59 10.03 50.05
C SER A 370 21.82 10.22 49.18
N PRO A 371 22.81 11.01 49.64
CA PRO A 371 24.05 11.18 48.86
C PRO A 371 24.87 9.89 48.70
N GLU A 372 24.53 8.81 49.37
CA GLU A 372 25.24 7.55 49.21
C GLU A 372 24.39 6.58 48.41
N ILE A 373 25.03 5.81 47.55
CA ILE A 373 24.33 4.80 46.74
C ILE A 373 23.73 3.74 47.67
N PRO A 374 22.44 3.44 47.56
CA PRO A 374 21.88 2.34 48.37
C PRO A 374 22.42 1.00 47.93
N GLU A 375 22.36 0.05 48.86
CA GLU A 375 22.60 -1.35 48.50
C GLU A 375 21.60 -1.81 47.45
N HIS A 376 22.11 -2.57 46.47
CA HIS A 376 21.31 -3.24 45.45
C HIS A 376 22.20 -4.02 44.49
N SER A 377 21.59 -4.56 43.43
CA SER A 377 22.24 -5.53 42.55
C SER A 377 23.60 -5.07 42.05
N TYR A 378 23.70 -3.81 41.59
CA TYR A 378 24.90 -3.30 40.95
C TYR A 378 25.71 -2.40 41.86
N PHE A 379 25.53 -2.52 43.18
CA PHE A 379 26.15 -1.61 44.13
C PHE A 379 27.65 -1.52 43.92
N SER A 380 28.29 -2.64 43.53
CA SER A 380 29.74 -2.67 43.39
C SER A 380 30.25 -1.81 42.23
N ARG A 381 29.41 -1.55 41.23
CA ARG A 381 29.81 -0.70 40.11
C ARG A 381 30.01 0.75 40.51
N TYR A 382 29.60 1.15 41.71
CA TYR A 382 29.66 2.55 42.11
C TYR A 382 30.83 2.86 43.02
N GLY A 383 31.77 1.91 43.17
CA GLY A 383 32.95 2.12 43.96
C GLY A 383 33.93 3.08 43.30
N PRO A 384 34.95 3.52 44.05
CA PRO A 384 35.16 3.09 45.43
C PRO A 384 34.44 3.91 46.50
N ASP A 385 33.77 5.00 46.12
CA ASP A 385 33.17 5.89 47.10
C ASP A 385 31.67 5.69 47.29
N PHE A 386 30.97 5.13 46.31
CA PHE A 386 29.57 4.75 46.46
C PHE A 386 28.69 5.95 46.82
N GLU A 387 29.02 7.13 46.31
CA GLU A 387 28.23 8.33 46.50
C GLU A 387 27.53 8.72 45.19
N LEU A 388 26.40 9.43 45.31
CA LEU A 388 25.57 9.70 44.15
C LEU A 388 26.13 10.81 43.27
N ASP A 389 26.76 11.84 43.86
CA ASP A 389 27.52 12.81 43.06
C ASP A 389 28.59 12.11 42.24
N ILE A 390 28.79 12.59 41.01
CA ILE A 390 29.92 12.11 40.22
C ILE A 390 31.20 12.64 40.86
N ASP A 391 32.30 11.92 40.64
CA ASP A 391 33.57 12.20 41.31
C ASP A 391 34.37 13.18 40.45
N TYR A 392 34.10 14.47 40.63
CA TYR A 392 34.74 15.51 39.84
C TYR A 392 34.80 16.80 40.65
N PHE A 393 35.95 17.48 40.57
CA PHE A 393 36.16 18.76 41.26
C PHE A 393 36.24 19.88 40.24
N PRO A 394 35.18 20.68 40.07
CA PRO A 394 35.02 21.70 39.03
C PRO A 394 36.00 22.87 39.17
N ASP A 403 31.83 35.96 24.79
CA ASP A 403 31.70 36.67 23.52
C ASP A 403 31.21 35.74 22.41
N SER A 404 31.73 34.51 22.39
CA SER A 404 31.21 33.51 21.47
C SER A 404 29.73 33.26 21.71
N ILE A 405 29.33 33.16 22.98
CA ILE A 405 27.95 32.84 23.31
C ILE A 405 27.04 34.04 23.10
N GLN A 406 27.55 35.25 23.39
CA GLN A 406 26.73 36.43 23.16
C GLN A 406 26.44 36.60 21.66
N LYS A 407 27.41 36.29 20.81
CA LYS A 407 27.17 36.37 19.37
C LYS A 407 26.19 35.30 18.90
N HIS A 408 26.26 34.08 19.47
CA HIS A 408 25.29 33.05 19.16
C HIS A 408 23.89 33.43 19.63
N HIS A 409 23.79 34.11 20.77
CA HIS A 409 22.47 34.48 21.28
C HIS A 409 21.79 35.45 20.34
N ARG A 410 22.54 36.43 19.83
CA ARG A 410 21.99 37.40 18.88
C ARG A 410 21.58 36.72 17.58
N ARG A 411 22.45 35.83 17.06
CA ARG A 411 22.10 35.04 15.90
C ARG A 411 20.82 34.24 16.14
N ILE A 412 20.75 33.52 17.25
CA ILE A 412 19.58 32.69 17.52
C ILE A 412 18.34 33.54 17.75
N LEU A 413 18.50 34.69 18.43
CA LEU A 413 17.38 35.63 18.57
C LEU A 413 16.83 36.04 17.20
N GLU A 414 17.73 36.35 16.27
CA GLU A 414 17.30 36.76 14.93
C GLU A 414 16.58 35.63 14.20
N GLN A 415 17.09 34.39 14.34
CA GLN A 415 16.44 33.24 13.71
C GLN A 415 15.03 33.06 14.22
N LEU A 416 14.83 33.20 15.53
CA LEU A 416 13.51 33.07 16.12
C LEU A 416 12.55 34.14 15.61
N ARG A 417 13.02 35.38 15.51
CA ARG A 417 12.18 36.42 14.93
C ARG A 417 11.87 36.12 13.47
N ASN A 418 12.88 35.66 12.71
CA ASN A 418 12.64 35.22 11.34
C ASN A 418 11.65 34.06 11.30
N TYR A 419 11.76 33.13 12.24
CA TYR A 419 10.83 32.01 12.26
C TYR A 419 9.42 32.48 12.62
N ALA A 420 9.31 33.40 13.57
CA ALA A 420 7.98 33.84 14.00
C ALA A 420 7.29 34.67 12.92
N ASP A 421 8.06 35.51 12.20
CA ASP A 421 7.48 36.26 11.10
C ASP A 421 6.98 35.32 10.01
N LEU A 422 7.81 34.33 9.63
CA LEU A 422 7.46 33.40 8.58
C LEU A 422 6.19 32.61 8.94
N ASN A 423 6.05 32.24 10.20
CA ASN A 423 4.94 31.41 10.64
C ASN A 423 3.81 32.19 11.29
N LYS A 424 3.83 33.52 11.18
CA LYS A 424 2.74 34.39 11.64
C LYS A 424 2.43 34.18 13.12
N LEU A 425 3.48 34.13 13.94
CA LEU A 425 3.34 33.90 15.37
C LEU A 425 3.33 35.21 16.13
N ILE A 426 2.45 35.29 17.14
CA ILE A 426 2.28 36.46 17.99
C ILE A 426 3.12 36.29 19.25
N TYR A 427 3.78 37.37 19.67
CA TYR A 427 4.67 37.38 20.83
C TYR A 427 5.24 38.78 20.99
N ASP A 428 5.70 39.07 22.21
CA ASP A 428 6.30 40.36 22.51
C ASP A 428 7.80 40.31 22.23
N TYR A 429 8.25 41.10 21.25
CA TYR A 429 9.66 41.37 21.03
C TYR A 429 10.34 41.73 22.35
N SER B 3 -18.91 -39.18 27.13
CA SER B 3 -19.54 -37.96 27.60
C SER B 3 -18.69 -36.74 27.30
N VAL B 4 -19.15 -35.89 26.36
CA VAL B 4 -18.48 -34.65 26.02
C VAL B 4 -19.17 -33.52 26.77
N GLY B 5 -18.42 -32.85 27.65
CA GLY B 5 -18.93 -31.74 28.42
C GLY B 5 -18.64 -30.42 27.73
N ILE B 6 -19.52 -29.44 27.99
CA ILE B 6 -19.32 -28.05 27.57
C ILE B 6 -19.79 -27.15 28.69
N VAL B 7 -19.04 -26.07 28.92
CA VAL B 7 -19.29 -25.16 30.04
C VAL B 7 -20.24 -24.07 29.55
N TYR B 8 -21.40 -23.94 30.19
CA TYR B 8 -22.28 -22.81 29.93
C TYR B 8 -23.30 -22.67 31.07
N GLY B 9 -24.01 -21.56 31.02
CA GLY B 9 -24.94 -21.15 32.06
C GLY B 9 -25.47 -19.78 31.74
N ASP B 10 -26.64 -19.42 32.28
CA ASP B 10 -27.24 -18.12 31.94
C ASP B 10 -26.39 -16.97 32.45
N GLN B 11 -26.04 -17.01 33.75
CA GLN B 11 -25.13 -16.02 34.31
C GLN B 11 -23.76 -16.07 33.64
N TYR B 12 -23.25 -17.27 33.36
CA TYR B 12 -21.96 -17.39 32.70
C TYR B 12 -21.96 -16.68 31.35
N ARG B 13 -23.00 -16.91 30.54
CA ARG B 13 -23.11 -16.28 29.23
C ARG B 13 -23.09 -14.74 29.35
N GLN B 14 -23.81 -14.19 30.33
CA GLN B 14 -23.88 -12.73 30.47
C GLN B 14 -22.53 -12.15 30.83
N LEU B 15 -21.81 -12.82 31.74
CA LEU B 15 -20.48 -12.33 32.14
C LEU B 15 -19.48 -12.46 31.00
N CYS B 16 -19.51 -13.59 30.28
CA CYS B 16 -18.58 -13.77 29.18
C CYS B 16 -18.85 -12.78 28.06
N CYS B 17 -20.05 -12.20 27.99
CA CYS B 17 -20.38 -11.21 26.97
C CYS B 17 -20.30 -9.77 27.48
N SER B 18 -19.70 -9.54 28.65
CA SER B 18 -19.81 -8.22 29.27
C SER B 18 -18.56 -7.36 29.10
N SER B 19 -17.52 -7.86 28.35
CA SER B 19 -16.28 -7.09 28.21
C SER B 19 -16.31 -6.25 26.94
N PRO B 20 -15.50 -5.19 26.90
CA PRO B 20 -15.48 -4.36 25.68
C PRO B 20 -14.74 -5.01 24.53
N LYS B 21 -13.68 -5.76 24.80
CA LYS B 21 -12.93 -6.37 23.71
C LYS B 21 -13.71 -7.49 23.02
N PHE B 22 -14.39 -8.35 23.79
CA PHE B 22 -14.98 -9.54 23.18
C PHE B 22 -16.49 -9.47 23.00
N GLY B 23 -17.13 -8.36 23.38
CA GLY B 23 -18.54 -8.17 23.08
C GLY B 23 -19.35 -9.43 23.33
N ASP B 24 -20.13 -9.83 22.33
CA ASP B 24 -21.00 -11.00 22.42
C ASP B 24 -20.42 -12.25 21.73
N ARG B 25 -19.11 -12.34 21.55
CA ARG B 25 -18.55 -13.50 20.86
C ARG B 25 -19.05 -14.79 21.48
N TYR B 26 -19.00 -14.88 22.81
CA TYR B 26 -19.39 -16.13 23.48
C TYR B 26 -20.81 -16.52 23.12
N ALA B 27 -21.73 -15.52 23.05
CA ALA B 27 -23.11 -15.80 22.69
C ALA B 27 -23.19 -16.34 21.26
N LEU B 28 -22.49 -15.70 20.33
CA LEU B 28 -22.50 -16.20 18.95
C LEU B 28 -22.04 -17.65 18.90
N VAL B 29 -20.94 -17.96 19.60
CA VAL B 29 -20.36 -19.29 19.54
C VAL B 29 -21.38 -20.32 20.04
N MET B 30 -21.94 -20.08 21.22
CA MET B 30 -22.82 -21.07 21.85
C MET B 30 -24.18 -21.16 21.15
N ASP B 31 -24.67 -20.05 20.60
CA ASP B 31 -25.93 -20.11 19.88
C ASP B 31 -25.78 -20.76 18.52
N LEU B 32 -24.58 -20.70 17.93
CA LEU B 32 -24.40 -21.42 16.68
C LEU B 32 -24.30 -22.91 16.96
N ILE B 33 -23.58 -23.27 18.03
CA ILE B 33 -23.55 -24.66 18.51
C ILE B 33 -24.98 -25.14 18.78
N ASN B 34 -25.81 -24.31 19.42
CA ASN B 34 -27.21 -24.65 19.67
C ASN B 34 -28.01 -24.74 18.36
N ALA B 35 -27.82 -23.78 17.45
CA ALA B 35 -28.56 -23.78 16.19
C ALA B 35 -28.32 -25.07 15.39
N TYR B 36 -27.10 -25.60 15.45
CA TYR B 36 -26.78 -26.83 14.75
C TYR B 36 -27.20 -28.07 15.55
N LYS B 37 -27.95 -27.88 16.63
CA LYS B 37 -28.49 -28.97 17.45
C LYS B 37 -27.39 -29.82 18.07
N LEU B 38 -26.28 -29.20 18.44
CA LEU B 38 -25.25 -29.96 19.12
C LEU B 38 -25.51 -30.05 20.61
N ILE B 39 -26.30 -29.13 21.16
CA ILE B 39 -26.43 -29.02 22.61
C ILE B 39 -27.02 -30.28 23.24
N PRO B 40 -28.09 -30.92 22.68
CA PRO B 40 -28.58 -32.20 23.24
C PRO B 40 -27.51 -33.27 23.35
N GLU B 41 -26.45 -33.18 22.55
CA GLU B 41 -25.41 -34.19 22.58
C GLU B 41 -24.41 -33.99 23.72
N LEU B 42 -24.45 -32.86 24.40
CA LEU B 42 -23.39 -32.45 25.30
C LEU B 42 -23.89 -32.38 26.73
N SER B 43 -22.98 -32.64 27.65
CA SER B 43 -23.23 -32.56 29.08
C SER B 43 -22.92 -31.15 29.54
N ARG B 44 -23.94 -30.40 29.98
CA ARG B 44 -23.67 -29.06 30.49
C ARG B 44 -22.78 -29.16 31.73
N VAL B 45 -21.67 -28.43 31.73
CA VAL B 45 -20.80 -28.43 32.90
C VAL B 45 -20.98 -27.07 33.58
N PRO B 46 -21.63 -27.01 34.74
CA PRO B 46 -21.88 -25.73 35.37
C PRO B 46 -20.58 -25.12 35.87
N PRO B 47 -20.39 -23.82 35.68
CA PRO B 47 -19.20 -23.17 36.22
C PRO B 47 -19.16 -23.28 37.74
N LEU B 48 -17.96 -23.45 38.26
CA LEU B 48 -17.77 -23.65 39.69
C LEU B 48 -18.15 -22.40 40.48
N GLN B 49 -18.81 -22.59 41.63
CA GLN B 49 -18.95 -21.52 42.59
C GLN B 49 -18.39 -21.93 43.95
N TRP B 50 -18.02 -20.94 44.75
CA TRP B 50 -17.39 -21.14 46.04
C TRP B 50 -18.35 -20.85 47.18
N ASP B 51 -18.07 -21.45 48.34
CA ASP B 51 -18.85 -21.29 49.56
C ASP B 51 -18.61 -19.96 50.27
N SER B 52 -17.62 -19.17 49.85
CA SER B 52 -17.31 -17.93 50.54
C SER B 52 -16.28 -17.18 49.72
N PRO B 53 -16.16 -15.87 49.93
CA PRO B 53 -15.06 -15.12 49.30
C PRO B 53 -13.68 -15.65 49.68
N SER B 54 -13.49 -16.14 50.90
CA SER B 54 -12.17 -16.66 51.28
C SER B 54 -11.82 -17.91 50.48
N ARG B 55 -12.80 -18.78 50.21
CA ARG B 55 -12.51 -19.92 49.33
C ARG B 55 -12.19 -19.46 47.91
N MET B 56 -12.99 -18.54 47.36
CA MET B 56 -12.68 -18.01 46.04
C MET B 56 -11.28 -17.43 46.00
N TYR B 57 -10.93 -16.65 47.01
CA TYR B 57 -9.62 -16.04 47.11
C TYR B 57 -8.51 -17.09 47.17
N GLU B 58 -8.73 -18.13 47.97
CA GLU B 58 -7.81 -19.27 48.07
C GLU B 58 -7.62 -19.94 46.71
N ALA B 59 -8.71 -20.24 46.00
CA ALA B 59 -8.61 -20.84 44.69
C ALA B 59 -7.81 -19.95 43.74
N VAL B 60 -8.17 -18.68 43.64
CA VAL B 60 -7.54 -17.82 42.65
C VAL B 60 -6.07 -17.59 43.00
N THR B 61 -5.74 -17.49 44.30
CA THR B 61 -4.35 -17.23 44.69
C THR B 61 -3.51 -18.50 44.73
N ALA B 62 -4.04 -19.62 44.25
CA ALA B 62 -3.17 -20.75 43.93
C ALA B 62 -2.09 -20.38 42.92
N PHE B 63 -2.34 -19.36 42.09
CA PHE B 63 -1.36 -18.87 41.12
C PHE B 63 -1.14 -17.36 41.25
N HIS B 64 -2.23 -16.58 41.28
CA HIS B 64 -2.10 -15.13 41.30
C HIS B 64 -1.79 -14.63 42.70
N SER B 65 -1.00 -13.55 42.77
CA SER B 65 -0.69 -12.97 44.06
C SER B 65 -1.92 -12.35 44.70
N THR B 66 -1.91 -12.32 46.04
CA THR B 66 -2.99 -11.66 46.75
C THR B 66 -3.15 -10.21 46.31
N GLU B 67 -2.03 -9.50 46.17
CA GLU B 67 -2.09 -8.07 45.85
C GLU B 67 -2.71 -7.84 44.48
N TYR B 68 -2.38 -8.69 43.49
CA TYR B 68 -2.96 -8.52 42.17
C TYR B 68 -4.47 -8.80 42.19
N VAL B 69 -4.88 -9.85 42.90
CA VAL B 69 -6.32 -10.10 42.98
C VAL B 69 -6.99 -8.94 43.72
N ASP B 70 -6.32 -8.40 44.74
CA ASP B 70 -6.86 -7.24 45.45
C ASP B 70 -7.05 -6.07 44.50
N ALA B 71 -6.08 -5.81 43.64
CA ALA B 71 -6.17 -4.64 42.76
C ALA B 71 -7.23 -4.84 41.69
N LEU B 72 -7.39 -6.07 41.20
CA LEU B 72 -8.38 -6.32 40.17
C LEU B 72 -9.79 -6.19 40.74
N LYS B 73 -10.00 -6.66 41.97
CA LYS B 73 -11.28 -6.43 42.64
C LYS B 73 -11.56 -4.93 42.76
N LYS B 74 -10.56 -4.18 43.18
CA LYS B 74 -10.74 -2.74 43.38
C LYS B 74 -11.02 -2.04 42.07
N LEU B 75 -10.37 -2.47 40.98
CA LEU B 75 -10.63 -1.90 39.66
C LEU B 75 -12.11 -1.99 39.30
N GLN B 76 -12.70 -3.17 39.49
CA GLN B 76 -14.12 -3.35 39.18
C GLN B 76 -14.97 -2.42 40.02
N MET B 77 -14.70 -2.35 41.32
CA MET B 77 -15.44 -1.44 42.19
C MET B 77 -15.31 0.00 41.69
N LEU B 78 -14.09 0.42 41.38
CA LEU B 78 -13.88 1.80 40.95
C LEU B 78 -14.69 2.12 39.70
N HIS B 79 -14.64 1.23 38.71
CA HIS B 79 -15.38 1.47 37.47
C HIS B 79 -16.89 1.39 37.66
N CYS B 80 -17.37 0.87 38.78
CA CYS B 80 -18.80 0.91 39.09
C CYS B 80 -19.21 2.15 39.88
N GLU B 81 -18.34 3.15 39.98
CA GLU B 81 -18.66 4.41 40.65
C GLU B 81 -18.70 5.58 39.67
N LEU B 85 -10.19 8.16 39.17
CA LEU B 85 -9.29 7.55 40.15
C LEU B 85 -8.40 8.57 40.82
N THR B 86 -8.06 8.34 42.09
CA THR B 86 -6.99 9.12 42.69
C THR B 86 -5.67 8.75 42.04
N ALA B 87 -4.74 9.71 42.03
CA ALA B 87 -3.40 9.49 41.50
C ALA B 87 -2.79 8.22 42.09
N ASP B 88 -3.02 7.97 43.38
CA ASP B 88 -2.53 6.74 43.99
C ASP B 88 -3.24 5.52 43.41
N ASP B 89 -4.56 5.59 43.23
CA ASP B 89 -5.27 4.48 42.59
C ASP B 89 -4.70 4.21 41.21
N GLU B 90 -4.50 5.28 40.42
CA GLU B 90 -3.99 5.12 39.07
C GLU B 90 -2.63 4.44 39.07
N LEU B 91 -1.72 4.89 39.95
CA LEU B 91 -0.43 4.23 40.08
C LEU B 91 -0.58 2.77 40.50
N LEU B 92 -1.56 2.48 41.35
CA LEU B 92 -1.76 1.08 41.75
C LEU B 92 -2.14 0.20 40.56
N MET B 93 -3.04 0.68 39.70
CA MET B 93 -3.43 -0.09 38.53
C MET B 93 -2.27 -0.26 37.56
N ASP B 94 -1.47 0.79 37.36
CA ASP B 94 -0.35 0.68 36.42
C ASP B 94 0.66 -0.37 36.88
N SER B 95 0.83 -0.55 38.19
CA SER B 95 1.82 -1.51 38.66
C SER B 95 1.40 -2.95 38.38
N PHE B 96 0.14 -3.20 38.04
CA PHE B 96 -0.29 -4.54 37.67
C PHE B 96 -0.64 -4.64 36.18
N SER B 97 -0.28 -3.62 35.40
CA SER B 97 -0.63 -3.51 33.97
C SER B 97 -2.14 -3.51 33.74
N LEU B 98 -2.89 -2.95 34.69
CA LEU B 98 -4.33 -2.78 34.53
C LEU B 98 -4.60 -1.42 33.86
N ASN B 99 -4.19 -1.35 32.60
CA ASN B 99 -4.31 -0.14 31.79
C ASN B 99 -4.13 -0.54 30.33
N TYR B 100 -4.17 0.46 29.45
CA TYR B 100 -3.94 0.32 28.01
C TYR B 100 -4.73 -0.84 27.40
N ASP B 101 -4.07 -1.96 27.13
CA ASP B 101 -4.72 -3.12 26.55
C ASP B 101 -5.50 -3.96 27.55
N CYS B 102 -5.33 -3.73 28.86
CA CYS B 102 -6.07 -4.47 29.87
C CYS B 102 -6.81 -3.46 30.75
N PRO B 103 -7.79 -2.77 30.19
CA PRO B 103 -8.45 -1.69 30.92
C PRO B 103 -9.45 -2.21 31.93
N GLY B 104 -9.79 -1.33 32.87
CA GLY B 104 -10.94 -1.54 33.69
C GLY B 104 -12.22 -1.35 32.91
N PHE B 105 -13.27 -1.96 33.45
CA PHE B 105 -14.66 -1.80 33.02
C PHE B 105 -15.54 -2.40 34.12
N PRO B 106 -16.82 -2.02 34.19
CA PRO B 106 -17.61 -2.32 35.40
C PRO B 106 -17.68 -3.78 35.82
N SER B 107 -17.41 -4.74 34.93
CA SER B 107 -17.46 -6.13 35.36
C SER B 107 -16.11 -6.82 35.18
N VAL B 108 -15.01 -6.07 35.16
CA VAL B 108 -13.72 -6.65 34.80
C VAL B 108 -13.34 -7.82 35.72
N PHE B 109 -13.74 -7.77 36.99
CA PHE B 109 -13.38 -8.88 37.86
C PHE B 109 -14.35 -10.05 37.73
N ASP B 110 -15.65 -9.79 37.75
CA ASP B 110 -16.63 -10.86 37.55
C ASP B 110 -16.38 -11.57 36.22
N TYR B 111 -16.14 -10.80 35.17
CA TYR B 111 -15.82 -11.32 33.85
C TYR B 111 -14.62 -12.26 33.90
N SER B 112 -13.51 -11.77 34.44
N SER B 112 -13.49 -11.79 34.42
CA SER B 112 -12.27 -12.54 34.44
CA SER B 112 -12.30 -12.63 34.36
C SER B 112 -12.39 -13.78 35.32
C SER B 112 -12.39 -13.81 35.33
N LEU B 113 -13.06 -13.64 36.46
CA LEU B 113 -13.31 -14.79 37.35
C LEU B 113 -14.22 -15.83 36.70
N ALA B 114 -15.17 -15.39 35.87
CA ALA B 114 -16.07 -16.35 35.24
C ALA B 114 -15.29 -17.42 34.47
N ALA B 115 -14.26 -17.00 33.72
CA ALA B 115 -13.48 -17.97 32.97
C ALA B 115 -12.74 -18.92 33.89
N VAL B 116 -12.33 -18.46 35.07
CA VAL B 116 -11.71 -19.39 36.01
C VAL B 116 -12.74 -20.39 36.52
N GLN B 117 -13.96 -19.91 36.83
CA GLN B 117 -15.04 -20.79 37.31
C GLN B 117 -15.37 -21.88 36.31
N GLY B 118 -15.43 -21.52 35.03
CA GLY B 118 -15.73 -22.51 34.01
C GLY B 118 -14.59 -23.49 33.82
N SER B 119 -13.36 -23.01 33.78
CA SER B 119 -12.25 -23.91 33.49
C SER B 119 -11.91 -24.80 34.68
N LEU B 120 -12.13 -24.34 35.91
CA LEU B 120 -11.96 -25.22 37.07
C LEU B 120 -13.07 -26.27 37.13
N ALA B 121 -14.31 -25.88 36.83
CA ALA B 121 -15.38 -26.86 36.74
C ALA B 121 -15.10 -27.91 35.67
N ALA B 122 -14.59 -27.47 34.52
CA ALA B 122 -14.24 -28.41 33.47
C ALA B 122 -13.19 -29.41 33.94
N ALA B 123 -12.12 -28.91 34.55
CA ALA B 123 -11.10 -29.78 35.11
C ALA B 123 -11.70 -30.78 36.11
N SER B 124 -12.56 -30.29 37.01
CA SER B 124 -13.15 -31.17 38.01
C SER B 124 -14.01 -32.27 37.37
N ALA B 125 -14.67 -31.96 36.25
CA ALA B 125 -15.48 -32.98 35.59
C ALA B 125 -14.60 -34.06 34.97
N LEU B 126 -13.41 -33.67 34.48
CA LEU B 126 -12.46 -34.64 33.97
C LEU B 126 -11.94 -35.53 35.08
N ILE B 127 -11.47 -34.92 36.18
CA ILE B 127 -10.94 -35.67 37.32
C ILE B 127 -11.90 -36.77 37.76
N CYS B 128 -13.16 -36.40 38.01
CA CYS B 128 -14.11 -37.39 38.53
C CYS B 128 -14.70 -38.28 37.44
N ARG B 129 -14.18 -38.21 36.20
CA ARG B 129 -14.55 -39.06 35.07
C ARG B 129 -15.99 -38.87 34.60
N HIS B 130 -16.65 -37.78 35.02
CA HIS B 130 -17.96 -37.46 34.46
C HIS B 130 -17.89 -37.25 32.95
N CYS B 131 -16.88 -36.55 32.45
CA CYS B 131 -16.72 -36.38 31.00
C CYS B 131 -15.34 -36.86 30.57
N GLU B 132 -15.24 -37.32 29.32
CA GLU B 132 -13.93 -37.63 28.76
C GLU B 132 -13.26 -36.39 28.18
N VAL B 133 -14.06 -35.46 27.65
CA VAL B 133 -13.58 -34.19 27.12
C VAL B 133 -14.54 -33.10 27.61
N VAL B 134 -13.99 -31.95 28.00
CA VAL B 134 -14.83 -30.83 28.34
C VAL B 134 -14.35 -29.61 27.56
N ILE B 135 -15.29 -28.89 27.00
CA ILE B 135 -15.05 -27.71 26.20
C ILE B 135 -15.43 -26.48 27.01
N ASN B 136 -14.61 -25.43 26.98
CA ASN B 136 -14.97 -24.18 27.61
C ASN B 136 -14.61 -23.03 26.68
N TRP B 137 -15.56 -22.56 25.88
CA TRP B 137 -15.29 -21.50 24.94
C TRP B 137 -15.27 -20.12 25.58
N GLY B 138 -15.45 -20.03 26.87
CA GLY B 138 -15.24 -18.79 27.58
C GLY B 138 -13.91 -18.74 28.30
N GLY B 139 -13.09 -19.78 28.20
CA GLY B 139 -11.76 -19.78 28.76
C GLY B 139 -10.67 -19.69 27.69
N GLY B 140 -9.42 -19.84 28.16
CA GLY B 140 -8.25 -19.79 27.31
C GLY B 140 -7.37 -18.54 27.46
N TRP B 141 -7.41 -17.85 28.60
CA TRP B 141 -6.79 -16.55 28.73
C TRP B 141 -5.32 -16.73 29.17
N HIS B 142 -4.51 -17.12 28.19
CA HIS B 142 -3.20 -17.72 28.40
C HIS B 142 -2.08 -16.73 28.71
N HIS B 143 -2.32 -15.42 28.58
CA HIS B 143 -1.28 -14.43 28.82
C HIS B 143 -1.22 -13.88 30.24
N ALA B 144 -2.25 -14.09 31.05
CA ALA B 144 -2.27 -13.47 32.38
C ALA B 144 -1.16 -14.06 33.26
N LYS B 145 -0.41 -13.20 33.94
CA LYS B 145 0.66 -13.66 34.83
C LYS B 145 0.22 -13.55 36.28
N ARG B 146 1.07 -14.05 37.19
CA ARG B 146 0.68 -14.09 38.60
C ARG B 146 0.36 -12.71 39.16
N SER B 147 1.03 -11.66 38.69
CA SER B 147 0.80 -10.32 39.19
C SER B 147 0.70 -9.32 38.05
N GLU B 148 0.11 -9.73 36.93
CA GLU B 148 0.09 -8.86 35.78
C GLU B 148 -0.98 -9.31 34.79
N ALA B 149 -1.82 -8.38 34.36
CA ALA B 149 -2.71 -8.60 33.23
C ALA B 149 -1.96 -8.38 31.93
N SER B 150 -2.35 -9.10 30.88
CA SER B 150 -1.66 -8.98 29.61
C SER B 150 -2.55 -9.48 28.48
N GLY B 151 -2.64 -8.71 27.40
CA GLY B 151 -3.31 -9.21 26.21
C GLY B 151 -4.79 -9.48 26.42
N PHE B 152 -5.45 -8.66 27.24
CA PHE B 152 -6.83 -8.80 27.71
C PHE B 152 -7.05 -10.08 28.52
N CYS B 153 -5.99 -10.67 29.05
CA CYS B 153 -6.08 -11.80 29.97
C CYS B 153 -5.79 -11.28 31.37
N TYR B 154 -6.83 -11.26 32.21
CA TYR B 154 -6.71 -10.72 33.56
C TYR B 154 -6.39 -11.82 34.55
N LEU B 155 -7.07 -12.97 34.44
CA LEU B 155 -6.81 -14.11 35.32
C LEU B 155 -6.58 -15.36 34.48
N ASN B 156 -5.54 -16.13 34.83
CA ASN B 156 -5.16 -17.29 34.01
C ASN B 156 -5.98 -18.50 34.44
N ASP B 157 -7.14 -18.67 33.76
CA ASP B 157 -7.98 -19.84 34.01
C ASP B 157 -7.25 -21.12 33.61
N ILE B 158 -6.38 -21.05 32.60
CA ILE B 158 -5.67 -22.23 32.14
C ILE B 158 -4.75 -22.77 33.23
N VAL B 159 -3.88 -21.90 33.77
CA VAL B 159 -2.97 -22.31 34.83
C VAL B 159 -3.75 -22.92 35.99
N LEU B 160 -4.84 -22.25 36.41
CA LEU B 160 -5.62 -22.72 37.55
C LEU B 160 -6.23 -24.08 37.27
N ALA B 161 -6.68 -24.30 36.04
CA ALA B 161 -7.25 -25.60 35.69
C ALA B 161 -6.17 -26.67 35.61
N ILE B 162 -5.02 -26.34 35.02
CA ILE B 162 -3.92 -27.31 34.97
C ILE B 162 -3.48 -27.68 36.38
N HIS B 163 -3.38 -26.68 37.27
CA HIS B 163 -3.03 -26.93 38.66
C HIS B 163 -4.00 -27.89 39.35
N ARG B 164 -5.30 -27.76 39.08
CA ARG B 164 -6.24 -28.70 39.67
C ARG B 164 -6.01 -30.11 39.13
N LEU B 165 -5.83 -30.23 37.82
CA LEU B 165 -5.64 -31.54 37.18
C LEU B 165 -4.36 -32.20 37.66
N VAL B 166 -3.26 -31.44 37.70
CA VAL B 166 -1.96 -32.05 38.00
C VAL B 166 -1.89 -32.48 39.45
N SER B 167 -2.72 -31.93 40.33
CA SER B 167 -2.73 -32.35 41.73
C SER B 167 -3.93 -33.24 42.04
N SER B 168 -4.33 -34.07 41.08
CA SER B 168 -5.31 -35.12 41.30
C SER B 168 -4.60 -36.47 41.41
N THR B 169 -5.38 -37.53 41.57
CA THR B 169 -4.83 -38.89 41.57
C THR B 169 -5.86 -39.88 41.05
N GLN B 178 4.41 -38.49 38.51
CA GLN B 178 3.44 -39.50 38.15
C GLN B 178 2.30 -38.92 37.29
N THR B 179 1.45 -38.07 37.87
CA THR B 179 0.40 -37.41 37.09
C THR B 179 1.03 -36.28 36.28
N ARG B 180 0.89 -36.37 34.95
CA ARG B 180 1.47 -35.40 34.03
C ARG B 180 0.40 -34.80 33.14
N VAL B 181 0.55 -33.52 32.81
CA VAL B 181 -0.38 -32.80 31.94
C VAL B 181 0.39 -32.25 30.74
N LEU B 182 -0.18 -32.43 29.56
CA LEU B 182 0.37 -31.83 28.35
C LEU B 182 -0.51 -30.66 27.91
N TYR B 183 0.07 -29.48 27.82
CA TYR B 183 -0.61 -28.27 27.41
C TYR B 183 -0.22 -27.92 25.98
N VAL B 184 -1.21 -27.72 25.12
CA VAL B 184 -1.01 -27.51 23.68
C VAL B 184 -1.71 -26.23 23.32
N ASP B 185 -0.96 -25.27 22.82
CA ASP B 185 -1.43 -23.89 22.65
C ASP B 185 -1.44 -23.56 21.17
N LEU B 186 -2.61 -23.64 20.54
CA LEU B 186 -2.77 -23.46 19.10
C LEU B 186 -3.02 -22.01 18.69
N ASP B 187 -3.16 -21.12 19.67
CA ASP B 187 -3.41 -19.71 19.42
C ASP B 187 -2.30 -19.12 18.55
N LEU B 188 -2.66 -18.06 17.80
CA LEU B 188 -1.68 -17.34 17.00
C LEU B 188 -0.50 -16.85 17.82
N HIS B 189 -0.77 -16.47 19.07
CA HIS B 189 0.15 -15.84 19.99
C HIS B 189 0.79 -16.90 20.89
N HIS B 190 2.03 -16.61 21.31
CA HIS B 190 2.74 -17.50 22.24
C HIS B 190 2.02 -17.56 23.59
N GLY B 191 1.83 -18.77 24.11
CA GLY B 191 1.16 -18.92 25.40
C GLY B 191 2.08 -18.63 26.57
N ASP B 192 2.50 -17.38 26.70
CA ASP B 192 3.59 -17.06 27.61
C ASP B 192 3.20 -17.24 29.08
N GLY B 193 1.96 -16.94 29.46
CA GLY B 193 1.60 -16.99 30.88
C GLY B 193 1.50 -18.41 31.41
N VAL B 194 1.04 -19.34 30.58
CA VAL B 194 0.99 -20.74 30.97
C VAL B 194 2.42 -21.29 31.06
N GLU B 195 3.22 -20.98 30.04
CA GLU B 195 4.61 -21.43 29.98
C GLU B 195 5.39 -20.97 31.20
N GLU B 196 5.20 -19.70 31.60
CA GLU B 196 5.98 -19.15 32.69
C GLU B 196 5.55 -19.74 34.03
N ALA B 197 4.25 -19.97 34.20
CA ALA B 197 3.72 -20.54 35.42
C ALA B 197 4.31 -21.90 35.74
N PHE B 198 4.69 -22.67 34.72
CA PHE B 198 5.18 -24.03 34.92
C PHE B 198 6.63 -24.20 34.49
N TRP B 199 7.37 -23.09 34.44
CA TRP B 199 8.73 -23.07 33.92
C TRP B 199 9.67 -23.97 34.73
N TYR B 200 9.40 -24.14 36.02
CA TYR B 200 10.23 -24.94 36.91
C TYR B 200 9.61 -26.30 37.22
N SER B 201 8.55 -26.69 36.52
CA SER B 201 7.77 -27.87 36.86
C SER B 201 7.88 -28.91 35.75
N PRO B 202 8.39 -30.11 36.03
CA PRO B 202 8.44 -31.14 35.00
C PRO B 202 7.10 -31.82 34.73
N ARG B 203 6.10 -31.63 35.60
CA ARG B 203 4.86 -32.38 35.47
C ARG B 203 3.86 -31.73 34.53
N VAL B 204 4.10 -30.50 34.11
CA VAL B 204 3.29 -29.82 33.10
C VAL B 204 4.21 -29.51 31.92
N VAL B 205 4.02 -30.24 30.83
CA VAL B 205 4.77 -29.98 29.61
C VAL B 205 3.94 -29.03 28.75
N THR B 206 4.52 -27.88 28.40
CA THR B 206 3.81 -26.89 27.62
C THR B 206 4.36 -26.90 26.20
N PHE B 207 3.46 -26.80 25.24
CA PHE B 207 3.82 -26.74 23.83
C PHE B 207 2.98 -25.68 23.16
N SER B 208 3.61 -24.60 22.72
CA SER B 208 2.93 -23.54 22.00
C SER B 208 3.47 -23.46 20.58
N VAL B 209 2.56 -23.44 19.62
CA VAL B 209 2.84 -23.11 18.23
C VAL B 209 2.21 -21.76 17.94
N HIS B 210 2.94 -20.88 17.25
CA HIS B 210 2.50 -19.49 17.20
C HIS B 210 3.30 -18.76 16.13
N HIS B 211 2.84 -17.57 15.81
CA HIS B 211 3.66 -16.63 15.05
C HIS B 211 4.59 -15.87 15.99
N ALA B 212 5.82 -15.66 15.55
CA ALA B 212 6.71 -14.76 16.26
C ALA B 212 7.47 -13.95 15.24
N SER B 213 7.76 -12.70 15.57
CA SER B 213 8.54 -11.79 14.74
C SER B 213 8.81 -10.53 15.55
N PRO B 214 9.76 -9.71 15.13
CA PRO B 214 10.11 -8.53 15.92
C PRO B 214 8.93 -7.56 16.06
N GLY B 215 8.64 -7.17 17.30
CA GLY B 215 7.55 -6.27 17.58
C GLY B 215 6.19 -6.92 17.76
N PHE B 216 6.06 -8.21 17.47
CA PHE B 216 4.78 -8.92 17.56
C PHE B 216 4.58 -9.45 18.98
N PHE B 217 3.42 -9.15 19.56
CA PHE B 217 3.00 -9.59 20.90
C PHE B 217 2.98 -11.12 21.06
N PRO B 218 3.43 -11.65 22.21
CA PRO B 218 4.00 -10.94 23.38
C PRO B 218 5.50 -10.84 23.31
N GLY B 219 6.10 -11.46 22.31
CA GLY B 219 7.51 -11.34 22.04
C GLY B 219 8.34 -12.56 22.39
N THR B 220 7.79 -13.51 23.16
CA THR B 220 8.56 -14.68 23.58
C THR B 220 8.19 -15.89 22.72
N GLY B 221 8.72 -17.05 23.11
CA GLY B 221 8.46 -18.26 22.35
C GLY B 221 9.30 -18.40 21.11
N THR B 222 10.43 -17.70 21.05
CA THR B 222 11.33 -17.86 19.92
C THR B 222 12.78 -17.77 20.43
N TRP B 223 13.73 -17.68 19.50
CA TRP B 223 15.13 -17.65 19.89
C TRP B 223 15.41 -16.51 20.87
N ASN B 224 16.40 -16.70 21.74
CA ASN B 224 16.76 -15.70 22.72
C ASN B 224 18.25 -15.34 22.63
N LEU B 231 25.46 -17.19 19.02
CA LEU B 231 24.22 -17.74 18.47
C LEU B 231 23.11 -17.73 19.51
N PRO B 232 21.91 -17.29 19.11
CA PRO B 232 20.78 -17.35 20.03
C PRO B 232 20.31 -18.78 20.25
N ILE B 233 19.67 -19.00 21.40
CA ILE B 233 19.25 -20.34 21.81
C ILE B 233 17.77 -20.30 22.19
N PHE B 234 17.18 -21.49 22.28
CA PHE B 234 15.83 -21.64 22.79
C PHE B 234 15.86 -21.95 24.29
N LEU B 235 15.29 -21.07 25.09
CA LEU B 235 15.07 -21.40 26.50
C LEU B 235 13.88 -22.34 26.58
N ASN B 236 13.94 -23.28 27.51
CA ASN B 236 13.01 -24.41 27.49
C ASN B 236 12.60 -24.85 28.89
N GLY B 237 12.71 -23.97 29.89
CA GLY B 237 12.43 -24.30 31.27
C GLY B 237 13.69 -24.26 32.10
N ALA B 238 13.54 -24.48 33.40
CA ALA B 238 14.71 -24.38 34.27
C ALA B 238 14.57 -25.30 35.47
N GLY B 239 15.73 -25.63 36.05
CA GLY B 239 15.74 -26.52 37.21
C GLY B 239 15.12 -27.86 36.88
N ARG B 240 14.22 -28.32 37.75
CA ARG B 240 13.54 -29.59 37.49
C ARG B 240 12.67 -29.52 36.24
N GLY B 241 12.33 -28.30 35.78
CA GLY B 241 11.57 -28.04 34.59
C GLY B 241 12.37 -27.86 33.33
N ARG B 242 13.69 -28.04 33.38
CA ARG B 242 14.49 -27.97 32.16
C ARG B 242 13.93 -28.92 31.11
N PHE B 243 13.84 -28.43 29.88
CA PHE B 243 13.38 -29.14 28.68
C PHE B 243 11.87 -29.34 28.63
N SER B 244 11.10 -28.76 29.57
CA SER B 244 9.67 -29.02 29.67
C SER B 244 8.80 -27.99 28.97
N ALA B 245 9.36 -26.92 28.41
CA ALA B 245 8.58 -25.90 27.71
C ALA B 245 9.01 -25.89 26.25
N PHE B 246 8.09 -26.23 25.37
CA PHE B 246 8.37 -26.39 23.94
C PHE B 246 7.75 -25.25 23.14
N ASN B 247 8.38 -24.92 22.02
CA ASN B 247 7.95 -23.76 21.27
C ASN B 247 8.27 -23.98 19.81
N LEU B 248 7.31 -23.63 18.96
CA LEU B 248 7.48 -23.71 17.52
C LEU B 248 6.98 -22.39 16.94
N PRO B 249 7.86 -21.41 16.80
CA PRO B 249 7.48 -20.16 16.14
C PRO B 249 7.49 -20.37 14.64
N LEU B 250 6.55 -19.74 13.95
CA LEU B 250 6.36 -19.95 12.52
C LEU B 250 6.24 -18.59 11.85
N GLU B 251 6.70 -18.52 10.60
CA GLU B 251 6.54 -17.32 9.80
C GLU B 251 5.08 -17.12 9.41
N GLU B 252 4.74 -15.87 9.06
CA GLU B 252 3.38 -15.57 8.66
C GLU B 252 3.05 -16.23 7.32
N GLY B 253 1.75 -16.44 7.09
CA GLY B 253 1.23 -16.95 5.83
C GLY B 253 0.90 -18.43 5.77
N ILE B 254 1.10 -19.17 6.86
CA ILE B 254 1.10 -20.63 6.75
C ILE B 254 -0.33 -21.14 6.61
N ASN B 255 -0.50 -22.20 5.82
CA ASN B 255 -1.83 -22.71 5.51
C ASN B 255 -2.17 -23.92 6.38
N ASP B 256 -3.38 -24.48 6.19
CA ASP B 256 -3.79 -25.64 6.98
C ASP B 256 -2.83 -26.81 6.84
N LEU B 257 -2.31 -27.06 5.62
CA LEU B 257 -1.54 -28.29 5.39
C LEU B 257 -0.16 -28.18 6.02
N ASP B 258 0.53 -27.08 5.77
CA ASP B 258 1.87 -26.92 6.33
C ASP B 258 1.83 -26.82 7.86
N TRP B 259 0.82 -26.15 8.41
CA TRP B 259 0.62 -26.08 9.85
C TRP B 259 0.36 -27.47 10.43
N SER B 260 -0.55 -28.22 9.79
CA SER B 260 -0.83 -29.59 10.19
C SER B 260 0.44 -30.44 10.17
N ASN B 261 1.18 -30.39 9.08
CA ASN B 261 2.44 -31.14 9.00
C ASN B 261 3.45 -30.65 10.01
N ALA B 262 3.36 -29.38 10.40
CA ALA B 262 4.33 -28.84 11.33
C ALA B 262 4.15 -29.42 12.73
N ILE B 263 2.90 -29.53 13.20
CA ILE B 263 2.66 -29.88 14.59
C ILE B 263 2.22 -31.33 14.79
N GLY B 264 1.67 -31.99 13.78
CA GLY B 264 1.24 -33.37 13.92
C GLY B 264 2.29 -34.29 14.49
N PRO B 265 3.43 -34.43 13.78
CA PRO B 265 4.52 -35.27 14.31
C PRO B 265 5.00 -34.85 15.68
N ILE B 266 5.05 -33.54 15.97
CA ILE B 266 5.51 -33.12 17.30
C ILE B 266 4.51 -33.52 18.37
N LEU B 267 3.21 -33.36 18.10
CA LEU B 267 2.15 -33.71 19.05
C LEU B 267 2.14 -35.21 19.35
N ASP B 268 2.16 -36.03 18.30
CA ASP B 268 2.18 -37.48 18.48
C ASP B 268 3.41 -37.90 19.29
N SER B 269 4.55 -37.26 19.03
CA SER B 269 5.76 -37.59 19.75
C SER B 269 5.67 -37.15 21.21
N LEU B 270 5.07 -35.98 21.46
CA LEU B 270 4.85 -35.58 22.85
C LEU B 270 4.02 -36.62 23.58
N ASN B 271 2.98 -37.14 22.93
CA ASN B 271 2.11 -38.10 23.60
C ASN B 271 2.84 -39.40 23.90
N ILE B 272 3.62 -39.90 22.94
CA ILE B 272 4.37 -41.14 23.11
C ILE B 272 5.31 -41.06 24.31
N VAL B 273 6.13 -40.01 24.37
CA VAL B 273 7.16 -39.92 25.40
C VAL B 273 6.58 -39.48 26.74
N ILE B 274 5.79 -38.40 26.75
CA ILE B 274 5.30 -37.84 28.01
C ILE B 274 4.23 -38.70 28.64
N GLN B 275 3.39 -39.35 27.83
CA GLN B 275 2.27 -40.14 28.34
C GLN B 275 1.44 -39.32 29.33
N PRO B 276 0.91 -38.17 28.92
CA PRO B 276 0.13 -37.35 29.86
C PRO B 276 -1.14 -38.05 30.33
N SER B 277 -1.50 -37.77 31.58
CA SER B 277 -2.81 -38.17 32.12
C SER B 277 -3.92 -37.26 31.68
N TYR B 278 -3.62 -36.02 31.36
CA TYR B 278 -4.60 -35.07 30.86
C TYR B 278 -3.94 -34.25 29.76
N VAL B 279 -4.73 -33.79 28.81
CA VAL B 279 -4.30 -32.83 27.79
C VAL B 279 -5.17 -31.59 27.90
N VAL B 280 -4.56 -30.42 27.95
CA VAL B 280 -5.28 -29.15 27.93
C VAL B 280 -4.93 -28.45 26.63
N VAL B 281 -5.93 -28.16 25.80
CA VAL B 281 -5.72 -27.57 24.48
C VAL B 281 -6.32 -26.16 24.49
N GLN B 282 -5.47 -25.16 24.26
CA GLN B 282 -5.97 -23.81 23.97
C GLN B 282 -6.22 -23.74 22.47
N CYS B 283 -7.38 -23.26 22.05
CA CYS B 283 -7.80 -23.34 20.65
CA CYS B 283 -7.83 -23.33 20.67
C CYS B 283 -8.14 -21.96 20.11
N GLY B 284 -7.33 -20.97 20.47
CA GLY B 284 -7.49 -19.62 19.96
C GLY B 284 -7.68 -19.64 18.46
N ALA B 285 -8.65 -18.87 17.98
CA ALA B 285 -9.07 -18.92 16.59
C ALA B 285 -8.44 -17.81 15.73
N ASP B 286 -7.44 -17.11 16.23
CA ASP B 286 -6.90 -16.01 15.45
C ASP B 286 -5.85 -16.43 14.43
N CYS B 287 -5.66 -17.73 14.19
CA CYS B 287 -4.89 -18.14 13.01
C CYS B 287 -5.76 -18.28 11.78
N LEU B 288 -7.06 -18.06 11.88
CA LEU B 288 -7.93 -18.12 10.72
C LEU B 288 -7.51 -17.06 9.71
N ALA B 289 -7.53 -17.43 8.42
CA ALA B 289 -7.14 -16.51 7.36
C ALA B 289 -7.96 -15.22 7.37
N THR B 290 -9.14 -15.25 7.98
CA THR B 290 -10.05 -14.12 8.04
C THR B 290 -10.05 -13.43 9.40
N ASP B 291 -9.24 -13.89 10.34
CA ASP B 291 -9.07 -13.10 11.54
C ASP B 291 -8.44 -11.75 11.17
N PRO B 292 -8.86 -10.64 11.78
CA PRO B 292 -8.27 -9.33 11.40
C PRO B 292 -6.76 -9.26 11.57
N HIS B 293 -6.12 -10.17 12.33
CA HIS B 293 -4.66 -10.22 12.35
C HIS B 293 -4.11 -10.50 10.96
N ARG B 294 -4.74 -11.41 10.21
CA ARG B 294 -4.31 -11.70 8.84
C ARG B 294 -2.87 -12.20 8.77
N ILE B 295 -2.49 -13.07 9.71
CA ILE B 295 -1.11 -13.56 9.72
C ILE B 295 -1.04 -14.98 9.18
N PHE B 296 -1.78 -15.89 9.80
CA PHE B 296 -1.84 -17.26 9.31
C PHE B 296 -3.04 -17.41 8.39
N ARG B 297 -3.07 -18.53 7.67
CA ARG B 297 -4.09 -18.76 6.66
C ARG B 297 -4.82 -20.06 6.91
N LEU B 298 -5.15 -20.33 8.17
CA LEU B 298 -5.91 -21.53 8.47
C LEU B 298 -7.40 -21.32 8.11
N THR B 299 -8.15 -22.42 8.03
CA THR B 299 -9.58 -22.38 7.77
C THR B 299 -10.32 -23.23 8.78
N ASN B 300 -11.63 -23.32 8.62
CA ASN B 300 -12.46 -24.31 9.30
C ASN B 300 -12.98 -25.39 8.35
N PHE B 301 -12.35 -25.55 7.18
CA PHE B 301 -12.87 -26.47 6.17
C PHE B 301 -12.82 -27.91 6.64
N TYR B 302 -13.81 -28.69 6.22
CA TYR B 302 -13.93 -30.09 6.64
C TYR B 302 -14.41 -30.91 5.45
N PRO B 303 -13.51 -31.47 4.65
CA PRO B 303 -13.82 -32.34 3.49
C PRO B 303 -14.82 -33.47 3.78
N SER B 316 -6.36 -30.24 2.79
CA SER B 316 -7.39 -29.21 2.81
C SER B 316 -8.20 -29.25 4.12
N LEU B 317 -7.95 -30.27 4.94
CA LEU B 317 -8.54 -30.31 6.26
C LEU B 317 -8.08 -29.12 7.10
N SER B 318 -9.03 -28.40 7.72
CA SER B 318 -8.69 -27.34 8.66
C SER B 318 -7.58 -27.78 9.62
N GLY B 319 -6.53 -26.95 9.71
CA GLY B 319 -5.44 -27.28 10.61
C GLY B 319 -5.90 -27.53 12.02
N TYR B 320 -6.80 -26.66 12.51
CA TYR B 320 -7.37 -26.85 13.84
C TYR B 320 -8.07 -28.19 13.96
N LEU B 321 -8.87 -28.54 12.94
CA LEU B 321 -9.63 -29.78 13.02
C LEU B 321 -8.67 -30.97 12.98
N TYR B 322 -7.60 -30.86 12.20
CA TYR B 322 -6.59 -31.91 12.15
C TYR B 322 -5.97 -32.16 13.53
N ALA B 323 -5.45 -31.10 14.16
CA ALA B 323 -4.80 -31.22 15.45
C ALA B 323 -5.74 -31.77 16.52
N ILE B 324 -6.99 -31.27 16.56
CA ILE B 324 -7.92 -31.73 17.59
C ILE B 324 -8.26 -33.20 17.37
N LYS B 325 -8.44 -33.58 16.11
CA LYS B 325 -8.69 -35.00 15.83
C LYS B 325 -7.52 -35.84 16.30
N LYS B 326 -6.29 -35.35 16.07
CA LYS B 326 -5.11 -36.11 16.46
C LYS B 326 -5.03 -36.26 17.98
N ILE B 327 -5.30 -35.17 18.70
CA ILE B 327 -5.21 -35.22 20.16
C ILE B 327 -6.29 -36.13 20.73
N LEU B 328 -7.47 -36.06 20.14
CA LEU B 328 -8.58 -36.84 20.66
C LEU B 328 -8.39 -38.33 20.34
N SER B 329 -7.65 -38.65 19.27
CA SER B 329 -7.36 -40.04 18.96
C SER B 329 -6.54 -40.72 20.04
N TRP B 330 -5.77 -39.96 20.84
CA TRP B 330 -4.96 -40.54 21.91
C TRP B 330 -5.79 -41.16 23.03
N LYS B 331 -7.05 -40.76 23.15
CA LYS B 331 -7.96 -41.24 24.21
C LYS B 331 -7.45 -40.89 25.61
N VAL B 332 -6.88 -39.69 25.75
CA VAL B 332 -6.53 -39.12 27.06
C VAL B 332 -7.57 -38.07 27.45
N PRO B 333 -8.04 -38.01 28.69
CA PRO B 333 -8.98 -36.95 29.09
C PRO B 333 -8.45 -35.56 28.76
N THR B 334 -9.31 -34.74 28.17
CA THR B 334 -8.88 -33.54 27.46
C THR B 334 -9.79 -32.38 27.82
N LEU B 335 -9.17 -31.23 28.03
CA LEU B 335 -9.88 -29.97 28.24
C LEU B 335 -9.63 -29.13 27.00
N ILE B 336 -10.70 -28.63 26.37
CA ILE B 336 -10.59 -27.81 25.16
C ILE B 336 -11.05 -26.39 25.48
N LEU B 337 -10.15 -25.42 25.29
CA LEU B 337 -10.37 -24.03 25.63
C LEU B 337 -10.37 -23.13 24.40
N GLY B 338 -11.08 -22.01 24.50
CA GLY B 338 -11.00 -20.94 23.50
C GLY B 338 -9.73 -20.15 23.63
N GLY B 339 -9.85 -18.82 23.53
CA GLY B 339 -8.72 -17.90 23.50
C GLY B 339 -8.93 -16.75 22.54
N GLY B 340 -7.91 -16.43 21.77
CA GLY B 340 -8.01 -15.37 20.78
C GLY B 340 -9.07 -15.69 19.73
N GLY B 341 -9.34 -14.68 18.90
CA GLY B 341 -10.26 -14.84 17.81
C GLY B 341 -11.19 -13.65 17.70
N TYR B 342 -10.94 -12.80 16.70
CA TYR B 342 -11.47 -11.44 16.65
C TYR B 342 -12.35 -11.20 15.44
N ASN B 343 -12.58 -12.22 14.62
CA ASN B 343 -13.69 -12.25 13.68
C ASN B 343 -14.68 -13.16 14.38
N PHE B 344 -15.68 -12.58 15.04
CA PHE B 344 -16.56 -13.36 15.90
C PHE B 344 -17.41 -14.37 15.13
N PRO B 345 -18.03 -14.03 13.99
CA PRO B 345 -18.77 -15.08 13.24
C PRO B 345 -17.87 -16.21 12.75
N ASP B 346 -16.66 -15.89 12.30
CA ASP B 346 -15.76 -16.95 11.84
C ASP B 346 -15.19 -17.76 13.00
N THR B 347 -15.04 -17.16 14.17
CA THR B 347 -14.63 -17.93 15.34
C THR B 347 -15.73 -18.93 15.74
N ALA B 348 -16.98 -18.49 15.70
CA ALA B 348 -18.10 -19.39 16.01
C ALA B 348 -18.21 -20.52 14.98
N ARG B 349 -17.94 -20.22 13.71
CA ARG B 349 -17.95 -21.26 12.67
C ARG B 349 -16.88 -22.32 12.94
N LEU B 350 -15.69 -21.90 13.36
CA LEU B 350 -14.62 -22.84 13.66
C LEU B 350 -14.94 -23.65 14.92
N TRP B 351 -15.24 -22.97 16.02
CA TRP B 351 -15.48 -23.69 17.27
C TRP B 351 -16.73 -24.55 17.21
N THR B 352 -17.69 -24.20 16.37
CA THR B 352 -18.82 -25.11 16.16
C THR B 352 -18.38 -26.40 15.46
N ARG B 353 -17.53 -26.28 14.44
CA ARG B 353 -16.95 -27.47 13.81
C ARG B 353 -16.09 -28.27 14.79
N VAL B 354 -15.29 -27.57 15.62
CA VAL B 354 -14.49 -28.27 16.63
C VAL B 354 -15.39 -29.05 17.58
N THR B 355 -16.50 -28.43 18.01
CA THR B 355 -17.45 -29.09 18.92
C THR B 355 -18.07 -30.34 18.28
N ALA B 356 -18.52 -30.22 17.04
CA ALA B 356 -19.12 -31.36 16.38
C ALA B 356 -18.10 -32.49 16.21
N LEU B 357 -16.86 -32.12 15.86
CA LEU B 357 -15.82 -33.15 15.68
C LEU B 357 -15.51 -33.86 17.00
N THR B 358 -15.50 -33.11 18.11
CA THR B 358 -15.24 -33.73 19.40
C THR B 358 -16.32 -34.77 19.72
N ILE B 359 -17.59 -34.42 19.49
CA ILE B 359 -18.68 -35.38 19.67
C ILE B 359 -18.45 -36.60 18.81
N GLU B 360 -18.20 -36.39 17.51
CA GLU B 360 -17.89 -37.48 16.61
C GLU B 360 -16.79 -38.36 17.15
N GLU B 361 -15.66 -37.76 17.56
CA GLU B 361 -14.50 -38.58 17.90
C GLU B 361 -14.65 -39.27 19.24
N VAL B 362 -15.36 -38.68 20.20
CA VAL B 362 -15.48 -39.28 21.53
C VAL B 362 -16.64 -40.26 21.60
N LYS B 363 -17.81 -39.85 21.09
CA LYS B 363 -19.01 -40.68 21.16
C LYS B 363 -19.09 -41.69 20.01
N GLY B 364 -18.25 -41.57 18.99
CA GLY B 364 -18.36 -42.40 17.81
C GLY B 364 -19.63 -42.17 17.02
N LYS B 365 -20.19 -40.97 17.10
CA LYS B 365 -21.51 -40.65 16.60
C LYS B 365 -21.36 -39.60 15.51
N LYS B 366 -21.76 -39.95 14.29
CA LYS B 366 -21.57 -39.04 13.16
C LYS B 366 -22.35 -37.75 13.40
N MET B 367 -21.68 -36.62 13.20
CA MET B 367 -22.31 -35.31 13.31
C MET B 367 -22.26 -34.64 11.94
N THR B 368 -23.40 -34.55 11.29
CA THR B 368 -23.49 -33.90 9.99
C THR B 368 -23.96 -32.48 10.17
N ILE B 369 -23.21 -31.55 9.61
CA ILE B 369 -23.48 -30.12 9.75
C ILE B 369 -23.80 -29.55 8.38
N SER B 370 -24.96 -28.93 8.25
CA SER B 370 -25.37 -28.37 6.98
C SER B 370 -24.48 -27.20 6.58
N PRO B 371 -24.15 -27.06 5.29
CA PRO B 371 -23.37 -25.88 4.85
C PRO B 371 -24.10 -24.55 5.07
N GLU B 372 -25.41 -24.56 5.17
CA GLU B 372 -26.17 -23.34 5.42
C GLU B 372 -26.31 -23.12 6.91
N ILE B 373 -25.94 -21.92 7.36
CA ILE B 373 -26.18 -21.53 8.76
C ILE B 373 -27.66 -21.68 9.07
N PRO B 374 -28.04 -22.40 10.11
CA PRO B 374 -29.46 -22.54 10.43
C PRO B 374 -30.04 -21.26 11.03
N GLU B 375 -31.36 -21.22 11.01
CA GLU B 375 -32.12 -20.13 11.63
C GLU B 375 -31.81 -20.03 13.11
N HIS B 376 -31.40 -18.84 13.56
CA HIS B 376 -31.26 -18.52 14.98
C HIS B 376 -31.09 -17.01 15.09
N SER B 377 -31.08 -16.50 16.33
CA SER B 377 -31.20 -15.05 16.48
C SER B 377 -29.94 -14.27 16.09
N TYR B 378 -28.81 -14.94 15.83
CA TYR B 378 -27.60 -14.28 15.32
C TYR B 378 -27.34 -14.59 13.84
N PHE B 379 -28.34 -15.13 13.15
CA PHE B 379 -28.21 -15.51 11.74
C PHE B 379 -27.67 -14.38 10.88
N SER B 380 -28.12 -13.15 11.13
CA SER B 380 -27.71 -12.01 10.30
C SER B 380 -26.22 -11.70 10.44
N ARG B 381 -25.56 -12.20 11.48
CA ARG B 381 -24.14 -11.97 11.61
C ARG B 381 -23.32 -12.85 10.67
N TYR B 382 -23.94 -13.77 9.95
CA TYR B 382 -23.23 -14.71 9.09
C TYR B 382 -23.32 -14.36 7.61
N GLY B 383 -23.77 -13.15 7.28
CA GLY B 383 -23.87 -12.72 5.90
C GLY B 383 -22.52 -12.41 5.28
N PRO B 384 -22.48 -12.18 3.95
CA PRO B 384 -23.62 -12.16 3.04
C PRO B 384 -23.93 -13.55 2.49
N ASP B 385 -23.12 -14.52 2.91
CA ASP B 385 -23.18 -15.89 2.41
C ASP B 385 -24.04 -16.79 3.28
N PHE B 386 -24.01 -16.57 4.60
CA PHE B 386 -24.75 -17.39 5.55
C PHE B 386 -24.37 -18.86 5.40
N GLU B 387 -23.09 -19.11 5.17
CA GLU B 387 -22.54 -20.46 5.09
C GLU B 387 -21.52 -20.71 6.20
N LEU B 388 -21.30 -22.00 6.51
CA LEU B 388 -20.45 -22.38 7.63
C LEU B 388 -18.95 -22.31 7.32
N ASP B 389 -18.52 -22.70 6.11
CA ASP B 389 -17.14 -22.48 5.71
C ASP B 389 -16.83 -21.00 5.72
N ILE B 390 -15.66 -20.63 6.27
CA ILE B 390 -15.26 -19.22 6.25
C ILE B 390 -15.08 -18.75 4.81
N ASP B 391 -15.34 -17.47 4.60
CA ASP B 391 -15.32 -16.84 3.27
C ASP B 391 -13.86 -16.58 2.91
N TYR B 392 -13.19 -17.62 2.45
CA TYR B 392 -11.78 -17.55 2.11
C TYR B 392 -11.44 -18.64 1.10
N PHE B 393 -10.52 -18.31 0.20
CA PHE B 393 -10.15 -19.18 -0.91
C PHE B 393 -8.67 -19.46 -0.84
N PRO B 394 -8.27 -20.63 -0.33
CA PRO B 394 -6.85 -20.95 -0.21
C PRO B 394 -6.15 -20.92 -1.56
N HIS B 395 -4.95 -20.34 -1.57
CA HIS B 395 -4.13 -20.29 -2.78
C HIS B 395 -2.67 -20.34 -2.39
N GLU B 396 -1.80 -20.51 -3.39
CA GLU B 396 -0.37 -20.53 -3.16
C GLU B 396 0.36 -19.51 -4.01
N ASP B 403 10.75 -22.76 2.99
CA ASP B 403 9.93 -22.37 4.12
C ASP B 403 9.89 -23.49 5.14
N SER B 404 10.71 -24.53 4.93
CA SER B 404 10.56 -25.71 5.75
C SER B 404 11.14 -25.49 7.13
N ILE B 405 10.77 -26.38 8.05
CA ILE B 405 11.13 -26.25 9.46
C ILE B 405 11.66 -27.59 9.98
N GLN B 406 12.33 -28.34 9.13
CA GLN B 406 12.87 -29.64 9.56
C GLN B 406 13.91 -29.47 10.67
N LYS B 407 14.63 -28.36 10.73
CA LYS B 407 15.58 -28.16 11.84
C LYS B 407 14.88 -27.91 13.17
N HIS B 408 13.66 -27.35 13.13
CA HIS B 408 12.88 -27.20 14.36
C HIS B 408 12.41 -28.55 14.89
N HIS B 409 11.94 -29.42 14.00
CA HIS B 409 11.60 -30.79 14.40
C HIS B 409 12.78 -31.44 15.12
N ARG B 410 13.97 -31.38 14.51
CA ARG B 410 15.14 -31.99 15.10
C ARG B 410 15.46 -31.40 16.47
N ARG B 411 15.43 -30.08 16.56
CA ARG B 411 15.64 -29.40 17.84
C ARG B 411 14.59 -29.82 18.86
N ILE B 412 13.33 -29.97 18.44
CA ILE B 412 12.27 -30.29 19.39
C ILE B 412 12.36 -31.74 19.83
N LEU B 413 12.68 -32.65 18.89
CA LEU B 413 12.89 -34.04 19.28
C LEU B 413 14.09 -34.21 20.21
N GLU B 414 15.16 -33.45 19.97
CA GLU B 414 16.29 -33.50 20.90
C GLU B 414 15.86 -33.02 22.28
N GLN B 415 15.05 -31.95 22.34
CA GLN B 415 14.57 -31.49 23.63
C GLN B 415 13.71 -32.55 24.31
N LEU B 416 12.86 -33.24 23.54
CA LEU B 416 12.03 -34.31 24.10
C LEU B 416 12.89 -35.44 24.66
N ARG B 417 13.96 -35.79 23.94
CA ARG B 417 14.91 -36.77 24.46
C ARG B 417 15.56 -36.27 25.75
N ASN B 418 15.97 -35.00 25.77
CA ASN B 418 16.58 -34.45 26.97
C ASN B 418 15.59 -34.42 28.12
N TYR B 419 14.33 -34.10 27.84
CA TYR B 419 13.30 -34.12 28.89
C TYR B 419 13.13 -35.54 29.44
N ALA B 420 13.06 -36.53 28.55
CA ALA B 420 12.82 -37.90 28.99
C ALA B 420 13.94 -38.41 29.88
N ASP B 421 15.19 -38.11 29.52
CA ASP B 421 16.31 -38.57 30.32
C ASP B 421 16.35 -37.85 31.67
N LEU B 422 16.15 -36.54 31.68
CA LEU B 422 16.19 -35.81 32.94
C LEU B 422 15.15 -36.33 33.91
N ASN B 423 14.01 -36.77 33.39
CA ASN B 423 12.90 -37.22 34.21
C ASN B 423 12.78 -38.74 34.27
N LYS B 424 13.77 -39.46 33.75
CA LYS B 424 13.86 -40.91 33.89
C LYS B 424 12.66 -41.61 33.26
N LEU B 425 12.26 -41.11 32.10
CA LEU B 425 11.15 -41.69 31.36
C LEU B 425 11.70 -42.53 30.23
N ILE B 426 10.93 -43.56 29.85
CA ILE B 426 11.28 -44.35 28.67
C ILE B 426 11.17 -43.46 27.43
N TYR B 427 12.21 -43.49 26.61
CA TYR B 427 12.25 -42.79 25.33
C TYR B 427 12.19 -43.86 24.25
N ASP B 428 10.98 -44.11 23.74
CA ASP B 428 10.76 -45.18 22.76
C ASP B 428 11.22 -44.68 21.40
N TYR B 429 12.52 -44.87 21.13
CA TYR B 429 13.08 -44.39 19.87
C TYR B 429 12.40 -45.02 18.66
N ASP B 430 12.12 -46.33 18.74
CA ASP B 430 11.52 -47.03 17.60
C ASP B 430 10.16 -46.45 17.25
N GLN B 431 9.35 -46.13 18.25
CA GLN B 431 8.02 -45.59 18.00
C GLN B 431 8.08 -44.20 17.38
N VAL B 432 8.89 -43.31 17.96
CA VAL B 432 9.05 -41.98 17.38
C VAL B 432 9.70 -42.06 16.02
N TYR B 433 10.68 -42.96 15.86
CA TYR B 433 11.28 -43.15 14.54
C TYR B 433 10.22 -43.52 13.51
N GLN B 434 9.42 -44.56 13.78
CA GLN B 434 8.42 -45.01 12.81
C GLN B 434 7.42 -43.90 12.52
N LEU B 435 7.06 -43.13 13.55
CA LEU B 435 6.17 -41.99 13.40
C LEU B 435 6.71 -41.01 12.35
N TYR B 436 7.93 -40.54 12.55
CA TYR B 436 8.53 -39.61 11.60
C TYR B 436 8.83 -40.29 10.26
N ASN B 437 9.12 -41.60 10.28
CA ASN B 437 9.40 -42.27 9.03
C ASN B 437 8.15 -42.46 8.18
N LEU B 438 6.96 -42.27 8.75
CA LEU B 438 5.77 -42.17 7.92
C LEU B 438 5.87 -41.01 6.94
N THR B 439 6.67 -40.00 7.28
CA THR B 439 6.88 -38.83 6.46
C THR B 439 8.23 -38.84 5.74
N GLY B 440 8.95 -39.96 5.81
CA GLY B 440 10.32 -39.98 5.31
C GLY B 440 11.30 -39.16 6.10
N MET B 441 10.96 -38.83 7.35
CA MET B 441 11.80 -37.98 8.18
C MET B 441 12.36 -38.71 9.41
N GLY B 442 12.43 -40.04 9.36
CA GLY B 442 12.96 -40.80 10.47
C GLY B 442 14.32 -40.33 10.94
N SER B 443 15.13 -39.82 10.02
CA SER B 443 16.50 -39.40 10.30
C SER B 443 16.60 -38.18 11.22
N LEU B 444 15.49 -37.49 11.46
CA LEU B 444 15.48 -36.37 12.38
C LEU B 444 15.44 -36.80 13.84
N VAL B 445 15.16 -38.08 14.10
CA VAL B 445 14.85 -38.55 15.45
C VAL B 445 16.15 -38.96 16.13
N PRO B 446 16.51 -38.33 17.25
CA PRO B 446 17.73 -38.74 17.97
C PRO B 446 17.46 -39.99 18.79
N ARG B 447 18.52 -40.74 19.06
CA ARG B 447 18.31 -41.98 19.82
C ARG B 447 18.69 -41.84 21.29
N SER C 3 -3.84 47.19 -20.06
CA SER C 3 -5.17 46.67 -19.79
C SER C 3 -5.15 45.15 -19.67
N VAL C 4 -5.46 44.63 -18.49
CA VAL C 4 -5.61 43.19 -18.26
C VAL C 4 -7.09 42.87 -18.31
N GLY C 5 -7.50 42.01 -19.25
CA GLY C 5 -8.88 41.62 -19.41
C GLY C 5 -9.15 40.28 -18.73
N ILE C 6 -10.41 40.02 -18.36
CA ILE C 6 -10.81 38.71 -17.83
C ILE C 6 -12.20 38.37 -18.33
N VAL C 7 -12.38 37.14 -18.80
CA VAL C 7 -13.66 36.72 -19.38
C VAL C 7 -14.60 36.33 -18.26
N TYR C 8 -15.73 37.03 -18.15
CA TYR C 8 -16.81 36.58 -17.29
C TYR C 8 -18.14 37.21 -17.70
N GLY C 9 -19.21 36.71 -17.11
CA GLY C 9 -20.56 37.14 -17.38
C GLY C 9 -21.52 36.23 -16.64
N ASP C 10 -22.74 36.70 -16.39
CA ASP C 10 -23.71 35.94 -15.59
C ASP C 10 -24.05 34.61 -16.25
N GLN C 11 -24.39 34.65 -17.54
CA GLN C 11 -24.76 33.42 -18.23
C GLN C 11 -23.53 32.55 -18.46
N TYR C 12 -22.37 33.17 -18.71
CA TYR C 12 -21.13 32.42 -18.90
C TYR C 12 -20.79 31.65 -17.64
N ARG C 13 -21.00 32.27 -16.47
CA ARG C 13 -20.81 31.60 -15.19
C ARG C 13 -21.71 30.36 -15.06
N GLN C 14 -23.02 30.52 -15.31
CA GLN C 14 -23.91 29.37 -15.19
C GLN C 14 -23.44 28.24 -16.08
N LEU C 15 -23.13 28.55 -17.34
CA LEU C 15 -22.74 27.53 -18.30
C LEU C 15 -21.48 26.81 -17.87
N CYS C 16 -20.43 27.57 -17.49
CA CYS C 16 -19.18 26.98 -17.06
C CYS C 16 -19.34 26.13 -15.79
N CYS C 17 -20.40 26.38 -15.00
CA CYS C 17 -20.67 25.59 -13.80
C CYS C 17 -21.70 24.50 -14.01
N SER C 18 -22.07 24.22 -15.26
CA SER C 18 -23.14 23.27 -15.56
C SER C 18 -22.63 21.86 -15.85
N SER C 19 -21.21 21.60 -15.84
CA SER C 19 -20.80 20.27 -16.24
C SER C 19 -20.67 19.35 -15.02
N PRO C 20 -20.97 18.06 -15.20
CA PRO C 20 -20.82 17.11 -14.09
C PRO C 20 -19.39 17.01 -13.58
N LYS C 21 -18.38 17.19 -14.42
CA LYS C 21 -17.01 17.01 -13.99
C LYS C 21 -16.42 18.23 -13.28
N PHE C 22 -16.64 19.45 -13.77
CA PHE C 22 -15.99 20.58 -13.12
C PHE C 22 -16.88 21.32 -12.14
N GLY C 23 -18.13 20.91 -12.01
CA GLY C 23 -19.00 21.45 -10.97
C GLY C 23 -19.00 22.96 -10.97
N ASP C 24 -18.71 23.55 -9.81
CA ASP C 24 -18.72 24.99 -9.63
C ASP C 24 -17.32 25.60 -9.55
N ARG C 25 -16.31 24.94 -10.13
CA ARG C 25 -14.93 25.40 -10.01
C ARG C 25 -14.78 26.83 -10.51
N TYR C 26 -15.33 27.10 -11.69
CA TYR C 26 -15.25 28.45 -12.24
C TYR C 26 -15.84 29.50 -11.29
N ALA C 27 -16.96 29.16 -10.66
CA ALA C 27 -17.56 30.07 -9.68
C ALA C 27 -16.61 30.32 -8.51
N LEU C 28 -15.98 29.24 -7.99
CA LEU C 28 -15.03 29.40 -6.89
C LEU C 28 -13.87 30.28 -7.32
N VAL C 29 -13.38 30.07 -8.54
CA VAL C 29 -12.24 30.85 -9.02
C VAL C 29 -12.60 32.32 -9.11
N MET C 30 -13.66 32.61 -9.86
CA MET C 30 -14.03 34.00 -10.08
C MET C 30 -14.45 34.69 -8.78
N ASP C 31 -15.00 33.95 -7.82
CA ASP C 31 -15.46 34.62 -6.61
C ASP C 31 -14.32 34.88 -5.63
N LEU C 32 -13.28 34.03 -5.65
CA LEU C 32 -12.11 34.32 -4.83
C LEU C 32 -11.34 35.49 -5.39
N ILE C 33 -11.26 35.59 -6.73
CA ILE C 33 -10.67 36.75 -7.39
C ILE C 33 -11.45 38.01 -7.03
N ASN C 34 -12.78 37.91 -7.07
CA ASN C 34 -13.63 38.99 -6.58
C ASN C 34 -13.41 39.26 -5.07
N ALA C 35 -13.28 38.21 -4.26
CA ALA C 35 -13.16 38.41 -2.81
C ALA C 35 -11.85 39.09 -2.42
N TYR C 36 -10.79 38.86 -3.19
CA TYR C 36 -9.53 39.58 -3.02
C TYR C 36 -9.53 40.96 -3.68
N LYS C 37 -10.69 41.42 -4.15
CA LYS C 37 -10.88 42.77 -4.72
C LYS C 37 -10.02 43.00 -5.96
N LEU C 38 -9.82 41.96 -6.75
CA LEU C 38 -9.08 42.12 -8.00
C LEU C 38 -9.95 42.53 -9.16
N ILE C 39 -11.25 42.20 -9.12
CA ILE C 39 -12.13 42.50 -10.26
C ILE C 39 -12.11 43.98 -10.64
N PRO C 40 -12.09 44.95 -9.72
CA PRO C 40 -12.01 46.37 -10.14
C PRO C 40 -10.79 46.69 -10.98
N GLU C 41 -9.72 45.91 -10.87
CA GLU C 41 -8.51 46.16 -11.63
C GLU C 41 -8.58 45.63 -13.06
N LEU C 42 -9.55 44.77 -13.35
CA LEU C 42 -9.58 44.01 -14.59
C LEU C 42 -10.68 44.53 -15.49
N SER C 43 -10.43 44.42 -16.79
CA SER C 43 -11.43 44.76 -17.80
C SER C 43 -12.25 43.52 -18.09
N ARG C 44 -13.56 43.57 -17.84
CA ARG C 44 -14.41 42.46 -18.22
C ARG C 44 -14.44 42.32 -19.73
N VAL C 45 -14.12 41.11 -20.20
CA VAL C 45 -14.21 40.77 -21.62
C VAL C 45 -15.45 39.91 -21.82
N PRO C 46 -16.46 40.38 -22.55
CA PRO C 46 -17.69 39.61 -22.67
C PRO C 46 -17.52 38.46 -23.66
N PRO C 47 -18.08 37.30 -23.37
CA PRO C 47 -18.01 36.19 -24.33
C PRO C 47 -18.61 36.60 -25.67
N LEU C 48 -18.01 36.09 -26.72
CA LEU C 48 -18.50 36.34 -28.07
C LEU C 48 -19.84 35.65 -28.30
N GLN C 49 -20.77 36.37 -28.93
CA GLN C 49 -21.99 35.77 -29.46
C GLN C 49 -22.05 36.04 -30.97
N TRP C 50 -22.86 35.25 -31.68
CA TRP C 50 -22.91 35.35 -33.14
C TRP C 50 -24.26 35.83 -33.64
N ASP C 51 -24.26 36.31 -34.91
CA ASP C 51 -25.45 36.84 -35.59
C ASP C 51 -26.50 35.78 -35.88
N SER C 52 -26.12 34.51 -35.91
CA SER C 52 -27.02 33.44 -36.33
C SER C 52 -26.39 32.09 -36.05
N PRO C 53 -27.16 30.99 -36.12
CA PRO C 53 -26.53 29.67 -36.07
C PRO C 53 -25.55 29.42 -37.20
N SER C 54 -25.75 29.99 -38.40
CA SER C 54 -24.80 29.74 -39.48
C SER C 54 -23.45 30.36 -39.19
N ARG C 55 -23.44 31.59 -38.66
CA ARG C 55 -22.18 32.20 -38.23
C ARG C 55 -21.51 31.37 -37.15
N MET C 56 -22.27 30.92 -36.16
CA MET C 56 -21.68 30.08 -35.10
C MET C 56 -21.01 28.85 -35.70
N TYR C 57 -21.70 28.15 -36.61
CA TYR C 57 -21.13 26.97 -37.24
C TYR C 57 -19.87 27.30 -38.03
N GLU C 58 -19.89 28.41 -38.75
CA GLU C 58 -18.74 28.84 -39.51
C GLU C 58 -17.54 29.06 -38.58
N ALA C 59 -17.76 29.65 -37.40
CA ALA C 59 -16.66 29.84 -36.46
C ALA C 59 -16.20 28.51 -35.88
N VAL C 60 -17.13 27.68 -35.43
CA VAL C 60 -16.72 26.44 -34.79
C VAL C 60 -16.07 25.49 -35.80
N THR C 61 -16.59 25.45 -37.03
CA THR C 61 -16.05 24.52 -38.02
C THR C 61 -14.81 25.06 -38.71
N ALA C 62 -14.24 26.14 -38.22
CA ALA C 62 -12.89 26.50 -38.65
C ALA C 62 -11.89 25.41 -38.25
N PHE C 63 -12.19 24.67 -37.17
CA PHE C 63 -11.38 23.52 -36.78
C PHE C 63 -12.18 22.23 -36.73
N HIS C 64 -13.32 22.21 -36.06
CA HIS C 64 -14.05 20.96 -35.89
C HIS C 64 -14.82 20.63 -37.16
N SER C 65 -15.11 19.34 -37.35
CA SER C 65 -15.91 18.95 -38.51
C SER C 65 -17.37 19.31 -38.31
N THR C 66 -18.06 19.54 -39.41
CA THR C 66 -19.51 19.79 -39.32
C THR C 66 -20.21 18.58 -38.70
N GLU C 67 -19.75 17.37 -39.04
CA GLU C 67 -20.44 16.19 -38.53
C GLU C 67 -20.22 16.03 -37.03
N TYR C 68 -19.07 16.44 -36.51
CA TYR C 68 -18.87 16.34 -35.07
C TYR C 68 -19.69 17.40 -34.33
N VAL C 69 -19.74 18.64 -34.83
CA VAL C 69 -20.56 19.67 -34.19
C VAL C 69 -22.02 19.26 -34.19
N ASP C 70 -22.50 18.71 -35.31
CA ASP C 70 -23.87 18.22 -35.41
C ASP C 70 -24.16 17.18 -34.32
N ALA C 71 -23.21 16.27 -34.10
CA ALA C 71 -23.45 15.20 -33.14
C ALA C 71 -23.47 15.74 -31.72
N LEU C 72 -22.65 16.76 -31.47
CA LEU C 72 -22.57 17.39 -30.17
C LEU C 72 -23.85 18.16 -29.87
N LYS C 73 -24.39 18.84 -30.88
CA LYS C 73 -25.68 19.48 -30.71
C LYS C 73 -26.76 18.45 -30.42
N LYS C 74 -26.79 17.38 -31.22
CA LYS C 74 -27.79 16.34 -31.03
C LYS C 74 -27.67 15.68 -29.66
N LEU C 75 -26.45 15.42 -29.20
CA LEU C 75 -26.25 14.77 -27.90
C LEU C 75 -26.87 15.61 -26.78
N GLN C 76 -26.67 16.93 -26.83
CA GLN C 76 -27.31 17.84 -25.87
C GLN C 76 -28.82 17.71 -25.93
N MET C 77 -29.38 17.79 -27.15
CA MET C 77 -30.82 17.61 -27.34
C MET C 77 -31.29 16.30 -26.72
N LEU C 78 -30.54 15.22 -26.94
CA LEU C 78 -30.97 13.91 -26.45
C LEU C 78 -31.03 13.87 -24.92
N HIS C 79 -30.05 14.50 -24.26
CA HIS C 79 -30.03 14.49 -22.79
C HIS C 79 -31.03 15.46 -22.17
N CYS C 80 -31.55 16.43 -22.93
CA CYS C 80 -32.59 17.28 -22.36
C CYS C 80 -33.96 16.63 -22.38
N GLU C 81 -34.14 15.54 -23.13
CA GLU C 81 -35.41 14.84 -23.21
C GLU C 81 -35.43 13.57 -22.35
N GLU C 84 -34.10 7.74 -23.75
CA GLU C 84 -32.96 6.88 -24.02
C GLU C 84 -32.52 6.98 -25.48
N LEU C 85 -31.30 6.53 -25.77
CA LEU C 85 -30.76 6.61 -27.11
C LEU C 85 -31.13 5.37 -27.91
N THR C 86 -31.32 5.57 -29.21
CA THR C 86 -31.43 4.43 -30.13
C THR C 86 -30.05 3.87 -30.42
N ALA C 87 -30.02 2.63 -30.91
CA ALA C 87 -28.75 1.95 -31.17
C ALA C 87 -27.95 2.70 -32.22
N ASP C 88 -28.61 3.27 -33.23
CA ASP C 88 -27.87 4.06 -34.21
C ASP C 88 -27.39 5.38 -33.62
N ASP C 89 -28.19 5.98 -32.74
CA ASP C 89 -27.74 7.17 -32.02
C ASP C 89 -26.48 6.86 -31.22
N GLU C 90 -26.48 5.74 -30.51
CA GLU C 90 -25.32 5.39 -29.68
C GLU C 90 -24.08 5.18 -30.54
N LEU C 91 -24.22 4.46 -31.67
CA LEU C 91 -23.10 4.31 -32.59
C LEU C 91 -22.61 5.66 -33.06
N LEU C 92 -23.54 6.56 -33.41
CA LEU C 92 -23.16 7.90 -33.84
C LEU C 92 -22.30 8.60 -32.78
N MET C 93 -22.75 8.59 -31.52
CA MET C 93 -21.97 9.23 -30.47
C MET C 93 -20.65 8.50 -30.23
N ASP C 94 -20.66 7.17 -30.25
CA ASP C 94 -19.40 6.43 -30.10
C ASP C 94 -18.39 6.81 -31.18
N SER C 95 -18.87 7.02 -32.42
CA SER C 95 -17.93 7.34 -33.50
C SER C 95 -17.20 8.66 -33.26
N PHE C 96 -17.70 9.51 -32.36
CA PHE C 96 -17.05 10.77 -32.03
C PHE C 96 -16.45 10.76 -30.63
N SER C 97 -16.39 9.60 -29.97
CA SER C 97 -15.94 9.47 -28.58
C SER C 97 -16.77 10.32 -27.64
N LEU C 98 -18.07 10.44 -27.93
CA LEU C 98 -19.02 11.07 -27.01
C LEU C 98 -19.54 10.02 -26.02
N ASN C 99 -18.60 9.54 -25.19
CA ASN C 99 -18.90 8.47 -24.25
C ASN C 99 -17.81 8.45 -23.18
N TYR C 100 -18.03 7.58 -22.19
CA TYR C 100 -17.07 7.31 -21.11
C TYR C 100 -16.60 8.59 -20.42
N ASP C 101 -15.35 8.99 -20.66
CA ASP C 101 -14.81 10.19 -20.02
C ASP C 101 -15.31 11.48 -20.64
N CYS C 102 -16.04 11.38 -21.75
CA CYS C 102 -16.62 12.55 -22.42
C CYS C 102 -18.10 12.30 -22.65
N PRO C 103 -18.87 12.21 -21.56
CA PRO C 103 -20.28 11.82 -21.69
C PRO C 103 -21.15 13.02 -22.02
N GLY C 104 -22.36 12.70 -22.45
CA GLY C 104 -23.35 13.72 -22.61
C GLY C 104 -23.94 14.15 -21.29
N PHE C 105 -24.45 15.37 -21.29
CA PHE C 105 -25.24 15.91 -20.20
C PHE C 105 -26.09 17.04 -20.76
N PRO C 106 -27.14 17.44 -20.05
CA PRO C 106 -28.15 18.31 -20.69
C PRO C 106 -27.62 19.68 -21.14
N SER C 107 -26.41 20.07 -20.76
CA SER C 107 -25.84 21.32 -21.27
C SER C 107 -24.58 21.11 -22.09
N VAL C 108 -24.29 19.88 -22.52
CA VAL C 108 -22.94 19.59 -23.00
C VAL C 108 -22.54 20.50 -24.15
N PHE C 109 -23.49 20.85 -25.03
CA PHE C 109 -23.09 21.68 -26.16
C PHE C 109 -22.93 23.14 -25.76
N ASP C 110 -23.90 23.69 -25.01
CA ASP C 110 -23.80 25.06 -24.51
C ASP C 110 -22.56 25.24 -23.64
N TYR C 111 -22.27 24.26 -22.78
CA TYR C 111 -21.10 24.32 -21.93
C TYR C 111 -19.82 24.38 -22.75
N SER C 112 -19.70 23.48 -23.74
CA SER C 112 -18.49 23.40 -24.57
C SER C 112 -18.32 24.65 -25.40
N LEU C 113 -19.40 25.14 -26.00
CA LEU C 113 -19.32 26.35 -26.83
C LEU C 113 -18.92 27.58 -26.01
N ALA C 114 -19.38 27.64 -24.76
CA ALA C 114 -19.15 28.83 -23.95
C ALA C 114 -17.65 29.12 -23.84
N ALA C 115 -16.83 28.07 -23.64
CA ALA C 115 -15.38 28.27 -23.62
C ALA C 115 -14.89 28.82 -24.96
N VAL C 116 -15.42 28.30 -26.05
CA VAL C 116 -15.04 28.85 -27.36
C VAL C 116 -15.43 30.32 -27.44
N GLN C 117 -16.65 30.68 -26.97
CA GLN C 117 -17.08 32.08 -26.95
C GLN C 117 -16.13 32.93 -26.12
N GLY C 118 -15.68 32.40 -24.97
CA GLY C 118 -14.81 33.17 -24.11
C GLY C 118 -13.44 33.38 -24.71
N SER C 119 -12.85 32.32 -25.27
CA SER C 119 -11.48 32.45 -25.76
C SER C 119 -11.41 33.18 -27.09
N LEU C 120 -12.44 33.05 -27.94
CA LEU C 120 -12.50 33.88 -29.15
C LEU C 120 -12.61 35.37 -28.80
N ALA C 121 -13.46 35.71 -27.81
CA ALA C 121 -13.56 37.08 -27.33
C ALA C 121 -12.23 37.60 -26.81
N ALA C 122 -11.56 36.80 -25.98
CA ALA C 122 -10.22 37.11 -25.49
C ALA C 122 -9.25 37.39 -26.62
N ALA C 123 -9.17 36.46 -27.57
CA ALA C 123 -8.33 36.66 -28.75
C ALA C 123 -8.62 37.99 -29.44
N SER C 124 -9.91 38.33 -29.60
CA SER C 124 -10.29 39.57 -30.28
C SER C 124 -9.88 40.79 -29.49
N ALA C 125 -10.01 40.75 -28.16
CA ALA C 125 -9.59 41.86 -27.33
C ALA C 125 -8.09 42.12 -27.47
N LEU C 126 -7.28 41.07 -27.65
CA LEU C 126 -5.85 41.28 -27.89
C LEU C 126 -5.62 41.89 -29.28
N ILE C 127 -6.36 41.41 -30.28
CA ILE C 127 -6.09 41.83 -31.66
C ILE C 127 -6.30 43.33 -31.81
N CYS C 128 -7.46 43.82 -31.34
CA CYS C 128 -7.76 45.23 -31.44
C CYS C 128 -7.05 46.05 -30.37
N ARG C 129 -6.14 45.43 -29.61
CA ARG C 129 -5.28 46.11 -28.63
C ARG C 129 -6.08 46.74 -27.48
N HIS C 130 -7.30 46.28 -27.25
CA HIS C 130 -8.04 46.72 -26.08
C HIS C 130 -7.42 46.18 -24.79
N CYS C 131 -6.76 45.01 -24.85
CA CYS C 131 -6.09 44.43 -23.69
C CYS C 131 -4.69 43.97 -24.06
N GLU C 132 -3.74 44.16 -23.14
CA GLU C 132 -2.40 43.58 -23.31
C GLU C 132 -2.42 42.11 -22.94
N VAL C 133 -3.20 41.74 -21.94
CA VAL C 133 -3.34 40.36 -21.52
C VAL C 133 -4.82 40.10 -21.34
N VAL C 134 -5.26 38.89 -21.68
CA VAL C 134 -6.62 38.49 -21.32
C VAL C 134 -6.57 37.11 -20.67
N ILE C 135 -7.24 36.99 -19.55
CA ILE C 135 -7.43 35.73 -18.83
C ILE C 135 -8.83 35.18 -19.14
N ASN C 136 -8.94 33.85 -19.25
CA ASN C 136 -10.23 33.16 -19.39
C ASN C 136 -10.12 31.88 -18.57
N TRP C 137 -10.60 31.91 -17.34
CA TRP C 137 -10.50 30.73 -16.50
C TRP C 137 -11.59 29.71 -16.81
N GLY C 138 -12.40 29.97 -17.83
CA GLY C 138 -13.33 28.99 -18.33
C GLY C 138 -12.88 28.29 -19.61
N GLY C 139 -11.70 28.61 -20.13
CA GLY C 139 -11.17 27.95 -21.29
C GLY C 139 -9.97 27.07 -20.96
N GLY C 140 -9.35 26.55 -22.02
CA GLY C 140 -8.13 25.78 -21.91
C GLY C 140 -8.27 24.29 -22.24
N TRP C 141 -9.25 23.92 -23.07
CA TRP C 141 -9.61 22.51 -23.25
C TRP C 141 -8.79 21.93 -24.39
N HIS C 142 -7.55 21.54 -24.05
CA HIS C 142 -6.52 21.29 -25.04
C HIS C 142 -6.61 19.94 -25.71
N HIS C 143 -7.44 19.00 -25.22
CA HIS C 143 -7.45 17.66 -25.79
C HIS C 143 -8.43 17.48 -26.95
N ALA C 144 -9.44 18.34 -27.12
CA ALA C 144 -10.47 18.07 -28.11
C ALA C 144 -9.88 18.13 -29.51
N LYS C 145 -10.35 17.24 -30.39
CA LYS C 145 -9.78 17.12 -31.74
C LYS C 145 -10.86 17.42 -32.76
N ARG C 146 -10.41 17.56 -34.01
CA ARG C 146 -11.29 17.90 -35.13
C ARG C 146 -12.65 17.23 -35.03
N SER C 147 -12.67 15.91 -34.83
CA SER C 147 -13.89 15.14 -34.85
C SER C 147 -13.93 14.17 -33.68
N GLU C 148 -13.40 14.58 -32.52
CA GLU C 148 -13.33 13.67 -31.39
C GLU C 148 -13.27 14.47 -30.10
N ALA C 149 -14.11 14.09 -29.13
CA ALA C 149 -13.97 14.62 -27.78
C ALA C 149 -12.94 13.78 -27.02
N SER C 150 -12.23 14.41 -26.08
CA SER C 150 -11.18 13.69 -25.37
C SER C 150 -10.90 14.39 -24.05
N GLY C 151 -10.80 13.61 -22.98
CA GLY C 151 -10.34 14.16 -21.70
C GLY C 151 -11.26 15.21 -21.13
N PHE C 152 -12.57 15.01 -21.29
CA PHE C 152 -13.63 15.98 -20.99
C PHE C 152 -13.48 17.29 -21.77
N CYS C 153 -12.73 17.29 -22.86
CA CYS C 153 -12.65 18.43 -23.78
C CYS C 153 -13.50 18.14 -25.02
N TYR C 154 -14.48 19.01 -25.29
CA TYR C 154 -15.47 18.76 -26.33
C TYR C 154 -15.24 19.61 -27.57
N LEU C 155 -14.83 20.85 -27.36
CA LEU C 155 -14.55 21.84 -28.39
C LEU C 155 -13.24 22.50 -28.03
N ASN C 156 -12.31 22.56 -28.96
CA ASN C 156 -11.00 23.09 -28.62
C ASN C 156 -11.08 24.61 -28.74
N ASP C 157 -11.39 25.27 -27.62
CA ASP C 157 -11.36 26.73 -27.58
C ASP C 157 -9.98 27.28 -27.87
N ILE C 158 -8.93 26.54 -27.48
CA ILE C 158 -7.57 27.05 -27.66
C ILE C 158 -7.21 27.14 -29.13
N VAL C 159 -7.51 26.08 -29.89
CA VAL C 159 -7.17 26.07 -31.31
C VAL C 159 -7.90 27.18 -32.05
N LEU C 160 -9.16 27.39 -31.70
CA LEU C 160 -9.95 28.43 -32.36
C LEU C 160 -9.44 29.83 -31.98
N ALA C 161 -9.13 30.06 -30.71
CA ALA C 161 -8.51 31.32 -30.30
C ALA C 161 -7.21 31.56 -31.06
N ILE C 162 -6.37 30.51 -31.17
CA ILE C 162 -5.09 30.66 -31.85
C ILE C 162 -5.31 30.95 -33.32
N HIS C 163 -6.24 30.23 -33.95
CA HIS C 163 -6.52 30.47 -35.36
C HIS C 163 -6.92 31.92 -35.63
N ARG C 164 -7.71 32.51 -34.73
CA ARG C 164 -8.11 33.91 -34.89
C ARG C 164 -6.91 34.85 -34.73
N LEU C 165 -6.05 34.57 -33.74
CA LEU C 165 -4.83 35.37 -33.56
C LEU C 165 -3.89 35.25 -34.75
N VAL C 166 -3.58 34.03 -35.18
CA VAL C 166 -2.60 33.84 -36.24
C VAL C 166 -3.11 34.36 -37.58
N SER C 167 -4.42 34.58 -37.70
CA SER C 167 -5.02 35.13 -38.91
C SER C 167 -5.16 36.65 -38.88
N SER C 168 -4.61 37.31 -37.85
CA SER C 168 -4.75 38.74 -37.68
C SER C 168 -3.61 39.48 -38.39
N THR C 169 -3.62 40.80 -38.29
CA THR C 169 -2.56 41.63 -38.84
C THR C 169 -2.52 42.98 -38.10
N GLN C 178 4.34 36.26 -41.17
CA GLN C 178 5.07 37.12 -40.24
C GLN C 178 4.46 37.07 -38.83
N THR C 179 3.12 37.02 -38.76
CA THR C 179 2.44 36.86 -37.47
C THR C 179 2.64 35.43 -36.98
N ARG C 180 3.31 35.28 -35.84
CA ARG C 180 3.52 33.98 -35.21
C ARG C 180 2.95 33.97 -33.79
N VAL C 181 2.44 32.79 -33.39
CA VAL C 181 1.91 32.54 -32.04
C VAL C 181 2.77 31.48 -31.37
N LEU C 182 3.11 31.70 -30.11
CA LEU C 182 3.74 30.71 -29.25
C LEU C 182 2.70 30.18 -28.28
N TYR C 183 2.42 28.90 -28.34
CA TYR C 183 1.54 28.24 -27.42
C TYR C 183 2.36 27.52 -26.36
N VAL C 184 2.10 27.82 -25.09
CA VAL C 184 2.81 27.23 -23.96
C VAL C 184 1.77 26.47 -23.13
N ASP C 185 1.97 25.18 -22.93
CA ASP C 185 0.98 24.32 -22.30
C ASP C 185 1.56 23.81 -20.99
N LEU C 186 1.14 24.40 -19.88
CA LEU C 186 1.72 24.16 -18.57
C LEU C 186 0.98 23.07 -17.80
N ASP C 187 -0.09 22.57 -18.37
CA ASP C 187 -0.91 21.52 -17.80
C ASP C 187 -0.10 20.26 -17.52
N LEU C 188 -0.51 19.51 -16.50
CA LEU C 188 0.13 18.23 -16.22
C LEU C 188 0.08 17.28 -17.42
N HIS C 189 -0.94 17.39 -18.27
CA HIS C 189 -1.08 16.54 -19.44
C HIS C 189 -0.57 17.21 -20.71
N HIS C 190 -0.12 16.38 -21.64
CA HIS C 190 0.34 16.84 -22.95
C HIS C 190 -0.77 17.54 -23.71
N GLY C 191 -0.47 18.70 -24.27
CA GLY C 191 -1.49 19.41 -25.03
C GLY C 191 -1.69 18.85 -26.43
N ASP C 192 -2.27 17.65 -26.52
CA ASP C 192 -2.20 16.91 -27.78
C ASP C 192 -3.13 17.48 -28.86
N GLY C 193 -4.29 18.03 -28.49
CA GLY C 193 -5.20 18.55 -29.50
C GLY C 193 -4.71 19.83 -30.15
N VAL C 194 -4.09 20.71 -29.39
CA VAL C 194 -3.50 21.92 -29.94
C VAL C 194 -2.32 21.57 -30.83
N GLU C 195 -1.41 20.73 -30.32
CA GLU C 195 -0.24 20.32 -31.09
C GLU C 195 -0.64 19.68 -32.41
N GLU C 196 -1.63 18.79 -32.37
CA GLU C 196 -2.09 18.10 -33.56
C GLU C 196 -2.70 19.08 -34.57
N ALA C 197 -3.47 20.06 -34.08
CA ALA C 197 -4.12 21.02 -34.96
C ALA C 197 -3.09 21.80 -35.77
N PHE C 198 -1.95 22.14 -35.17
CA PHE C 198 -0.95 22.98 -35.81
C PHE C 198 0.29 22.19 -36.19
N TRP C 199 0.14 20.86 -36.27
CA TRP C 199 1.27 20.00 -36.55
C TRP C 199 1.96 20.35 -37.86
N TYR C 200 1.21 20.80 -38.86
CA TYR C 200 1.81 21.14 -40.15
C TYR C 200 2.04 22.65 -40.32
N SER C 201 1.84 23.46 -39.27
CA SER C 201 1.85 24.92 -39.37
C SER C 201 3.06 25.54 -38.68
N PRO C 202 3.96 26.21 -39.42
CA PRO C 202 5.12 26.85 -38.77
C PRO C 202 4.78 28.14 -38.02
N ARG C 203 3.63 28.77 -38.28
CA ARG C 203 3.33 30.04 -37.63
C ARG C 203 2.80 29.88 -36.21
N VAL C 204 2.34 28.69 -35.84
CA VAL C 204 1.99 28.38 -34.45
C VAL C 204 3.01 27.37 -33.93
N VAL C 205 3.92 27.84 -33.07
CA VAL C 205 4.84 26.95 -32.37
C VAL C 205 4.21 26.57 -31.05
N THR C 206 4.20 25.26 -30.76
CA THR C 206 3.55 24.72 -29.58
C THR C 206 4.61 24.08 -28.69
N PHE C 207 4.51 24.33 -27.38
CA PHE C 207 5.45 23.80 -26.42
C PHE C 207 4.66 23.32 -25.22
N SER C 208 4.80 22.04 -24.89
CA SER C 208 4.05 21.43 -23.81
C SER C 208 5.00 20.77 -22.83
N VAL C 209 4.89 21.14 -21.57
CA VAL C 209 5.59 20.47 -20.48
C VAL C 209 4.54 19.66 -19.75
N HIS C 210 4.84 18.41 -19.43
CA HIS C 210 3.80 17.53 -18.93
C HIS C 210 4.44 16.31 -18.31
N HIS C 211 3.65 15.57 -17.56
CA HIS C 211 4.04 14.22 -17.20
C HIS C 211 3.79 13.28 -18.38
N ALA C 212 4.68 12.32 -18.57
CA ALA C 212 4.41 11.25 -19.50
C ALA C 212 4.95 9.95 -18.91
N SER C 213 4.20 8.87 -19.05
CA SER C 213 4.63 7.55 -18.62
C SER C 213 3.65 6.52 -19.20
N PRO C 214 4.05 5.26 -19.26
CA PRO C 214 3.19 4.26 -19.91
C PRO C 214 1.83 4.14 -19.26
N GLY C 215 0.79 4.31 -20.08
CA GLY C 215 -0.56 4.22 -19.59
C GLY C 215 -1.15 5.51 -19.09
N PHE C 216 -0.36 6.60 -19.05
CA PHE C 216 -0.86 7.89 -18.56
C PHE C 216 -1.46 8.69 -19.72
N PHE C 217 -2.67 9.21 -19.50
CA PHE C 217 -3.37 10.03 -20.48
C PHE C 217 -2.56 11.28 -20.90
N PRO C 218 -2.58 11.64 -22.21
CA PRO C 218 -3.24 10.93 -23.32
C PRO C 218 -2.27 10.01 -24.07
N GLY C 219 -1.01 9.96 -23.64
CA GLY C 219 -0.03 9.00 -24.16
C GLY C 219 1.02 9.60 -25.08
N THR C 220 0.79 10.80 -25.60
CA THR C 220 1.71 11.43 -26.53
C THR C 220 2.60 12.43 -25.79
N GLY C 221 3.37 13.19 -26.55
CA GLY C 221 4.33 14.14 -26.00
C GLY C 221 5.58 13.49 -25.46
N THR C 222 5.98 12.34 -25.98
CA THR C 222 7.19 11.70 -25.47
C THR C 222 7.82 10.89 -26.61
N TRP C 223 8.74 10.00 -26.25
CA TRP C 223 9.48 9.23 -27.24
C TRP C 223 8.55 8.37 -28.09
N ASN C 224 8.84 8.32 -29.39
CA ASN C 224 8.05 7.57 -30.36
C ASN C 224 8.26 6.06 -30.22
N LEU C 231 17.05 3.69 -31.72
CA LEU C 231 16.64 4.66 -30.71
C LEU C 231 15.34 5.35 -31.14
N PRO C 232 14.39 5.46 -30.22
CA PRO C 232 13.19 6.25 -30.50
C PRO C 232 13.54 7.73 -30.58
N ILE C 233 12.68 8.47 -31.28
CA ILE C 233 12.90 9.90 -31.50
C ILE C 233 11.66 10.67 -31.06
N PHE C 234 11.84 11.98 -30.92
CA PHE C 234 10.72 12.88 -30.79
C PHE C 234 10.24 13.31 -32.17
N LEU C 235 8.97 13.06 -32.45
CA LEU C 235 8.30 13.73 -33.56
C LEU C 235 8.02 15.18 -33.18
N ASN C 236 8.19 16.09 -34.14
CA ASN C 236 8.16 17.51 -33.77
C ASN C 236 7.47 18.36 -34.83
N GLY C 237 6.48 17.81 -35.52
CA GLY C 237 5.80 18.47 -36.61
C GLY C 237 6.15 17.81 -37.94
N ALA C 238 5.52 18.29 -39.00
CA ALA C 238 5.73 17.71 -40.32
C ALA C 238 5.43 18.76 -41.39
N GLY C 239 5.92 18.50 -42.59
CA GLY C 239 5.72 19.43 -43.69
C GLY C 239 6.40 20.76 -43.43
N ARG C 240 5.67 21.84 -43.71
CA ARG C 240 6.13 23.17 -43.35
C ARG C 240 6.25 23.34 -41.84
N GLY C 241 5.60 22.49 -41.05
CA GLY C 241 5.60 22.57 -39.60
C GLY C 241 6.62 21.70 -38.92
N ARG C 242 7.52 21.09 -39.67
CA ARG C 242 8.63 20.34 -39.09
C ARG C 242 9.40 21.20 -38.10
N PHE C 243 9.68 20.62 -36.94
CA PHE C 243 10.42 21.21 -35.83
C PHE C 243 9.61 22.26 -35.07
N SER C 244 8.33 22.48 -35.40
CA SER C 244 7.54 23.53 -34.76
C SER C 244 6.72 23.05 -33.57
N ALA C 245 6.88 21.79 -33.14
CA ALA C 245 6.11 21.26 -32.03
C ALA C 245 7.09 20.74 -30.99
N PHE C 246 7.08 21.36 -29.82
CA PHE C 246 8.05 21.07 -28.78
C PHE C 246 7.38 20.37 -27.59
N ASN C 247 8.14 19.50 -26.95
CA ASN C 247 7.64 18.70 -25.86
C ASN C 247 8.74 18.48 -24.83
N LEU C 248 8.43 18.77 -23.58
CA LEU C 248 9.32 18.40 -22.47
C LEU C 248 8.58 17.47 -21.54
N PRO C 249 8.73 16.16 -21.67
CA PRO C 249 8.04 15.26 -20.75
C PRO C 249 8.87 15.02 -19.51
N LEU C 250 8.28 15.14 -18.32
CA LEU C 250 8.99 15.02 -17.06
C LEU C 250 8.46 13.87 -16.20
N GLU C 251 9.35 13.25 -15.42
CA GLU C 251 8.94 12.21 -14.50
C GLU C 251 8.15 12.81 -13.34
N GLU C 252 7.37 11.97 -12.66
CA GLU C 252 6.59 12.45 -11.54
C GLU C 252 7.51 12.91 -10.40
N GLY C 253 6.93 13.70 -9.47
CA GLY C 253 7.57 14.16 -8.27
C GLY C 253 8.24 15.52 -8.33
N ILE C 254 8.27 16.18 -9.49
CA ILE C 254 9.11 17.37 -9.66
C ILE C 254 8.53 18.53 -8.86
N ASN C 255 9.41 19.32 -8.24
CA ASN C 255 8.94 20.43 -7.43
C ASN C 255 8.99 21.75 -8.23
N ASP C 256 8.65 22.85 -7.55
CA ASP C 256 8.63 24.18 -8.16
C ASP C 256 9.97 24.54 -8.79
N LEU C 257 11.07 24.36 -8.05
CA LEU C 257 12.36 24.85 -8.52
C LEU C 257 12.83 24.06 -9.74
N ASP C 258 12.78 22.74 -9.67
CA ASP C 258 13.24 21.94 -10.79
C ASP C 258 12.37 22.14 -12.03
N TRP C 259 11.07 22.36 -11.84
CA TRP C 259 10.16 22.62 -12.96
C TRP C 259 10.46 23.98 -13.57
N SER C 260 10.69 24.99 -12.72
CA SER C 260 11.07 26.32 -13.16
C SER C 260 12.37 26.29 -13.95
N ASN C 261 13.41 25.67 -13.39
CA ASN C 261 14.68 25.55 -14.09
C ASN C 261 14.56 24.71 -15.36
N ALA C 262 13.60 23.78 -15.40
CA ALA C 262 13.41 22.98 -16.60
C ALA C 262 12.88 23.82 -17.76
N ILE C 263 11.87 24.65 -17.52
CA ILE C 263 11.24 25.35 -18.63
C ILE C 263 11.68 26.81 -18.78
N GLY C 264 12.27 27.41 -17.76
CA GLY C 264 12.70 28.79 -17.83
C GLY C 264 13.56 29.13 -19.03
N PRO C 265 14.69 28.42 -19.19
CA PRO C 265 15.55 28.67 -20.35
C PRO C 265 14.88 28.33 -21.67
N ILE C 266 14.08 27.26 -21.69
CA ILE C 266 13.41 26.91 -22.94
C ILE C 266 12.46 28.02 -23.38
N LEU C 267 11.73 28.60 -22.41
CA LEU C 267 10.80 29.68 -22.71
C LEU C 267 11.50 30.90 -23.29
N ASP C 268 12.53 31.37 -22.59
CA ASP C 268 13.25 32.55 -23.08
C ASP C 268 13.83 32.28 -24.46
N SER C 269 14.37 31.08 -24.67
CA SER C 269 14.95 30.73 -25.97
C SER C 269 13.89 30.72 -27.07
N LEU C 270 12.71 30.15 -26.79
CA LEU C 270 11.63 30.19 -27.78
C LEU C 270 11.26 31.63 -28.10
N ASN C 271 11.16 32.48 -27.08
CA ASN C 271 10.80 33.88 -27.35
C ASN C 271 11.86 34.55 -28.21
N ILE C 272 13.13 34.30 -27.92
CA ILE C 272 14.21 34.94 -28.66
C ILE C 272 14.15 34.55 -30.14
N VAL C 273 14.04 33.25 -30.42
CA VAL C 273 14.13 32.79 -31.81
C VAL C 273 12.80 33.02 -32.54
N ILE C 274 11.68 32.66 -31.92
CA ILE C 274 10.41 32.75 -32.64
C ILE C 274 9.94 34.19 -32.73
N GLN C 275 10.24 35.02 -31.74
CA GLN C 275 9.73 36.38 -31.67
C GLN C 275 8.24 36.44 -31.99
N PRO C 276 7.40 35.75 -31.22
CA PRO C 276 5.97 35.67 -31.56
C PRO C 276 5.25 37.01 -31.37
N SER C 277 4.14 37.17 -32.10
CA SER C 277 3.23 38.30 -31.95
C SER C 277 2.23 38.12 -30.84
N TYR C 278 1.97 36.88 -30.47
CA TYR C 278 1.10 36.56 -29.36
C TYR C 278 1.65 35.33 -28.68
N VAL C 279 1.40 35.26 -27.38
CA VAL C 279 1.65 34.05 -26.60
C VAL C 279 0.31 33.56 -26.08
N VAL C 280 0.06 32.26 -26.19
CA VAL C 280 -1.13 31.65 -25.58
C VAL C 280 -0.66 30.65 -24.54
N VAL C 281 -1.11 30.81 -23.29
CA VAL C 281 -0.64 29.97 -22.18
C VAL C 281 -1.85 29.24 -21.62
N GLN C 282 -1.79 27.92 -21.64
CA GLN C 282 -2.71 27.08 -20.89
C GLN C 282 -2.10 26.83 -19.51
N CYS C 283 -2.85 27.14 -18.45
CA CYS C 283 -2.30 27.16 -17.09
CA CYS C 283 -2.32 27.17 -17.08
C CYS C 283 -3.04 26.18 -16.19
N GLY C 284 -3.32 24.99 -16.74
CA GLY C 284 -3.94 23.90 -16.03
C GLY C 284 -3.27 23.64 -14.69
N ALA C 285 -4.07 23.65 -13.62
CA ALA C 285 -3.61 23.59 -12.24
C ALA C 285 -3.38 22.17 -11.72
N ASP C 286 -3.36 21.15 -12.58
CA ASP C 286 -3.30 19.79 -12.06
C ASP C 286 -1.88 19.29 -11.79
N CYS C 287 -0.86 20.17 -11.89
CA CYS C 287 0.50 19.91 -11.40
C CYS C 287 0.67 20.26 -9.93
N LEU C 288 -0.34 20.87 -9.32
CA LEU C 288 -0.26 21.25 -7.91
C LEU C 288 -0.05 20.01 -7.06
N ALA C 289 0.82 20.12 -6.06
CA ALA C 289 1.11 18.99 -5.17
C ALA C 289 -0.15 18.41 -4.55
N THR C 290 -1.23 19.22 -4.44
CA THR C 290 -2.45 18.80 -3.80
C THR C 290 -3.54 18.40 -4.79
N ASP C 291 -3.27 18.43 -6.08
CA ASP C 291 -4.26 17.91 -7.01
C ASP C 291 -4.43 16.40 -6.79
N PRO C 292 -5.65 15.85 -6.91
CA PRO C 292 -5.81 14.41 -6.71
C PRO C 292 -4.97 13.54 -7.64
N HIS C 293 -4.42 14.07 -8.75
CA HIS C 293 -3.46 13.28 -9.52
C HIS C 293 -2.23 12.94 -8.69
N ARG C 294 -1.71 13.91 -7.95
CA ARG C 294 -0.57 13.68 -7.05
C ARG C 294 0.66 13.22 -7.83
N ILE C 295 0.89 13.84 -8.98
CA ILE C 295 2.03 13.49 -9.82
C ILE C 295 3.15 14.51 -9.63
N PHE C 296 2.88 15.79 -9.90
CA PHE C 296 3.88 16.83 -9.71
C PHE C 296 3.68 17.47 -8.34
N ARG C 297 4.65 18.27 -7.92
CA ARG C 297 4.60 18.88 -6.59
C ARG C 297 4.76 20.39 -6.68
N LEU C 298 3.99 21.01 -7.57
CA LEU C 298 4.07 22.46 -7.66
C LEU C 298 3.18 23.10 -6.59
N THR C 299 3.41 24.39 -6.33
CA THR C 299 2.63 25.11 -5.35
C THR C 299 2.08 26.40 -5.95
N ASN C 300 1.37 27.15 -5.13
CA ASN C 300 1.03 28.53 -5.45
C ASN C 300 1.81 29.53 -4.60
N PHE C 301 2.93 29.11 -4.01
CA PHE C 301 3.58 29.97 -3.01
C PHE C 301 4.18 31.19 -3.68
N TYR C 302 4.19 32.29 -2.94
CA TYR C 302 4.74 33.55 -3.45
C TYR C 302 5.56 34.20 -2.34
N PRO C 303 6.87 33.95 -2.31
CA PRO C 303 7.75 34.54 -1.30
C PRO C 303 8.03 36.01 -1.56
N SER C 316 10.65 29.06 -1.94
CA SER C 316 10.75 28.94 -3.39
C SER C 316 9.45 29.32 -4.12
N LEU C 317 9.61 30.09 -5.19
CA LEU C 317 8.47 30.61 -5.93
C LEU C 317 7.69 29.48 -6.61
N SER C 318 6.37 29.65 -6.67
CA SER C 318 5.51 28.77 -7.45
C SER C 318 6.04 28.61 -8.87
N GLY C 319 6.24 27.36 -9.31
CA GLY C 319 6.64 27.12 -10.68
C GLY C 319 5.71 27.81 -11.67
N TYR C 320 4.40 27.71 -11.43
CA TYR C 320 3.45 28.43 -12.26
C TYR C 320 3.72 29.94 -12.25
N LEU C 321 3.81 30.52 -11.05
CA LEU C 321 4.02 31.96 -10.97
C LEU C 321 5.33 32.36 -11.63
N TYR C 322 6.37 31.54 -11.45
CA TYR C 322 7.65 31.81 -12.12
C TYR C 322 7.47 31.83 -13.63
N ALA C 323 6.76 30.86 -14.18
CA ALA C 323 6.62 30.78 -15.63
C ALA C 323 5.77 31.94 -16.18
N ILE C 324 4.70 32.32 -15.48
CA ILE C 324 3.86 33.39 -15.98
C ILE C 324 4.61 34.72 -15.93
N LYS C 325 5.31 34.96 -14.83
CA LYS C 325 6.06 36.20 -14.73
C LYS C 325 7.07 36.32 -15.87
N LYS C 326 7.79 35.22 -16.15
CA LYS C 326 8.75 35.20 -17.25
C LYS C 326 8.09 35.50 -18.60
N ILE C 327 7.00 34.80 -18.90
CA ILE C 327 6.28 35.06 -20.15
C ILE C 327 5.82 36.52 -20.20
N LEU C 328 5.28 37.03 -19.08
CA LEU C 328 4.77 38.41 -19.10
C LEU C 328 5.89 39.42 -19.23
N SER C 329 7.11 39.07 -18.79
CA SER C 329 8.25 39.97 -18.93
C SER C 329 8.63 40.21 -20.38
N TRP C 330 8.16 39.37 -21.32
CA TRP C 330 8.47 39.58 -22.73
C TRP C 330 7.68 40.73 -23.36
N LYS C 331 6.64 41.22 -22.69
CA LYS C 331 5.79 42.29 -23.22
C LYS C 331 5.19 41.92 -24.58
N VAL C 332 4.71 40.69 -24.71
CA VAL C 332 4.01 40.24 -25.90
C VAL C 332 2.54 40.06 -25.53
N PRO C 333 1.59 40.49 -26.36
CA PRO C 333 0.17 40.30 -26.03
C PRO C 333 -0.16 38.84 -25.82
N THR C 334 -0.74 38.53 -24.66
CA THR C 334 -0.81 37.18 -24.14
C THR C 334 -2.24 36.82 -23.76
N LEU C 335 -2.60 35.57 -24.06
CA LEU C 335 -3.83 34.96 -23.60
C LEU C 335 -3.45 33.94 -22.54
N ILE C 336 -4.13 33.98 -21.40
CA ILE C 336 -3.91 33.05 -20.28
C ILE C 336 -5.20 32.27 -20.08
N LEU C 337 -5.14 30.96 -20.25
CA LEU C 337 -6.29 30.08 -20.13
C LEU C 337 -6.16 29.14 -18.93
N GLY C 338 -7.30 28.57 -18.55
CA GLY C 338 -7.28 27.56 -17.51
C GLY C 338 -6.99 26.18 -18.06
N GLY C 339 -7.77 25.20 -17.61
CA GLY C 339 -7.59 23.82 -18.02
C GLY C 339 -7.90 22.84 -16.90
N GLY C 340 -7.05 21.85 -16.72
CA GLY C 340 -7.25 20.89 -15.68
C GLY C 340 -7.09 21.51 -14.30
N GLY C 341 -7.38 20.70 -13.29
CA GLY C 341 -7.23 21.15 -11.94
C GLY C 341 -8.44 20.69 -11.17
N TYR C 342 -8.25 19.72 -10.30
CA TYR C 342 -9.35 18.95 -9.75
C TYR C 342 -9.46 19.03 -8.25
N ASN C 343 -8.58 19.77 -7.60
CA ASN C 343 -8.79 20.27 -6.25
C ASN C 343 -9.31 21.70 -6.45
N PHE C 344 -10.63 21.86 -6.43
CA PHE C 344 -11.22 23.15 -6.82
C PHE C 344 -10.74 24.31 -5.95
N PRO C 345 -10.78 24.22 -4.61
CA PRO C 345 -10.24 25.33 -3.81
C PRO C 345 -8.78 25.67 -4.10
N ASP C 346 -7.92 24.65 -4.27
CA ASP C 346 -6.53 24.92 -4.55
C ASP C 346 -6.31 25.42 -5.98
N THR C 347 -7.17 25.04 -6.93
CA THR C 347 -7.07 25.65 -8.26
C THR C 347 -7.41 27.14 -8.19
N ALA C 348 -8.49 27.48 -7.49
CA ALA C 348 -8.82 28.89 -7.30
C ALA C 348 -7.70 29.63 -6.56
N ARG C 349 -7.06 28.97 -5.59
CA ARG C 349 -5.94 29.60 -4.89
C ARG C 349 -4.79 29.91 -5.84
N LEU C 350 -4.44 28.97 -6.70
CA LEU C 350 -3.43 29.23 -7.70
C LEU C 350 -3.86 30.33 -8.66
N TRP C 351 -5.04 30.20 -9.26
CA TRP C 351 -5.42 31.10 -10.36
C TRP C 351 -5.69 32.51 -9.87
N THR C 352 -6.09 32.66 -8.61
CA THR C 352 -6.15 33.99 -8.01
C THR C 352 -4.76 34.64 -7.93
N ARG C 353 -3.73 33.86 -7.54
CA ARG C 353 -2.38 34.42 -7.51
C ARG C 353 -1.90 34.73 -8.92
N VAL C 354 -2.22 33.86 -9.89
CA VAL C 354 -1.83 34.15 -11.27
C VAL C 354 -2.48 35.44 -11.73
N THR C 355 -3.76 35.62 -11.41
CA THR C 355 -4.47 36.85 -11.78
C THR C 355 -3.82 38.09 -11.15
N ALA C 356 -3.50 38.02 -9.86
CA ALA C 356 -2.88 39.13 -9.17
C ALA C 356 -1.50 39.45 -9.74
N LEU C 357 -0.71 38.40 -10.03
CA LEU C 357 0.59 38.61 -10.64
C LEU C 357 0.46 39.28 -12.00
N THR C 358 -0.49 38.83 -12.81
CA THR C 358 -0.70 39.44 -14.11
C THR C 358 -0.97 40.93 -14.00
N ILE C 359 -1.79 41.33 -13.02
CA ILE C 359 -2.06 42.75 -12.80
C ILE C 359 -0.78 43.48 -12.41
N GLU C 360 -0.02 42.92 -11.48
CA GLU C 360 1.26 43.53 -11.07
C GLU C 360 2.18 43.70 -12.27
N GLU C 361 2.40 42.62 -13.02
CA GLU C 361 3.40 42.65 -14.09
C GLU C 361 3.00 43.60 -15.22
N VAL C 362 1.71 43.65 -15.56
CA VAL C 362 1.29 44.45 -16.72
C VAL C 362 1.04 45.90 -16.33
N LYS C 363 0.41 46.14 -15.19
CA LYS C 363 0.14 47.50 -14.77
C LYS C 363 1.23 48.09 -13.89
N GLY C 364 2.23 47.30 -13.51
CA GLY C 364 3.24 47.79 -12.57
C GLY C 364 2.65 48.24 -11.25
N LYS C 365 1.55 47.62 -10.85
CA LYS C 365 0.75 48.07 -9.72
C LYS C 365 0.71 46.94 -8.69
N LYS C 366 1.26 47.21 -7.51
CA LYS C 366 1.45 46.18 -6.49
C LYS C 366 0.12 45.60 -6.03
N MET C 367 0.03 44.27 -6.02
CA MET C 367 -1.15 43.54 -5.59
C MET C 367 -0.79 42.69 -4.38
N THR C 368 -1.05 43.21 -3.19
CA THR C 368 -0.81 42.48 -1.96
C THR C 368 -2.04 41.64 -1.64
N ILE C 369 -1.83 40.36 -1.36
CA ILE C 369 -2.95 39.46 -1.11
C ILE C 369 -2.83 38.94 0.32
N SER C 370 -3.90 39.08 1.09
CA SER C 370 -3.87 38.63 2.47
C SER C 370 -3.71 37.12 2.52
N PRO C 371 -2.92 36.60 3.46
CA PRO C 371 -2.80 35.13 3.58
C PRO C 371 -4.07 34.48 4.09
N GLU C 372 -4.99 35.24 4.65
CA GLU C 372 -6.27 34.72 5.10
C GLU C 372 -7.30 34.83 3.97
N ILE C 373 -8.02 33.76 3.71
CA ILE C 373 -9.06 33.83 2.68
C ILE C 373 -10.09 34.86 3.10
N PRO C 374 -10.49 35.79 2.25
CA PRO C 374 -11.48 36.80 2.63
C PRO C 374 -12.89 36.23 2.69
N GLU C 375 -13.73 36.92 3.47
CA GLU C 375 -15.16 36.64 3.51
C GLU C 375 -15.80 36.73 2.13
N HIS C 376 -16.45 35.64 1.74
CA HIS C 376 -17.29 35.56 0.55
C HIS C 376 -18.07 34.26 0.71
N SER C 377 -18.98 34.01 -0.22
CA SER C 377 -19.97 32.96 0.01
C SER C 377 -19.40 31.55 -0.17
N TYR C 378 -18.20 31.41 -0.74
CA TYR C 378 -17.49 30.15 -0.82
C TYR C 378 -16.37 30.04 0.21
N PHE C 379 -16.42 30.83 1.28
CA PHE C 379 -15.37 30.78 2.30
C PHE C 379 -15.24 29.40 2.92
N SER C 380 -16.37 28.70 3.13
CA SER C 380 -16.27 27.40 3.80
C SER C 380 -15.46 26.39 2.99
N ARG C 381 -15.31 26.57 1.68
CA ARG C 381 -14.59 25.62 0.84
C ARG C 381 -13.07 25.66 1.03
N TYR C 382 -12.56 26.65 1.77
CA TYR C 382 -11.14 26.84 1.95
C TYR C 382 -10.64 26.32 3.30
N GLY C 383 -11.42 25.46 3.95
CA GLY C 383 -11.04 24.86 5.22
C GLY C 383 -10.02 23.77 5.01
N PRO C 384 -9.36 23.33 6.09
CA PRO C 384 -9.58 23.71 7.49
C PRO C 384 -8.83 24.97 7.93
N ASP C 385 -7.96 25.49 7.07
CA ASP C 385 -7.06 26.58 7.39
C ASP C 385 -7.56 27.95 6.94
N PHE C 386 -8.38 27.99 5.89
CA PHE C 386 -8.88 29.26 5.34
C PHE C 386 -7.72 30.20 5.03
N GLU C 387 -6.66 29.64 4.46
CA GLU C 387 -5.50 30.39 4.03
C GLU C 387 -5.27 30.19 2.54
N LEU C 388 -4.52 31.12 1.97
CA LEU C 388 -4.33 31.18 0.53
C LEU C 388 -3.26 30.21 0.01
N ASP C 389 -2.18 30.00 0.75
CA ASP C 389 -1.19 28.99 0.37
C ASP C 389 -1.84 27.62 0.46
N ILE C 390 -1.57 26.78 -0.54
CA ILE C 390 -2.10 25.42 -0.49
C ILE C 390 -1.49 24.66 0.70
N ASP C 391 -2.21 23.65 1.17
CA ASP C 391 -1.81 22.94 2.38
C ASP C 391 -0.88 21.80 2.00
N TYR C 392 0.40 22.12 1.89
CA TYR C 392 1.45 21.22 1.44
C TYR C 392 2.78 21.75 1.93
N PHE C 393 3.68 20.83 2.27
CA PHE C 393 4.99 21.17 2.81
C PHE C 393 6.06 20.54 1.93
N PRO C 394 6.66 21.32 1.03
CA PRO C 394 7.67 20.76 0.13
C PRO C 394 8.85 20.19 0.91
N HIS C 395 9.54 19.25 0.28
CA HIS C 395 10.52 18.46 1.02
C HIS C 395 11.41 17.62 0.12
N GLU C 396 12.03 16.60 0.72
CA GLU C 396 13.03 15.70 0.13
C GLU C 396 14.41 16.35 0.04
N ASP C 403 18.38 12.83 -12.05
CA ASP C 403 17.04 13.23 -12.48
C ASP C 403 17.12 14.52 -13.32
N SER C 404 18.31 14.89 -13.77
CA SER C 404 18.45 16.09 -14.57
C SER C 404 17.98 15.83 -16.00
N ILE C 405 17.79 16.91 -16.75
CA ILE C 405 17.23 16.83 -18.10
C ILE C 405 18.05 17.66 -19.08
N GLN C 406 19.37 17.71 -18.86
CA GLN C 406 20.22 18.49 -19.75
C GLN C 406 20.23 17.94 -21.18
N LYS C 407 20.06 16.64 -21.37
CA LYS C 407 19.93 16.17 -22.75
C LYS C 407 18.62 16.60 -23.41
N HIS C 408 17.56 16.87 -22.63
CA HIS C 408 16.35 17.45 -23.23
C HIS C 408 16.59 18.89 -23.67
N HIS C 409 17.26 19.69 -22.84
CA HIS C 409 17.60 21.05 -23.24
C HIS C 409 18.35 21.05 -24.57
N ARG C 410 19.34 20.16 -24.69
CA ARG C 410 20.13 20.12 -25.91
C ARG C 410 19.31 19.62 -27.09
N ARG C 411 18.49 18.60 -26.87
CA ARG C 411 17.58 18.16 -27.93
C ARG C 411 16.64 19.30 -28.34
N ILE C 412 16.12 20.04 -27.36
CA ILE C 412 15.15 21.09 -27.67
C ILE C 412 15.81 22.27 -28.40
N LEU C 413 17.01 22.65 -27.95
CA LEU C 413 17.71 23.75 -28.60
C LEU C 413 18.13 23.38 -30.03
N GLU C 414 18.55 22.13 -30.25
CA GLU C 414 18.85 21.74 -31.64
C GLU C 414 17.60 21.78 -32.49
N GLN C 415 16.46 21.35 -31.93
CA GLN C 415 15.20 21.45 -32.66
C GLN C 415 14.85 22.91 -32.96
N LEU C 416 15.12 23.81 -32.02
CA LEU C 416 14.82 25.22 -32.25
C LEU C 416 15.74 25.82 -33.30
N ARG C 417 17.01 25.39 -33.30
CA ARG C 417 17.92 25.80 -34.36
C ARG C 417 17.43 25.28 -35.71
N ASN C 418 16.94 24.04 -35.74
CA ASN C 418 16.40 23.49 -36.97
C ASN C 418 15.15 24.24 -37.41
N TYR C 419 14.35 24.71 -36.46
CA TYR C 419 13.15 25.48 -36.80
C TYR C 419 13.52 26.82 -37.42
N ALA C 420 14.54 27.48 -36.86
CA ALA C 420 14.99 28.76 -37.39
C ALA C 420 15.55 28.62 -38.80
N ASP C 421 16.24 27.51 -39.07
CA ASP C 421 16.86 27.31 -40.38
C ASP C 421 15.80 27.01 -41.44
N LEU C 422 14.89 26.09 -41.15
CA LEU C 422 13.84 25.77 -42.11
C LEU C 422 13.03 27.01 -42.47
N ASN C 423 12.75 27.86 -41.48
CA ASN C 423 11.86 28.99 -41.68
C ASN C 423 12.58 30.30 -41.96
N LYS C 424 13.89 30.25 -42.21
CA LYS C 424 14.68 31.43 -42.60
C LYS C 424 14.62 32.54 -41.55
N LEU C 425 14.68 32.16 -40.28
CA LEU C 425 14.66 33.14 -39.21
C LEU C 425 16.07 33.35 -38.66
N ILE C 426 16.31 34.56 -38.13
CA ILE C 426 17.58 34.83 -37.48
C ILE C 426 17.69 33.99 -36.23
N TYR C 427 18.80 33.27 -36.10
CA TYR C 427 19.10 32.45 -34.92
C TYR C 427 20.25 33.12 -34.18
N ASP C 428 19.91 33.87 -33.13
CA ASP C 428 20.89 34.62 -32.35
C ASP C 428 21.59 33.68 -31.39
N TYR C 429 22.60 32.97 -31.92
CA TYR C 429 23.37 32.06 -31.09
C TYR C 429 23.92 32.77 -29.86
N ASP C 430 24.42 34.00 -30.04
CA ASP C 430 25.05 34.70 -28.93
C ASP C 430 24.05 34.96 -27.81
N GLN C 431 22.81 35.30 -28.16
CA GLN C 431 21.83 35.53 -27.11
C GLN C 431 21.35 34.25 -26.45
N VAL C 432 21.23 33.16 -27.20
CA VAL C 432 20.82 31.92 -26.53
C VAL C 432 21.97 31.38 -25.68
N TYR C 433 23.21 31.56 -26.13
CA TYR C 433 24.34 31.13 -25.33
C TYR C 433 24.39 31.85 -23.99
N GLN C 434 24.23 33.19 -24.00
CA GLN C 434 24.29 33.96 -22.76
C GLN C 434 23.21 33.53 -21.80
N LEU C 435 22.01 33.26 -22.32
CA LEU C 435 20.91 32.86 -21.47
C LEU C 435 21.24 31.58 -20.73
N TYR C 436 21.70 30.55 -21.47
CA TYR C 436 22.08 29.29 -20.84
C TYR C 436 23.35 29.43 -20.03
N ASN C 437 24.22 30.37 -20.41
CA ASN C 437 25.42 30.64 -19.63
C ASN C 437 25.10 31.14 -18.23
N LEU C 438 23.91 31.71 -18.00
CA LEU C 438 23.56 32.17 -16.66
C LEU C 438 23.56 31.04 -15.64
N THR C 439 23.42 29.80 -16.10
CA THR C 439 23.46 28.63 -15.23
C THR C 439 24.59 27.68 -15.63
N GLY C 440 25.67 28.23 -16.17
CA GLY C 440 26.83 27.45 -16.59
C GLY C 440 26.53 26.37 -17.61
N MET C 441 25.50 26.55 -18.43
CA MET C 441 25.07 25.53 -19.38
C MET C 441 25.15 26.00 -20.83
N GLY C 442 25.97 27.01 -21.11
CA GLY C 442 26.06 27.51 -22.47
C GLY C 442 26.49 26.47 -23.48
N SER C 443 27.23 25.46 -23.04
CA SER C 443 27.73 24.40 -23.92
C SER C 443 26.61 23.57 -24.54
N LEU C 444 25.39 23.69 -24.04
CA LEU C 444 24.26 22.98 -24.63
C LEU C 444 23.76 23.66 -25.90
N VAL C 445 24.17 24.89 -26.14
CA VAL C 445 23.60 25.72 -27.20
C VAL C 445 24.34 25.42 -28.50
N PRO C 446 23.65 25.01 -29.56
CA PRO C 446 24.31 24.77 -30.84
C PRO C 446 24.47 26.07 -31.63
N ARG C 447 25.40 26.06 -32.57
CA ARG C 447 25.68 27.29 -33.31
C ARG C 447 24.84 27.40 -34.57
N SER D 3 -25.41 -3.65 -28.91
CA SER D 3 -24.19 -3.00 -29.37
C SER D 3 -22.98 -3.94 -29.30
N VAL D 4 -22.26 -4.05 -30.41
CA VAL D 4 -21.00 -4.80 -30.46
C VAL D 4 -19.87 -3.80 -30.49
N GLY D 5 -18.97 -3.87 -29.50
CA GLY D 5 -17.83 -2.98 -29.44
C GLY D 5 -16.56 -3.62 -29.94
N ILE D 6 -15.60 -2.78 -30.35
CA ILE D 6 -14.32 -3.30 -30.81
C ILE D 6 -13.23 -2.32 -30.38
N VAL D 7 -12.14 -2.83 -29.83
CA VAL D 7 -11.08 -1.95 -29.33
C VAL D 7 -10.21 -1.54 -30.50
N TYR D 8 -10.07 -0.23 -30.69
CA TYR D 8 -9.01 0.29 -31.54
C TYR D 8 -8.77 1.75 -31.17
N GLY D 9 -7.81 2.36 -31.84
CA GLY D 9 -7.38 3.72 -31.60
C GLY D 9 -6.08 3.95 -32.33
N ASP D 10 -5.77 5.21 -32.69
CA ASP D 10 -4.56 5.47 -33.46
C ASP D 10 -3.30 5.06 -32.70
N GLN D 11 -3.16 5.52 -31.45
CA GLN D 11 -2.00 5.12 -30.65
C GLN D 11 -1.96 3.62 -30.43
N TYR D 12 -3.12 3.03 -30.11
CA TYR D 12 -3.21 1.60 -29.88
C TYR D 12 -2.76 0.81 -31.11
N ARG D 13 -3.18 1.23 -32.30
CA ARG D 13 -2.75 0.58 -33.52
C ARG D 13 -1.23 0.65 -33.67
N GLN D 14 -0.66 1.82 -33.42
CA GLN D 14 0.78 1.97 -33.48
C GLN D 14 1.48 1.02 -32.51
N LEU D 15 0.99 0.92 -31.27
CA LEU D 15 1.62 0.04 -30.29
C LEU D 15 1.40 -1.44 -30.63
N CYS D 16 0.17 -1.84 -30.97
CA CYS D 16 -0.04 -3.25 -31.31
C CYS D 16 0.82 -3.69 -32.48
N CYS D 17 1.25 -2.76 -33.34
CA CYS D 17 2.07 -3.08 -34.49
C CYS D 17 3.57 -2.92 -34.25
N SER D 18 4.00 -2.72 -33.00
N SER D 18 4.01 -2.74 -33.00
CA SER D 18 5.36 -2.31 -32.71
CA SER D 18 5.40 -2.38 -32.74
C SER D 18 6.28 -3.47 -32.31
C SER D 18 6.27 -3.54 -32.30
N SER D 19 5.76 -4.74 -32.25
CA SER D 19 6.63 -5.81 -31.79
C SER D 19 7.34 -6.51 -32.95
N PRO D 20 8.52 -7.09 -32.72
CA PRO D 20 9.23 -7.75 -33.83
C PRO D 20 8.55 -9.03 -34.27
N LYS D 21 7.80 -9.68 -33.39
CA LYS D 21 7.16 -10.94 -33.75
C LYS D 21 5.88 -10.73 -34.54
N PHE D 22 4.99 -9.85 -34.09
CA PHE D 22 3.68 -9.76 -34.72
C PHE D 22 3.61 -8.66 -35.78
N GLY D 23 4.63 -7.84 -35.90
CA GLY D 23 4.74 -6.91 -37.01
C GLY D 23 3.50 -6.07 -37.14
N ASP D 24 3.00 -5.97 -38.37
CA ASP D 24 1.84 -5.16 -38.69
C ASP D 24 0.54 -5.97 -38.72
N ARG D 25 0.49 -7.13 -38.05
CA ARG D 25 -0.69 -7.99 -38.13
C ARG D 25 -1.96 -7.27 -37.72
N TYR D 26 -1.91 -6.54 -36.60
CA TYR D 26 -3.12 -5.92 -36.07
C TYR D 26 -3.71 -4.94 -37.07
N ALA D 27 -2.84 -4.24 -37.80
CA ALA D 27 -3.26 -3.33 -38.86
C ALA D 27 -3.98 -4.06 -39.99
N LEU D 28 -3.46 -5.22 -40.42
CA LEU D 28 -4.15 -5.97 -41.46
C LEU D 28 -5.53 -6.38 -41.00
N VAL D 29 -5.63 -6.86 -39.76
CA VAL D 29 -6.95 -7.23 -39.22
C VAL D 29 -7.89 -6.03 -39.27
N MET D 30 -7.46 -4.90 -38.71
CA MET D 30 -8.38 -3.77 -38.59
C MET D 30 -8.68 -3.12 -39.94
N ASP D 31 -7.73 -3.16 -40.88
CA ASP D 31 -8.00 -2.60 -42.20
C ASP D 31 -8.88 -3.51 -43.06
N LEU D 32 -8.78 -4.83 -42.89
CA LEU D 32 -9.69 -5.72 -43.60
C LEU D 32 -11.11 -5.60 -43.05
N ILE D 33 -11.26 -5.56 -41.72
CA ILE D 33 -12.55 -5.32 -41.09
C ILE D 33 -13.16 -4.02 -41.62
N ASN D 34 -12.33 -2.98 -41.70
CA ASN D 34 -12.73 -1.69 -42.26
C ASN D 34 -13.04 -1.78 -43.75
N ALA D 35 -12.17 -2.46 -44.51
CA ALA D 35 -12.41 -2.60 -45.95
C ALA D 35 -13.74 -3.28 -46.22
N TYR D 36 -14.20 -4.11 -45.32
CA TYR D 36 -15.48 -4.77 -45.48
C TYR D 36 -16.63 -3.94 -44.90
N LYS D 37 -16.39 -2.68 -44.54
CA LYS D 37 -17.43 -1.75 -44.13
C LYS D 37 -18.13 -2.25 -42.86
N LEU D 38 -17.40 -2.92 -41.97
CA LEU D 38 -17.97 -3.34 -40.69
C LEU D 38 -17.79 -2.30 -39.60
N ILE D 39 -16.90 -1.34 -39.78
CA ILE D 39 -16.65 -0.35 -38.72
C ILE D 39 -17.89 0.46 -38.36
N PRO D 40 -18.70 0.96 -39.29
CA PRO D 40 -19.89 1.73 -38.88
C PRO D 40 -20.90 0.91 -38.09
N GLU D 41 -20.84 -0.42 -38.17
CA GLU D 41 -21.71 -1.28 -37.37
C GLU D 41 -21.22 -1.45 -35.94
N LEU D 42 -20.02 -0.99 -35.61
CA LEU D 42 -19.38 -1.35 -34.36
C LEU D 42 -19.21 -0.12 -33.49
N SER D 43 -19.15 -0.34 -32.18
CA SER D 43 -18.92 0.73 -31.22
C SER D 43 -17.43 0.75 -30.90
N ARG D 44 -16.76 1.88 -31.18
CA ARG D 44 -15.36 1.98 -30.81
C ARG D 44 -15.22 2.02 -29.28
N VAL D 45 -14.50 1.06 -28.72
CA VAL D 45 -14.17 1.02 -27.30
C VAL D 45 -12.76 1.57 -27.15
N PRO D 46 -12.56 2.67 -26.42
CA PRO D 46 -11.22 3.25 -26.32
C PRO D 46 -10.39 2.50 -25.28
N PRO D 47 -9.13 2.20 -25.57
CA PRO D 47 -8.26 1.57 -24.56
C PRO D 47 -8.24 2.37 -23.27
N LEU D 48 -8.22 1.66 -22.14
CA LEU D 48 -8.27 2.30 -20.83
C LEU D 48 -6.96 3.07 -20.59
N GLN D 49 -7.07 4.21 -19.94
CA GLN D 49 -5.86 4.91 -19.48
C GLN D 49 -5.97 5.23 -18.00
N TRP D 50 -4.82 5.54 -17.38
CA TRP D 50 -4.70 5.69 -15.93
C TRP D 50 -4.28 7.09 -15.52
N ASP D 51 -4.72 7.47 -14.32
CA ASP D 51 -4.54 8.81 -13.74
C ASP D 51 -3.12 9.08 -13.29
N SER D 52 -2.28 8.05 -13.17
CA SER D 52 -0.98 8.19 -12.53
C SER D 52 -0.21 6.88 -12.71
N PRO D 53 1.11 6.94 -12.60
CA PRO D 53 1.92 5.70 -12.51
C PRO D 53 1.48 4.74 -11.42
N SER D 54 1.11 5.25 -10.24
CA SER D 54 0.67 4.38 -9.15
C SER D 54 -0.63 3.66 -9.51
N ARG D 55 -1.56 4.35 -10.18
CA ARG D 55 -2.80 3.69 -10.58
C ARG D 55 -2.55 2.60 -11.61
N MET D 56 -1.68 2.87 -12.58
CA MET D 56 -1.33 1.84 -13.55
C MET D 56 -0.73 0.62 -12.84
N TYR D 57 0.25 0.84 -11.94
CA TYR D 57 0.84 -0.28 -11.19
C TYR D 57 -0.21 -1.04 -10.37
N GLU D 58 -1.11 -0.33 -9.69
CA GLU D 58 -2.19 -0.98 -8.95
C GLU D 58 -3.00 -1.91 -9.85
N ALA D 59 -3.28 -1.49 -11.08
CA ALA D 59 -4.08 -2.33 -11.95
C ALA D 59 -3.28 -3.53 -12.44
N VAL D 60 -2.04 -3.30 -12.87
CA VAL D 60 -1.30 -4.42 -13.44
C VAL D 60 -0.89 -5.42 -12.37
N THR D 61 -0.59 -4.96 -11.15
CA THR D 61 -0.18 -5.88 -10.10
C THR D 61 -1.34 -6.50 -9.34
N ALA D 62 -2.57 -6.34 -9.83
CA ALA D 62 -3.63 -7.24 -9.40
C ALA D 62 -3.33 -8.68 -9.79
N PHE D 63 -2.46 -8.90 -10.77
CA PHE D 63 -1.96 -10.23 -11.12
C PHE D 63 -0.44 -10.32 -11.08
N HIS D 64 0.25 -9.41 -11.76
CA HIS D 64 1.69 -9.50 -11.86
C HIS D 64 2.36 -8.96 -10.60
N SER D 65 3.52 -9.50 -10.29
CA SER D 65 4.31 -8.93 -9.21
C SER D 65 4.88 -7.58 -9.61
N THR D 66 5.07 -6.72 -8.61
CA THR D 66 5.70 -5.43 -8.85
C THR D 66 7.13 -5.59 -9.38
N GLU D 67 7.88 -6.56 -8.86
CA GLU D 67 9.24 -6.76 -9.35
C GLU D 67 9.25 -7.12 -10.84
N TYR D 68 8.34 -8.00 -11.26
CA TYR D 68 8.27 -8.33 -12.69
C TYR D 68 7.87 -7.12 -13.54
N VAL D 69 6.91 -6.32 -13.07
CA VAL D 69 6.51 -5.12 -13.81
C VAL D 69 7.66 -4.13 -13.90
N ASP D 70 8.34 -3.91 -12.77
CA ASP D 70 9.56 -3.10 -12.75
C ASP D 70 10.59 -3.60 -13.78
N ALA D 71 10.80 -4.91 -13.83
CA ALA D 71 11.79 -5.48 -14.74
C ALA D 71 11.40 -5.26 -16.20
N LEU D 72 10.10 -5.37 -16.50
CA LEU D 72 9.62 -5.18 -17.87
C LEU D 72 9.74 -3.71 -18.30
N LYS D 73 9.41 -2.77 -17.41
CA LYS D 73 9.66 -1.36 -17.68
C LYS D 73 11.14 -1.08 -17.85
N LYS D 74 12.00 -1.69 -17.02
CA LYS D 74 13.43 -1.48 -17.18
C LYS D 74 13.93 -2.07 -18.49
N LEU D 75 13.36 -3.20 -18.93
CA LEU D 75 13.79 -3.79 -20.19
C LEU D 75 13.54 -2.83 -21.37
N GLN D 76 12.38 -2.17 -21.38
CA GLN D 76 12.09 -1.19 -22.43
C GLN D 76 13.08 -0.04 -22.41
N MET D 77 13.37 0.50 -21.23
CA MET D 77 14.31 1.61 -21.15
C MET D 77 15.71 1.18 -21.57
N LEU D 78 16.13 -0.04 -21.20
CA LEU D 78 17.45 -0.51 -21.63
C LEU D 78 17.53 -0.68 -23.14
N HIS D 79 16.43 -1.10 -23.76
CA HIS D 79 16.43 -1.25 -25.21
C HIS D 79 16.30 0.08 -25.94
N CYS D 80 15.86 1.15 -25.27
CA CYS D 80 15.83 2.47 -25.91
C CYS D 80 17.15 3.19 -25.80
N GLU D 81 18.20 2.50 -25.37
CA GLU D 81 19.54 3.04 -25.30
C GLU D 81 20.46 2.21 -26.19
N GLU D 82 21.66 2.74 -26.41
CA GLU D 82 22.62 2.12 -27.31
C GLU D 82 23.40 0.99 -26.64
N LYS D 83 23.55 1.05 -25.32
CA LYS D 83 24.45 0.16 -24.61
C LYS D 83 23.93 -1.28 -24.60
N GLU D 84 24.87 -2.21 -24.56
CA GLU D 84 24.52 -3.59 -24.25
C GLU D 84 24.08 -3.71 -22.79
N LEU D 85 23.39 -4.79 -22.49
CA LEU D 85 22.99 -5.05 -21.12
C LEU D 85 24.17 -5.55 -20.29
N THR D 86 24.24 -5.09 -19.05
CA THR D 86 25.25 -5.59 -18.14
C THR D 86 24.95 -7.03 -17.76
N ALA D 87 25.95 -7.68 -17.16
CA ALA D 87 25.75 -9.04 -16.67
C ALA D 87 24.65 -9.09 -15.62
N ASP D 88 24.62 -8.12 -14.70
CA ASP D 88 23.58 -8.09 -13.68
C ASP D 88 22.20 -7.86 -14.29
N ASP D 89 22.11 -6.97 -15.29
CA ASP D 89 20.82 -6.74 -15.93
C ASP D 89 20.33 -7.99 -16.67
N GLU D 90 21.26 -8.74 -17.30
CA GLU D 90 20.87 -9.98 -17.97
C GLU D 90 20.34 -10.98 -16.97
N LEU D 91 21.07 -11.18 -15.87
CA LEU D 91 20.62 -12.06 -14.81
C LEU D 91 19.26 -11.62 -14.28
N LEU D 92 19.06 -10.30 -14.16
CA LEU D 92 17.75 -9.80 -13.74
C LEU D 92 16.65 -10.23 -14.70
N MET D 93 16.83 -9.97 -16.00
CA MET D 93 15.80 -10.37 -16.96
C MET D 93 15.62 -11.88 -17.01
N ASP D 94 16.73 -12.62 -16.97
CA ASP D 94 16.62 -14.07 -16.97
C ASP D 94 15.73 -14.54 -15.84
N SER D 95 15.81 -13.87 -14.69
CA SER D 95 15.03 -14.30 -13.54
C SER D 95 13.53 -14.21 -13.80
N PHE D 96 13.12 -13.47 -14.83
CA PHE D 96 11.74 -13.30 -15.23
C PHE D 96 11.43 -13.88 -16.62
N SER D 97 12.34 -14.70 -17.17
CA SER D 97 12.20 -15.26 -18.52
C SER D 97 11.97 -14.17 -19.56
N LEU D 98 12.54 -12.99 -19.32
CA LEU D 98 12.55 -11.90 -20.30
C LEU D 98 13.76 -12.09 -21.21
N ASN D 99 13.68 -13.15 -22.02
CA ASN D 99 14.80 -13.55 -22.88
C ASN D 99 14.30 -14.54 -23.91
N TYR D 100 15.21 -14.99 -24.77
CA TYR D 100 14.95 -16.02 -25.77
C TYR D 100 13.69 -15.68 -26.58
N ASP D 101 12.60 -16.42 -26.40
CA ASP D 101 11.40 -16.15 -27.17
C ASP D 101 10.61 -14.95 -26.64
N CYS D 102 11.01 -14.37 -25.50
CA CYS D 102 10.37 -13.18 -24.93
C CYS D 102 11.40 -12.06 -24.78
N PRO D 103 12.06 -11.66 -25.86
CA PRO D 103 13.15 -10.71 -25.75
C PRO D 103 12.63 -9.29 -25.51
N GLY D 104 13.55 -8.40 -25.22
CA GLY D 104 13.22 -7.00 -25.16
C GLY D 104 13.24 -6.36 -26.54
N PHE D 105 12.59 -5.21 -26.61
CA PHE D 105 12.61 -4.36 -27.79
C PHE D 105 12.10 -2.99 -27.38
N PRO D 106 12.35 -1.95 -28.19
CA PRO D 106 12.16 -0.57 -27.70
C PRO D 106 10.79 -0.21 -27.13
N SER D 107 9.72 -0.87 -27.54
CA SER D 107 8.40 -0.60 -26.98
C SER D 107 7.82 -1.80 -26.21
N VAL D 108 8.69 -2.67 -25.69
CA VAL D 108 8.19 -3.93 -25.13
C VAL D 108 7.15 -3.69 -24.03
N PHE D 109 7.37 -2.70 -23.17
CA PHE D 109 6.44 -2.44 -22.07
C PHE D 109 5.18 -1.72 -22.56
N ASP D 110 5.35 -0.69 -23.40
CA ASP D 110 4.18 0.00 -23.95
C ASP D 110 3.31 -0.95 -24.77
N TYR D 111 3.95 -1.83 -25.56
CA TYR D 111 3.20 -2.79 -26.39
C TYR D 111 2.42 -3.77 -25.51
N SER D 112 3.08 -4.31 -24.50
CA SER D 112 2.42 -5.24 -23.59
C SER D 112 1.30 -4.56 -22.81
N LEU D 113 1.56 -3.37 -22.31
CA LEU D 113 0.56 -2.67 -21.51
C LEU D 113 -0.68 -2.35 -22.35
N ALA D 114 -0.46 -2.02 -23.62
CA ALA D 114 -1.55 -1.64 -24.49
C ALA D 114 -2.63 -2.72 -24.51
N ALA D 115 -2.25 -3.97 -24.76
CA ALA D 115 -3.22 -5.08 -24.73
C ALA D 115 -4.02 -5.11 -23.43
N VAL D 116 -3.36 -4.85 -22.29
CA VAL D 116 -4.09 -4.78 -21.03
C VAL D 116 -5.07 -3.62 -21.05
N GLN D 117 -4.61 -2.44 -21.51
CA GLN D 117 -5.48 -1.26 -21.61
C GLN D 117 -6.74 -1.56 -22.42
N GLY D 118 -6.57 -2.27 -23.53
CA GLY D 118 -7.71 -2.60 -24.37
C GLY D 118 -8.63 -3.60 -23.68
N SER D 119 -8.07 -4.66 -23.13
CA SER D 119 -8.93 -5.71 -22.56
C SER D 119 -9.63 -5.23 -21.29
N LEU D 120 -9.00 -4.34 -20.51
CA LEU D 120 -9.70 -3.79 -19.34
C LEU D 120 -10.82 -2.86 -19.77
N ALA D 121 -10.57 -2.05 -20.80
CA ALA D 121 -11.64 -1.24 -21.34
C ALA D 121 -12.75 -2.10 -21.90
N ALA D 122 -12.39 -3.21 -22.54
CA ALA D 122 -13.40 -4.11 -23.09
C ALA D 122 -14.30 -4.64 -21.99
N ALA D 123 -13.70 -5.05 -20.87
CA ALA D 123 -14.50 -5.54 -19.75
C ALA D 123 -15.37 -4.43 -19.16
N SER D 124 -14.84 -3.21 -19.06
CA SER D 124 -15.64 -2.11 -18.52
C SER D 124 -16.86 -1.82 -19.38
N ALA D 125 -16.68 -1.84 -20.72
CA ALA D 125 -17.81 -1.66 -21.63
C ALA D 125 -18.87 -2.72 -21.43
N LEU D 126 -18.45 -3.94 -21.05
CA LEU D 126 -19.42 -5.00 -20.79
C LEU D 126 -20.13 -4.75 -19.46
N ILE D 127 -19.36 -4.38 -18.44
CA ILE D 127 -19.90 -4.26 -17.08
C ILE D 127 -20.98 -3.20 -17.02
N CYS D 128 -20.73 -2.05 -17.65
CA CYS D 128 -21.71 -0.97 -17.64
C CYS D 128 -22.82 -1.19 -18.67
N ARG D 129 -22.84 -2.33 -19.34
CA ARG D 129 -23.87 -2.71 -20.32
C ARG D 129 -23.93 -1.74 -21.50
N HIS D 130 -22.84 -1.03 -21.79
CA HIS D 130 -22.76 -0.32 -23.05
C HIS D 130 -22.75 -1.29 -24.23
N CYS D 131 -22.00 -2.38 -24.12
CA CYS D 131 -21.87 -3.38 -25.17
C CYS D 131 -22.32 -4.73 -24.67
N GLU D 132 -22.97 -5.48 -25.56
CA GLU D 132 -23.29 -6.89 -25.29
C GLU D 132 -22.07 -7.78 -25.55
N VAL D 133 -21.29 -7.43 -26.57
CA VAL D 133 -20.06 -8.13 -26.92
C VAL D 133 -19.00 -7.07 -27.19
N VAL D 134 -17.77 -7.34 -26.79
CA VAL D 134 -16.64 -6.50 -27.17
C VAL D 134 -15.55 -7.41 -27.74
N ILE D 135 -14.99 -7.00 -28.87
CA ILE D 135 -13.87 -7.65 -29.52
C ILE D 135 -12.60 -6.86 -29.25
N ASN D 136 -11.50 -7.55 -28.92
CA ASN D 136 -10.19 -6.88 -28.88
C ASN D 136 -9.17 -7.75 -29.61
N TRP D 137 -8.93 -7.46 -30.88
CA TRP D 137 -7.94 -8.24 -31.62
C TRP D 137 -6.49 -7.86 -31.26
N GLY D 138 -6.27 -6.86 -30.42
CA GLY D 138 -4.93 -6.64 -29.91
C GLY D 138 -4.63 -7.38 -28.62
N GLY D 139 -5.58 -8.17 -28.11
CA GLY D 139 -5.41 -8.85 -26.85
C GLY D 139 -5.37 -10.36 -27.00
N GLY D 140 -5.41 -11.04 -25.86
CA GLY D 140 -5.45 -12.49 -25.81
C GLY D 140 -4.17 -13.22 -25.42
N TRP D 141 -3.29 -12.58 -24.64
CA TRP D 141 -1.93 -13.08 -24.41
C TRP D 141 -1.96 -13.99 -23.18
N HIS D 142 -2.39 -15.23 -23.42
CA HIS D 142 -2.76 -16.14 -22.34
C HIS D 142 -1.59 -16.85 -21.69
N HIS D 143 -0.34 -16.68 -22.14
CA HIS D 143 0.75 -17.43 -21.52
C HIS D 143 1.48 -16.69 -20.41
N ALA D 144 1.29 -15.38 -20.26
CA ALA D 144 2.10 -14.68 -19.28
C ALA D 144 1.65 -15.04 -17.87
N LYS D 145 2.62 -15.21 -16.98
CA LYS D 145 2.42 -15.61 -15.59
C LYS D 145 2.65 -14.42 -14.68
N ARG D 146 2.26 -14.58 -13.41
CA ARG D 146 2.44 -13.52 -12.41
C ARG D 146 3.84 -12.88 -12.46
N SER D 147 4.89 -13.69 -12.59
CA SER D 147 6.25 -13.13 -12.64
C SER D 147 7.07 -13.74 -13.78
N GLU D 148 6.45 -13.98 -14.93
CA GLU D 148 7.17 -14.67 -16.01
C GLU D 148 6.53 -14.34 -17.36
N ALA D 149 7.32 -13.79 -18.29
CA ALA D 149 6.92 -13.80 -19.70
C ALA D 149 7.01 -15.23 -20.25
N SER D 150 6.16 -15.53 -21.22
CA SER D 150 6.14 -16.84 -21.83
C SER D 150 5.48 -16.76 -23.20
N GLY D 151 6.15 -17.28 -24.22
CA GLY D 151 5.56 -17.39 -25.55
C GLY D 151 5.13 -16.07 -26.14
N PHE D 152 6.03 -15.08 -26.07
CA PHE D 152 5.79 -13.70 -26.49
C PHE D 152 4.55 -13.08 -25.83
N CYS D 153 4.13 -13.64 -24.70
CA CYS D 153 3.16 -13.00 -23.81
C CYS D 153 3.92 -12.40 -22.64
N TYR D 154 3.77 -11.10 -22.42
CA TYR D 154 4.48 -10.41 -21.32
C TYR D 154 3.56 -10.00 -20.18
N LEU D 155 2.37 -9.53 -20.50
CA LEU D 155 1.35 -9.15 -19.52
C LEU D 155 0.08 -9.89 -19.90
N ASN D 156 -0.57 -10.52 -18.91
CA ASN D 156 -1.76 -11.32 -19.21
C ASN D 156 -2.99 -10.40 -19.14
N ASP D 157 -3.34 -9.82 -20.30
CA ASP D 157 -4.54 -8.98 -20.38
C ASP D 157 -5.79 -9.77 -20.05
N ILE D 158 -5.83 -11.05 -20.41
CA ILE D 158 -7.01 -11.87 -20.14
C ILE D 158 -7.25 -12.02 -18.64
N VAL D 159 -6.20 -12.40 -17.91
CA VAL D 159 -6.34 -12.55 -16.46
C VAL D 159 -6.85 -11.25 -15.84
N LEU D 160 -6.25 -10.11 -16.25
CA LEU D 160 -6.64 -8.83 -15.69
C LEU D 160 -8.08 -8.49 -16.07
N ALA D 161 -8.48 -8.78 -17.31
CA ALA D 161 -9.85 -8.50 -17.72
C ALA D 161 -10.85 -9.39 -16.99
N ILE D 162 -10.51 -10.67 -16.80
CA ILE D 162 -11.41 -11.56 -16.07
C ILE D 162 -11.51 -11.12 -14.62
N HIS D 163 -10.37 -10.75 -14.04
CA HIS D 163 -10.36 -10.24 -12.67
C HIS D 163 -11.30 -9.04 -12.52
N ARG D 164 -11.32 -8.13 -13.49
CA ARG D 164 -12.24 -7.00 -13.40
C ARG D 164 -13.70 -7.46 -13.49
N LEU D 165 -13.99 -8.41 -14.38
CA LEU D 165 -15.34 -8.94 -14.51
C LEU D 165 -15.84 -9.58 -13.22
N VAL D 166 -15.02 -10.43 -12.59
CA VAL D 166 -15.48 -11.09 -11.36
C VAL D 166 -15.57 -10.10 -10.21
N SER D 167 -14.69 -9.10 -10.18
CA SER D 167 -14.73 -8.12 -9.09
C SER D 167 -15.99 -7.28 -9.11
N SER D 168 -16.75 -7.30 -10.21
CA SER D 168 -17.95 -6.49 -10.35
C SER D 168 -19.18 -7.22 -9.82
N THR D 179 -21.38 -14.05 -9.20
CA THR D 179 -20.76 -13.74 -10.47
C THR D 179 -19.72 -14.80 -10.87
N ARG D 180 -19.95 -15.44 -12.01
CA ARG D 180 -19.09 -16.50 -12.52
C ARG D 180 -18.69 -16.15 -13.95
N VAL D 181 -17.45 -16.51 -14.31
CA VAL D 181 -16.92 -16.25 -15.64
C VAL D 181 -16.52 -17.58 -16.26
N LEU D 182 -16.96 -17.83 -17.49
CA LEU D 182 -16.49 -18.97 -18.27
C LEU D 182 -15.44 -18.46 -19.26
N TYR D 183 -14.23 -19.02 -19.16
CA TYR D 183 -13.14 -18.70 -20.07
C TYR D 183 -12.95 -19.87 -21.02
N VAL D 184 -12.93 -19.57 -22.32
CA VAL D 184 -12.89 -20.55 -23.39
C VAL D 184 -11.73 -20.19 -24.29
N ASP D 185 -10.80 -21.13 -24.48
CA ASP D 185 -9.53 -20.85 -25.11
C ASP D 185 -9.44 -21.70 -26.38
N LEU D 186 -9.67 -21.08 -27.53
CA LEU D 186 -9.68 -21.80 -28.80
C LEU D 186 -8.32 -21.83 -29.49
N ASP D 187 -7.27 -21.30 -28.86
CA ASP D 187 -5.95 -21.23 -29.46
C ASP D 187 -5.37 -22.63 -29.66
N LEU D 188 -4.53 -22.77 -30.69
CA LEU D 188 -3.75 -24.00 -30.86
C LEU D 188 -2.99 -24.41 -29.59
N HIS D 189 -2.55 -23.45 -28.79
CA HIS D 189 -1.75 -23.73 -27.61
C HIS D 189 -2.60 -23.72 -26.34
N HIS D 190 -2.24 -24.57 -25.38
CA HIS D 190 -2.89 -24.58 -24.07
C HIS D 190 -2.77 -23.23 -23.36
N GLY D 191 -3.90 -22.72 -22.87
CA GLY D 191 -3.95 -21.46 -22.16
C GLY D 191 -3.51 -21.61 -20.71
N ASP D 192 -2.20 -21.85 -20.50
CA ASP D 192 -1.72 -22.15 -19.14
C ASP D 192 -1.73 -20.93 -18.24
N GLY D 193 -1.41 -19.74 -18.77
CA GLY D 193 -1.37 -18.56 -17.90
C GLY D 193 -2.70 -18.28 -17.24
N VAL D 194 -3.78 -18.30 -18.03
CA VAL D 194 -5.11 -18.04 -17.48
C VAL D 194 -5.51 -19.17 -16.55
N GLU D 195 -5.21 -20.40 -16.94
CA GLU D 195 -5.53 -21.53 -16.08
C GLU D 195 -4.82 -21.41 -14.74
N GLU D 196 -3.51 -21.15 -14.76
CA GLU D 196 -2.76 -21.02 -13.52
C GLU D 196 -3.32 -19.92 -12.62
N ALA D 197 -3.69 -18.78 -13.21
CA ALA D 197 -4.10 -17.63 -12.41
C ALA D 197 -5.35 -17.92 -11.61
N PHE D 198 -6.24 -18.78 -12.11
CA PHE D 198 -7.52 -19.03 -11.46
C PHE D 198 -7.63 -20.46 -10.97
N TRP D 199 -6.49 -21.11 -10.75
CA TRP D 199 -6.41 -22.51 -10.37
C TRP D 199 -7.22 -22.80 -9.11
N TYR D 200 -7.24 -21.86 -8.17
CA TYR D 200 -7.91 -22.03 -6.88
C TYR D 200 -9.24 -21.30 -6.81
N SER D 201 -9.77 -20.87 -7.94
CA SER D 201 -10.91 -19.97 -7.99
C SER D 201 -12.07 -20.65 -8.70
N PRO D 202 -13.11 -21.09 -7.99
CA PRO D 202 -14.24 -21.74 -8.69
C PRO D 202 -15.10 -20.78 -9.48
N ARG D 203 -14.99 -19.47 -9.24
CA ARG D 203 -15.86 -18.52 -9.93
C ARG D 203 -15.44 -18.30 -11.38
N VAL D 204 -14.23 -18.72 -11.74
CA VAL D 204 -13.73 -18.58 -13.10
C VAL D 204 -13.41 -19.98 -13.61
N VAL D 205 -14.31 -20.54 -14.40
CA VAL D 205 -14.09 -21.83 -15.03
C VAL D 205 -13.32 -21.63 -16.31
N THR D 206 -12.21 -22.34 -16.47
CA THR D 206 -11.37 -22.21 -17.64
C THR D 206 -11.46 -23.50 -18.43
N PHE D 207 -11.58 -23.34 -19.75
CA PHE D 207 -11.67 -24.44 -20.68
C PHE D 207 -10.79 -24.12 -21.87
N SER D 208 -9.81 -24.98 -22.12
CA SER D 208 -8.89 -24.82 -23.24
C SER D 208 -8.95 -26.09 -24.08
N VAL D 209 -9.05 -25.91 -25.39
CA VAL D 209 -8.91 -26.99 -26.35
C VAL D 209 -7.70 -26.62 -27.19
N HIS D 210 -6.87 -27.61 -27.52
CA HIS D 210 -5.53 -27.29 -27.98
C HIS D 210 -4.85 -28.54 -28.50
N HIS D 211 -3.70 -28.32 -29.12
CA HIS D 211 -2.81 -29.42 -29.40
C HIS D 211 -1.88 -29.61 -28.23
N ALA D 212 -1.65 -30.87 -27.87
CA ALA D 212 -0.60 -31.20 -26.91
C ALA D 212 0.07 -32.48 -27.38
N SER D 213 1.40 -32.49 -27.32
CA SER D 213 2.21 -33.63 -27.72
C SER D 213 3.61 -33.42 -27.16
N PRO D 214 4.40 -34.48 -26.98
CA PRO D 214 5.67 -34.34 -26.26
C PRO D 214 6.58 -33.32 -26.93
N GLY D 215 7.01 -32.34 -26.14
CA GLY D 215 7.91 -31.30 -26.62
C GLY D 215 7.24 -30.08 -27.24
N PHE D 216 5.90 -30.06 -27.32
CA PHE D 216 5.15 -28.96 -27.93
C PHE D 216 4.72 -27.96 -26.85
N PHE D 217 5.03 -26.69 -27.09
CA PHE D 217 4.77 -25.61 -26.16
C PHE D 217 3.27 -25.48 -25.79
N PRO D 218 2.95 -25.08 -24.54
CA PRO D 218 3.87 -24.92 -23.40
C PRO D 218 4.06 -26.22 -22.61
N GLY D 219 3.38 -27.28 -23.02
CA GLY D 219 3.58 -28.59 -22.42
C GLY D 219 2.49 -29.03 -21.49
N THR D 220 1.61 -28.12 -21.05
CA THR D 220 0.57 -28.43 -20.10
C THR D 220 -0.75 -28.73 -20.82
N GLY D 221 -1.84 -28.82 -20.07
CA GLY D 221 -3.12 -29.06 -20.69
C GLY D 221 -3.38 -30.50 -21.10
N THR D 222 -2.67 -31.46 -20.51
CA THR D 222 -2.83 -32.86 -20.89
C THR D 222 -2.49 -33.72 -19.67
N TRP D 223 -2.33 -35.03 -19.92
CA TRP D 223 -2.04 -35.95 -18.83
C TRP D 223 -0.77 -35.51 -18.11
N ASN D 224 -0.83 -35.58 -16.78
CA ASN D 224 0.20 -35.02 -15.92
C ASN D 224 0.96 -36.14 -15.22
N MET D 225 2.27 -35.98 -15.15
CA MET D 225 3.13 -37.03 -14.64
C MET D 225 3.66 -36.76 -13.25
N PRO D 232 -0.56 -41.47 -14.99
CA PRO D 232 -0.82 -40.04 -15.16
C PRO D 232 -2.30 -39.71 -15.04
N ILE D 233 -2.62 -38.47 -14.64
CA ILE D 233 -4.00 -38.00 -14.59
C ILE D 233 -4.04 -36.54 -15.02
N PHE D 234 -5.26 -36.07 -15.30
CA PHE D 234 -5.52 -34.67 -15.55
C PHE D 234 -5.68 -33.91 -14.25
N LEU D 235 -4.79 -32.96 -13.98
CA LEU D 235 -5.02 -31.97 -12.95
C LEU D 235 -6.11 -31.01 -13.41
N ASN D 236 -6.82 -30.40 -12.46
CA ASN D 236 -7.99 -29.62 -12.86
C ASN D 236 -8.37 -28.56 -11.84
N GLY D 237 -7.38 -28.05 -11.12
CA GLY D 237 -7.61 -27.06 -10.09
C GLY D 237 -7.30 -27.62 -8.72
N ALA D 238 -7.44 -26.77 -7.71
CA ALA D 238 -7.06 -27.14 -6.36
C ALA D 238 -7.85 -26.30 -5.37
N GLY D 239 -7.87 -26.75 -4.12
CA GLY D 239 -8.66 -26.06 -3.11
C GLY D 239 -10.12 -25.94 -3.54
N ARG D 240 -10.72 -24.78 -3.25
CA ARG D 240 -12.07 -24.54 -3.72
C ARG D 240 -12.18 -24.53 -5.24
N GLY D 241 -11.05 -24.50 -5.94
CA GLY D 241 -11.06 -24.51 -7.39
C GLY D 241 -10.93 -25.89 -8.02
N ARG D 242 -10.91 -26.94 -7.22
CA ARG D 242 -10.85 -28.27 -7.79
C ARG D 242 -12.00 -28.46 -8.77
N PHE D 243 -11.70 -29.16 -9.88
CA PHE D 243 -12.60 -29.45 -10.98
C PHE D 243 -12.95 -28.24 -11.84
N SER D 244 -12.30 -27.08 -11.67
CA SER D 244 -12.72 -25.86 -12.35
C SER D 244 -11.86 -25.45 -13.55
N ALA D 245 -10.81 -26.20 -13.86
CA ALA D 245 -9.98 -25.98 -15.05
C ALA D 245 -10.21 -27.16 -15.99
N PHE D 246 -10.74 -26.88 -17.18
CA PHE D 246 -11.07 -27.92 -18.15
C PHE D 246 -10.08 -27.88 -19.31
N ASN D 247 -9.73 -29.06 -19.81
CA ASN D 247 -8.71 -29.20 -20.83
C ASN D 247 -9.13 -30.29 -21.81
N LEU D 248 -8.96 -30.00 -23.10
CA LEU D 248 -9.22 -30.96 -24.19
C LEU D 248 -8.04 -30.95 -25.15
N PRO D 249 -7.06 -31.82 -24.94
CA PRO D 249 -5.97 -31.93 -25.91
C PRO D 249 -6.38 -32.80 -27.09
N LEU D 250 -5.98 -32.36 -28.29
CA LEU D 250 -6.30 -33.11 -29.50
C LEU D 250 -5.04 -33.38 -30.29
N GLU D 251 -5.04 -34.54 -30.96
CA GLU D 251 -3.95 -34.92 -31.85
C GLU D 251 -3.93 -34.01 -33.08
N GLU D 252 -2.79 -33.97 -33.76
CA GLU D 252 -2.66 -33.11 -34.93
C GLU D 252 -3.55 -33.59 -36.07
N GLY D 253 -3.84 -32.68 -37.01
CA GLY D 253 -4.54 -33.01 -38.23
C GLY D 253 -6.04 -32.82 -38.20
N ILE D 254 -6.61 -32.45 -37.06
CA ILE D 254 -8.06 -32.40 -36.91
C ILE D 254 -8.65 -31.30 -37.79
N ASN D 255 -9.82 -31.56 -38.36
CA ASN D 255 -10.45 -30.64 -39.30
C ASN D 255 -11.62 -29.91 -38.63
N ASP D 256 -12.30 -29.07 -39.43
CA ASP D 256 -13.38 -28.23 -38.88
C ASP D 256 -14.48 -29.07 -38.22
N LEU D 257 -14.97 -30.09 -38.94
CA LEU D 257 -16.09 -30.88 -38.44
C LEU D 257 -15.72 -31.61 -37.15
N ASP D 258 -14.54 -32.24 -37.11
CA ASP D 258 -14.17 -33.06 -35.96
C ASP D 258 -13.86 -32.21 -34.74
N TRP D 259 -13.25 -31.05 -34.94
CA TRP D 259 -12.99 -30.13 -33.83
C TRP D 259 -14.29 -29.54 -33.29
N SER D 260 -15.20 -29.15 -34.19
CA SER D 260 -16.53 -28.68 -33.79
C SER D 260 -17.26 -29.74 -32.97
N ASN D 261 -17.30 -30.98 -33.44
CA ASN D 261 -18.00 -32.03 -32.71
C ASN D 261 -17.28 -32.34 -31.39
N ALA D 262 -15.98 -32.12 -31.31
CA ALA D 262 -15.30 -32.39 -30.05
C ALA D 262 -15.61 -31.32 -29.02
N ILE D 263 -15.79 -30.07 -29.44
CA ILE D 263 -15.88 -28.98 -28.47
C ILE D 263 -17.32 -28.63 -28.17
N GLY D 264 -18.19 -28.77 -29.18
CA GLY D 264 -19.55 -28.29 -29.14
C GLY D 264 -20.31 -28.73 -27.90
N PRO D 265 -20.35 -30.04 -27.65
CA PRO D 265 -21.05 -30.52 -26.45
C PRO D 265 -20.43 -30.06 -25.15
N ILE D 266 -19.11 -29.95 -25.07
CA ILE D 266 -18.50 -29.44 -23.85
C ILE D 266 -18.97 -28.02 -23.59
N LEU D 267 -18.89 -27.16 -24.61
CA LEU D 267 -19.36 -25.77 -24.51
C LEU D 267 -20.78 -25.70 -23.97
N ASP D 268 -21.72 -26.37 -24.64
CA ASP D 268 -23.11 -26.30 -24.19
C ASP D 268 -23.23 -26.78 -22.75
N SER D 269 -22.60 -27.91 -22.43
CA SER D 269 -22.68 -28.42 -21.07
C SER D 269 -22.11 -27.41 -20.08
N LEU D 270 -21.03 -26.70 -20.45
CA LEU D 270 -20.46 -25.76 -19.51
C LEU D 270 -21.42 -24.62 -19.24
N ASN D 271 -22.08 -24.12 -20.29
CA ASN D 271 -23.05 -23.04 -20.13
C ASN D 271 -24.25 -23.48 -19.30
N ILE D 272 -24.78 -24.68 -19.55
CA ILE D 272 -25.91 -25.17 -18.78
C ILE D 272 -25.57 -25.20 -17.29
N VAL D 273 -24.50 -25.89 -16.94
CA VAL D 273 -24.14 -26.09 -15.54
C VAL D 273 -23.68 -24.77 -14.89
N ILE D 274 -22.77 -24.06 -15.55
CA ILE D 274 -22.13 -22.93 -14.87
C ILE D 274 -23.07 -21.72 -14.83
N GLN D 275 -23.86 -21.51 -15.87
CA GLN D 275 -24.69 -20.32 -16.03
C GLN D 275 -23.84 -19.06 -15.87
N PRO D 276 -22.82 -18.87 -16.70
CA PRO D 276 -21.87 -17.78 -16.46
C PRO D 276 -22.50 -16.40 -16.56
N SER D 277 -21.90 -15.44 -15.86
CA SER D 277 -22.29 -14.04 -15.98
C SER D 277 -21.67 -13.39 -17.20
N TYR D 278 -20.48 -13.85 -17.59
CA TYR D 278 -19.69 -13.35 -18.71
C TYR D 278 -18.96 -14.52 -19.34
N VAL D 279 -18.74 -14.44 -20.64
CA VAL D 279 -17.90 -15.40 -21.36
C VAL D 279 -16.71 -14.66 -21.94
N VAL D 280 -15.52 -15.21 -21.77
CA VAL D 280 -14.29 -14.64 -22.35
C VAL D 280 -13.70 -15.70 -23.25
N VAL D 281 -13.58 -15.37 -24.54
CA VAL D 281 -13.08 -16.29 -25.57
C VAL D 281 -11.75 -15.77 -26.09
N GLN D 282 -10.72 -16.61 -26.00
CA GLN D 282 -9.48 -16.38 -26.70
C GLN D 282 -9.61 -17.09 -28.05
N CYS D 283 -9.42 -16.35 -29.14
CA CYS D 283 -9.65 -16.89 -30.47
CA CYS D 283 -9.64 -16.87 -30.48
C CYS D 283 -8.36 -16.91 -31.30
N GLY D 284 -7.27 -17.40 -30.72
CA GLY D 284 -6.03 -17.51 -31.48
C GLY D 284 -6.24 -18.19 -32.81
N ALA D 285 -5.67 -17.63 -33.86
CA ALA D 285 -5.91 -18.12 -35.20
C ALA D 285 -4.90 -19.16 -35.64
N ASP D 286 -4.12 -19.74 -34.72
CA ASP D 286 -3.07 -20.62 -35.19
C ASP D 286 -3.54 -22.05 -35.38
N CYS D 287 -4.84 -22.33 -35.23
CA CYS D 287 -5.31 -23.65 -35.65
C CYS D 287 -5.62 -23.69 -37.13
N LEU D 288 -5.57 -22.55 -37.81
CA LEU D 288 -5.88 -22.52 -39.23
C LEU D 288 -4.97 -23.49 -39.99
N ALA D 289 -5.57 -24.24 -40.92
CA ALA D 289 -4.81 -25.14 -41.78
C ALA D 289 -3.58 -24.46 -42.37
N THR D 290 -3.67 -23.16 -42.64
CA THR D 290 -2.63 -22.41 -43.34
C THR D 290 -1.67 -21.68 -42.42
N ASP D 291 -1.88 -21.78 -41.11
CA ASP D 291 -0.88 -21.25 -40.17
C ASP D 291 0.44 -22.00 -40.37
N PRO D 292 1.58 -21.29 -40.25
CA PRO D 292 2.88 -21.99 -40.37
C PRO D 292 3.08 -23.12 -39.39
N HIS D 293 2.27 -23.23 -38.34
CA HIS D 293 2.35 -24.40 -37.47
C HIS D 293 1.98 -25.69 -38.19
N ARG D 294 1.02 -25.63 -39.13
CA ARG D 294 0.52 -26.79 -39.87
C ARG D 294 0.24 -27.98 -38.94
N ILE D 295 -0.53 -27.73 -37.89
CA ILE D 295 -0.90 -28.78 -36.94
C ILE D 295 -2.38 -29.12 -37.06
N PHE D 296 -3.26 -28.13 -36.91
CA PHE D 296 -4.69 -28.32 -37.08
C PHE D 296 -5.10 -27.88 -38.48
N ARG D 297 -6.25 -28.36 -38.94
CA ARG D 297 -6.71 -28.06 -40.30
C ARG D 297 -8.00 -27.25 -40.31
N LEU D 298 -8.18 -26.33 -39.34
CA LEU D 298 -9.38 -25.51 -39.34
C LEU D 298 -9.31 -24.47 -40.46
N THR D 299 -10.47 -23.89 -40.79
CA THR D 299 -10.58 -22.86 -41.82
C THR D 299 -11.37 -21.66 -41.29
N ASN D 300 -11.55 -20.66 -42.16
CA ASN D 300 -12.53 -19.59 -41.96
C ASN D 300 -13.77 -19.76 -42.84
N PHE D 301 -14.02 -20.97 -43.37
CA PHE D 301 -15.09 -21.10 -44.36
C PHE D 301 -16.44 -20.83 -43.72
N TYR D 302 -17.32 -20.14 -44.43
CA TYR D 302 -18.69 -19.87 -43.98
C TYR D 302 -19.64 -20.15 -45.14
N PRO D 303 -20.09 -21.39 -45.29
CA PRO D 303 -20.88 -21.86 -46.44
C PRO D 303 -22.15 -21.06 -46.69
N LEU D 317 -18.05 -25.82 -42.41
CA LEU D 317 -18.16 -24.64 -41.54
C LEU D 317 -16.95 -24.54 -40.61
N SER D 318 -16.27 -23.39 -40.65
CA SER D 318 -15.15 -23.08 -39.76
C SER D 318 -15.47 -23.50 -38.33
N GLY D 319 -14.56 -24.28 -37.73
CA GLY D 319 -14.73 -24.65 -36.34
C GLY D 319 -14.75 -23.45 -35.43
N TYR D 320 -13.98 -22.42 -35.77
CA TYR D 320 -14.00 -21.18 -35.01
C TYR D 320 -15.38 -20.51 -35.08
N LEU D 321 -15.93 -20.37 -36.28
CA LEU D 321 -17.22 -19.72 -36.42
C LEU D 321 -18.33 -20.56 -35.77
N TYR D 322 -18.28 -21.88 -35.92
CA TYR D 322 -19.18 -22.75 -35.15
C TYR D 322 -19.10 -22.44 -33.65
N ALA D 323 -17.87 -22.45 -33.11
CA ALA D 323 -17.68 -22.17 -31.69
C ALA D 323 -18.29 -20.83 -31.28
N ILE D 324 -17.93 -19.74 -31.97
CA ILE D 324 -18.38 -18.42 -31.54
C ILE D 324 -19.88 -18.30 -31.69
N LYS D 325 -20.44 -18.82 -32.78
CA LYS D 325 -21.89 -18.80 -32.96
C LYS D 325 -22.60 -19.48 -31.80
N LYS D 326 -22.15 -20.68 -31.43
CA LYS D 326 -22.67 -21.35 -30.25
C LYS D 326 -22.61 -20.42 -29.03
N ILE D 327 -21.42 -19.90 -28.72
CA ILE D 327 -21.23 -19.10 -27.51
C ILE D 327 -22.18 -17.90 -27.51
N LEU D 328 -22.22 -17.16 -28.62
CA LEU D 328 -23.09 -16.01 -28.73
C LEU D 328 -24.58 -16.38 -28.59
N SER D 329 -24.98 -17.57 -29.04
CA SER D 329 -26.39 -17.93 -28.90
C SER D 329 -26.80 -18.08 -27.43
N TRP D 330 -25.86 -18.10 -26.48
CA TRP D 330 -26.23 -18.13 -25.08
C TRP D 330 -26.76 -16.79 -24.59
N LYS D 331 -26.54 -15.71 -25.34
CA LYS D 331 -26.96 -14.37 -24.93
C LYS D 331 -26.35 -13.99 -23.58
N VAL D 332 -25.08 -14.35 -23.41
CA VAL D 332 -24.33 -13.91 -22.23
C VAL D 332 -23.39 -12.79 -22.69
N PRO D 333 -23.22 -11.73 -21.91
CA PRO D 333 -22.19 -10.73 -22.26
C PRO D 333 -20.83 -11.40 -22.43
N THR D 334 -20.14 -11.07 -23.54
CA THR D 334 -18.99 -11.85 -23.98
C THR D 334 -17.86 -10.96 -24.47
N LEU D 335 -16.65 -11.35 -24.13
CA LEU D 335 -15.41 -10.69 -24.56
C LEU D 335 -14.71 -11.62 -25.54
N ILE D 336 -14.41 -11.14 -26.74
CA ILE D 336 -13.71 -11.94 -27.75
C ILE D 336 -12.32 -11.37 -27.92
N LEU D 337 -11.30 -12.22 -27.73
CA LEU D 337 -9.92 -11.77 -27.82
C LEU D 337 -9.20 -12.49 -28.94
N GLY D 338 -8.09 -11.88 -29.39
CA GLY D 338 -7.24 -12.53 -30.35
C GLY D 338 -6.25 -13.45 -29.69
N GLY D 339 -5.02 -13.50 -30.20
CA GLY D 339 -3.99 -14.36 -29.66
C GLY D 339 -2.98 -14.76 -30.70
N GLY D 340 -2.50 -16.00 -30.70
CA GLY D 340 -1.67 -16.51 -31.77
C GLY D 340 -2.31 -16.35 -33.14
N GLY D 341 -1.52 -16.64 -34.16
CA GLY D 341 -1.92 -16.39 -35.53
C GLY D 341 -0.75 -15.82 -36.30
N TYR D 342 -0.02 -16.69 -37.00
CA TYR D 342 1.24 -16.30 -37.62
C TYR D 342 1.17 -16.29 -39.15
N ASN D 343 0.00 -16.56 -39.73
CA ASN D 343 -0.29 -16.22 -41.12
C ASN D 343 -1.16 -14.98 -41.01
N PHE D 344 -0.54 -13.80 -41.15
CA PHE D 344 -1.26 -12.56 -40.84
C PHE D 344 -2.49 -12.37 -41.72
N PRO D 345 -2.41 -12.50 -43.05
CA PRO D 345 -3.62 -12.30 -43.86
C PRO D 345 -4.73 -13.31 -43.54
N ASP D 346 -4.38 -14.58 -43.39
CA ASP D 346 -5.39 -15.56 -43.04
C ASP D 346 -5.94 -15.36 -41.64
N THR D 347 -5.13 -14.83 -40.72
CA THR D 347 -5.68 -14.43 -39.43
C THR D 347 -6.70 -13.33 -39.60
N ALA D 348 -6.34 -12.33 -40.42
CA ALA D 348 -7.28 -11.27 -40.80
C ALA D 348 -8.53 -11.85 -41.45
N ARG D 349 -8.36 -12.76 -42.40
CA ARG D 349 -9.51 -13.41 -43.03
C ARG D 349 -10.40 -14.06 -41.98
N LEU D 350 -9.80 -14.73 -41.02
CA LEU D 350 -10.60 -15.38 -39.99
C LEU D 350 -11.30 -14.36 -39.10
N TRP D 351 -10.56 -13.39 -38.57
CA TRP D 351 -11.14 -12.50 -37.57
C TRP D 351 -12.12 -11.53 -38.19
N THR D 352 -11.98 -11.24 -39.49
CA THR D 352 -13.00 -10.46 -40.18
C THR D 352 -14.32 -11.22 -40.20
N ARG D 353 -14.27 -12.53 -40.44
CA ARG D 353 -15.49 -13.33 -40.41
C ARG D 353 -16.05 -13.47 -39.00
N VAL D 354 -15.18 -13.59 -38.00
CA VAL D 354 -15.66 -13.64 -36.62
C VAL D 354 -16.39 -12.36 -36.26
N THR D 355 -15.84 -11.22 -36.70
CA THR D 355 -16.44 -9.93 -36.38
C THR D 355 -17.81 -9.79 -37.02
N ALA D 356 -17.89 -10.06 -38.32
CA ALA D 356 -19.18 -10.00 -39.01
C ALA D 356 -20.18 -10.98 -38.40
N LEU D 357 -19.74 -12.20 -38.07
CA LEU D 357 -20.61 -13.14 -37.38
C LEU D 357 -21.18 -12.53 -36.10
N THR D 358 -20.35 -11.87 -35.30
CA THR D 358 -20.80 -11.33 -34.02
C THR D 358 -21.88 -10.26 -34.23
N ILE D 359 -21.67 -9.36 -35.21
CA ILE D 359 -22.68 -8.37 -35.56
C ILE D 359 -23.99 -9.04 -35.97
N GLU D 360 -23.89 -10.04 -36.83
CA GLU D 360 -25.08 -10.71 -37.34
C GLU D 360 -25.84 -11.38 -36.22
N GLU D 361 -25.11 -11.98 -35.27
CA GLU D 361 -25.76 -12.70 -34.19
C GLU D 361 -26.23 -11.76 -33.08
N VAL D 362 -25.47 -10.71 -32.78
CA VAL D 362 -25.88 -9.83 -31.69
C VAL D 362 -26.99 -8.88 -32.15
N LYS D 363 -26.74 -8.17 -33.27
CA LYS D 363 -27.68 -7.18 -33.78
C LYS D 363 -28.87 -7.79 -34.51
N GLY D 364 -28.76 -9.03 -34.99
CA GLY D 364 -29.81 -9.59 -35.81
C GLY D 364 -29.85 -8.99 -37.19
N LYS D 365 -28.71 -8.51 -37.68
CA LYS D 365 -28.61 -7.69 -38.88
C LYS D 365 -27.68 -8.40 -39.86
N LYS D 366 -28.22 -8.83 -41.00
CA LYS D 366 -27.46 -9.67 -41.90
C LYS D 366 -26.21 -8.96 -42.39
N MET D 367 -25.08 -9.66 -42.31
CA MET D 367 -23.78 -9.16 -42.75
C MET D 367 -23.41 -9.85 -44.05
N THR D 368 -23.43 -9.10 -45.15
CA THR D 368 -23.08 -9.63 -46.45
C THR D 368 -21.64 -9.26 -46.75
N ILE D 369 -20.78 -10.27 -46.86
CA ILE D 369 -19.36 -10.07 -47.14
C ILE D 369 -19.05 -10.65 -48.51
N SER D 370 -18.42 -9.85 -49.36
CA SER D 370 -18.04 -10.33 -50.68
C SER D 370 -16.96 -11.41 -50.58
N PRO D 371 -17.03 -12.46 -51.40
CA PRO D 371 -15.98 -13.48 -51.38
C PRO D 371 -14.60 -12.98 -51.81
N GLU D 372 -14.50 -11.83 -52.48
CA GLU D 372 -13.19 -11.35 -52.88
C GLU D 372 -12.79 -10.14 -52.03
N ILE D 373 -11.51 -10.09 -51.72
CA ILE D 373 -10.94 -9.09 -50.81
C ILE D 373 -11.16 -7.71 -51.41
N PRO D 374 -11.84 -6.79 -50.73
CA PRO D 374 -12.01 -5.44 -51.29
C PRO D 374 -10.69 -4.71 -51.37
N GLU D 375 -10.61 -3.79 -52.32
CA GLU D 375 -9.46 -2.90 -52.45
C GLU D 375 -9.23 -2.15 -51.16
N HIS D 376 -7.96 -2.06 -50.74
CA HIS D 376 -7.55 -1.28 -49.58
C HIS D 376 -6.03 -1.31 -49.36
N SER D 377 -5.58 -0.65 -48.29
CA SER D 377 -4.16 -0.44 -48.03
C SER D 377 -3.33 -1.71 -48.21
N TYR D 378 -3.82 -2.84 -47.68
CA TYR D 378 -3.10 -4.10 -47.62
C TYR D 378 -3.58 -5.11 -48.64
N PHE D 379 -4.24 -4.66 -49.71
CA PHE D 379 -4.75 -5.55 -50.73
C PHE D 379 -3.66 -6.48 -51.26
N SER D 380 -2.44 -5.97 -51.44
CA SER D 380 -1.39 -6.76 -52.07
C SER D 380 -1.02 -7.97 -51.22
N ARG D 381 -1.25 -7.91 -49.91
CA ARG D 381 -0.89 -9.02 -49.01
C ARG D 381 -1.84 -10.21 -49.14
N TYR D 382 -2.94 -10.07 -49.87
CA TYR D 382 -3.93 -11.13 -49.97
C TYR D 382 -3.84 -11.90 -51.28
N GLY D 383 -2.73 -11.74 -52.01
CA GLY D 383 -2.49 -12.47 -53.24
C GLY D 383 -1.96 -13.87 -52.99
N PRO D 384 -1.91 -14.71 -54.05
CA PRO D 384 -2.19 -14.31 -55.42
C PRO D 384 -3.65 -14.40 -55.87
N ASP D 385 -4.58 -14.78 -54.99
CA ASP D 385 -5.96 -14.94 -55.42
C ASP D 385 -6.93 -13.90 -54.85
N PHE D 386 -6.58 -13.21 -53.77
CA PHE D 386 -7.33 -12.06 -53.27
C PHE D 386 -8.77 -12.40 -52.87
N GLU D 387 -9.00 -13.63 -52.40
CA GLU D 387 -10.30 -14.06 -51.88
C GLU D 387 -10.28 -14.20 -50.36
N LEU D 388 -11.47 -14.16 -49.78
CA LEU D 388 -11.62 -14.13 -48.33
C LEU D 388 -11.48 -15.52 -47.68
N ASP D 389 -11.93 -16.57 -48.37
CA ASP D 389 -11.60 -17.93 -47.94
C ASP D 389 -10.10 -18.12 -47.91
N ILE D 390 -9.61 -18.86 -46.90
CA ILE D 390 -8.18 -19.18 -46.91
C ILE D 390 -7.90 -20.17 -48.05
N ASP D 391 -6.63 -20.23 -48.45
CA ASP D 391 -6.20 -21.08 -49.56
C ASP D 391 -5.92 -22.49 -49.06
N TYR D 392 -7.00 -23.21 -48.74
CA TYR D 392 -6.92 -24.56 -48.21
C TYR D 392 -7.99 -25.44 -48.86
N PHE D 393 -7.62 -26.69 -49.12
CA PHE D 393 -8.50 -27.69 -49.74
C PHE D 393 -8.60 -28.90 -48.83
N PRO D 394 -9.66 -29.01 -48.02
CA PRO D 394 -9.77 -30.09 -47.03
C PRO D 394 -10.17 -31.41 -47.66
N ASP D 403 -12.71 -42.05 -30.83
CA ASP D 403 -12.45 -42.91 -29.68
C ASP D 403 -11.77 -42.13 -28.54
N SER D 404 -10.63 -41.50 -28.84
CA SER D 404 -9.98 -40.68 -27.83
C SER D 404 -10.86 -39.50 -27.42
N ILE D 405 -11.64 -38.95 -28.35
CA ILE D 405 -12.51 -37.83 -28.00
C ILE D 405 -13.67 -38.33 -27.13
N GLN D 406 -14.23 -39.48 -27.47
CA GLN D 406 -15.27 -40.04 -26.62
C GLN D 406 -14.74 -40.28 -25.21
N LYS D 407 -13.50 -40.77 -25.09
CA LYS D 407 -12.85 -40.88 -23.78
C LYS D 407 -12.84 -39.54 -23.04
N HIS D 408 -12.47 -38.47 -23.73
CA HIS D 408 -12.35 -37.17 -23.10
C HIS D 408 -13.71 -36.62 -22.69
N HIS D 409 -14.70 -36.71 -23.59
CA HIS D 409 -16.06 -36.29 -23.25
C HIS D 409 -16.53 -36.97 -21.98
N ARG D 410 -16.21 -38.26 -21.83
CA ARG D 410 -16.53 -38.99 -20.61
C ARG D 410 -15.83 -38.40 -19.40
N ARG D 411 -14.51 -38.23 -19.51
CA ARG D 411 -13.74 -37.67 -18.41
C ARG D 411 -14.25 -36.27 -18.06
N ILE D 412 -14.48 -35.42 -19.07
CA ILE D 412 -14.88 -34.03 -18.84
C ILE D 412 -16.27 -33.95 -18.22
N LEU D 413 -17.21 -34.78 -18.68
CA LEU D 413 -18.55 -34.74 -18.09
C LEU D 413 -18.51 -35.11 -16.61
N GLU D 414 -17.69 -36.10 -16.26
CA GLU D 414 -17.50 -36.44 -14.85
C GLU D 414 -16.86 -35.29 -14.09
N GLN D 415 -15.89 -34.60 -14.71
CA GLN D 415 -15.29 -33.45 -14.04
C GLN D 415 -16.34 -32.38 -13.75
N LEU D 416 -17.24 -32.16 -14.70
CA LEU D 416 -18.31 -31.17 -14.53
C LEU D 416 -19.23 -31.55 -13.37
N ARG D 417 -19.71 -32.80 -13.37
CA ARG D 417 -20.52 -33.28 -12.25
C ARG D 417 -19.79 -33.07 -10.93
N ASN D 418 -18.50 -33.42 -10.88
CA ASN D 418 -17.71 -33.16 -9.69
C ASN D 418 -17.65 -31.68 -9.37
N TYR D 419 -17.44 -30.84 -10.39
CA TYR D 419 -17.49 -29.40 -10.16
C TYR D 419 -18.87 -28.97 -9.62
N ALA D 420 -19.94 -29.40 -10.29
CA ALA D 420 -21.27 -28.96 -9.87
C ALA D 420 -21.54 -29.40 -8.44
N ASP D 421 -21.15 -30.63 -8.08
CA ASP D 421 -21.38 -31.12 -6.73
C ASP D 421 -20.63 -30.27 -5.72
N LEU D 422 -19.32 -30.11 -5.91
CA LEU D 422 -18.50 -29.35 -4.98
C LEU D 422 -19.10 -27.97 -4.73
N ASN D 423 -19.61 -27.32 -5.78
CA ASN D 423 -20.07 -25.96 -5.69
C ASN D 423 -21.57 -25.85 -5.45
N LYS D 424 -22.23 -26.96 -5.12
CA LYS D 424 -23.63 -26.95 -4.72
C LYS D 424 -24.50 -26.28 -5.79
N LEU D 425 -24.20 -26.55 -7.06
CA LEU D 425 -24.93 -25.96 -8.16
C LEU D 425 -26.03 -26.89 -8.65
N ILE D 426 -27.08 -26.31 -9.19
CA ILE D 426 -28.28 -27.03 -9.58
C ILE D 426 -28.32 -27.13 -11.10
N TYR D 427 -28.77 -28.28 -11.59
CA TYR D 427 -28.92 -28.56 -13.01
C TYR D 427 -29.64 -29.89 -13.13
N ASP D 428 -29.83 -30.36 -14.36
CA ASP D 428 -30.42 -31.67 -14.62
C ASP D 428 -29.39 -32.54 -15.32
N TYR D 429 -29.02 -33.66 -14.69
CA TYR D 429 -28.01 -34.55 -15.25
C TYR D 429 -28.37 -34.96 -16.68
N ASP D 430 -29.61 -35.39 -16.89
CA ASP D 430 -29.96 -35.97 -18.19
C ASP D 430 -29.87 -34.94 -19.31
N GLN D 431 -30.32 -33.69 -19.07
CA GLN D 431 -30.28 -32.70 -20.14
C GLN D 431 -28.85 -32.43 -20.60
N VAL D 432 -27.91 -32.38 -19.66
CA VAL D 432 -26.50 -32.23 -20.06
C VAL D 432 -25.95 -33.56 -20.57
N TYR D 433 -26.33 -34.67 -19.94
CA TYR D 433 -25.88 -35.97 -20.40
C TYR D 433 -26.40 -36.28 -21.80
N GLN D 434 -27.58 -35.78 -22.16
CA GLN D 434 -28.09 -36.00 -23.51
C GLN D 434 -27.27 -35.25 -24.55
N LEU D 435 -26.63 -34.15 -24.16
CA LEU D 435 -25.77 -33.42 -25.09
C LEU D 435 -24.59 -34.28 -25.53
N TYR D 436 -24.04 -35.07 -24.61
CA TYR D 436 -22.83 -35.90 -24.78
C TYR D 436 -22.48 -36.31 -26.22
ZN ZN E . 26.38 11.66 22.25
K K F . 22.79 17.75 21.39
K K G . 12.04 21.85 11.81
C1 FG8 H . 27.70 8.96 19.42
C2 FG8 H . 28.63 8.05 19.68
C3 FG8 H . 29.67 7.56 18.77
C4 FG8 H . 29.76 8.12 17.49
C5 FG8 H . 30.75 7.71 16.61
C6 FG8 H . 31.66 6.74 16.98
C7 FG8 H . 31.58 6.17 18.23
N FG8 H . 26.00 10.44 20.08
C FG8 H . 26.94 9.61 20.50
C8 FG8 H . 30.59 6.56 19.14
C10 FG8 H . 32.03 6.02 22.95
C11 FG8 H . 33.06 6.53 23.70
C12 FG8 H . 33.91 7.47 23.14
C13 FG8 H . 33.76 7.86 21.82
C14 FG8 H . 32.72 7.33 21.07
C9 FG8 H . 31.85 6.42 21.63
O FG8 H . 27.16 9.38 21.71
O1 FG8 H . 24.83 10.58 20.82
S FG8 H . 30.47 5.77 20.73
CL FG8 H . 35.12 8.23 24.12
C1 DMF I . 18.91 -7.91 32.23
C2 DMF I . 21.30 -7.76 31.38
C DMF I . 20.78 -7.83 33.74
O DMF I . 20.87 -6.79 34.38
N DMF I . 20.35 -7.82 32.49
C1 DMF J . 2.83 2.25 38.96
C2 DMF J . 4.45 1.45 40.76
C DMF J . 4.62 0.78 38.42
O DMF J . 4.14 0.89 37.30
N DMF J . 3.99 1.45 39.36
C1 DMF K . 21.36 19.94 4.32
C2 DMF K . 21.84 19.80 6.82
C DMF K . 19.75 19.01 5.89
O DMF K . 19.20 18.35 4.99
N DMF K . 20.95 19.56 5.68
C1 DMF L . 17.18 15.24 41.94
C2 DMF L . 15.24 16.33 43.18
C DMF L . 16.92 15.02 44.31
O DMF L . 16.35 15.33 45.34
N DMF L . 16.46 15.52 43.18
C1 DMF M . 2.62 19.06 35.18
C2 DMF M . 5.11 19.44 34.84
C DMF M . 3.60 19.09 32.97
O DMF M . 4.54 18.71 32.25
N DMF M . 3.77 19.20 34.29
C1 GOL N . 24.16 24.14 10.17
O1 GOL N . 24.66 25.09 9.24
C2 GOL N . 24.28 22.72 9.61
O2 GOL N . 25.46 22.08 10.07
C3 GOL N . 23.04 21.89 9.91
O3 GOL N . 23.08 21.32 11.20
C1 DMF O . -10.64 -38.61 26.34
C2 DMF O . -10.97 -41.13 26.57
C DMF O . -11.53 -39.93 24.53
O DMF O . -12.50 -40.64 24.29
N DMF O . -11.06 -39.89 25.77
ZN ZN P . -4.13 -14.85 20.13
K K Q . -0.02 -20.59 20.54
K K R . 6.93 -26.96 32.30
C1 FG8 S . -3.81 -11.39 22.08
C2 FG8 S . -4.46 -10.29 21.73
C3 FG8 S . -4.03 -8.90 21.92
C4 FG8 S . -2.77 -8.64 22.46
C5 FG8 S . -2.33 -7.34 22.64
C6 FG8 S . -3.13 -6.28 22.28
C7 FG8 S . -4.38 -6.51 21.73
N FG8 S . -3.64 -13.72 22.39
C FG8 S . -4.35 -12.74 21.82
C8 FG8 S . -4.84 -7.81 21.55
C10 FG8 S . -7.46 -8.06 18.37
C11 FG8 S . -7.34 -7.87 17.01
C12 FG8 S . -6.14 -7.45 16.48
C13 FG8 S . -5.06 -7.21 17.29
C14 FG8 S . -5.17 -7.41 18.66
C9 FG8 S . -6.37 -7.83 19.21
O FG8 S . -5.39 -12.95 21.18
O1 FG8 S . -4.10 -15.03 22.30
S FG8 S . -6.49 -8.11 20.95
CL FG8 S . -5.97 -7.29 14.76
C1 DMF T . -27.84 -21.67 23.99
C2 DMF T . -26.01 -23.00 25.16
C DMF T . -28.37 -23.33 25.67
O DMF T . -29.12 -24.13 25.12
N DMF T . -27.44 -22.69 24.95
C1 DMF U . -16.31 -31.56 11.95
C2 DMF U . -17.96 -33.45 12.34
C DMF U . -18.60 -31.43 11.19
O DMF U . -18.31 -30.58 10.35
N DMF U . -17.66 -32.12 11.81
C1 DMF V . 6.56 -32.23 6.49
C2 DMF V . 6.75 -33.04 8.90
C DMF V . 6.85 -30.68 8.34
O DMF V . 7.44 -30.42 9.39
N DMF V . 6.73 -31.95 7.92
C1 DMF W . -16.95 -17.93 0.09
C2 DMF W . -17.71 -19.29 2.12
C DMF W . -19.28 -18.39 0.51
O DMF W . -20.16 -18.84 1.23
N DMF W . -18.02 -18.53 0.89
C1 DMF X . -25.85 -31.92 13.96
C2 DMF X . -26.72 -33.30 15.91
C DMF X . -25.87 -34.33 13.89
O DMF X . -26.35 -35.40 14.27
N DMF X . -26.14 -33.22 14.56
C1 GOL Y . 10.73 -18.28 25.99
O1 GOL Y . 9.40 -18.68 25.73
C2 GOL Y . 11.47 -18.09 24.67
O2 GOL Y . 11.43 -16.72 24.27
C3 GOL Y . 12.92 -18.53 24.82
O3 GOL Y . 13.26 -19.45 23.81
C1 DMF Z . -40.40 -50.46 16.70
C2 DMF Z . -42.91 -50.83 16.65
C DMF Z . -41.69 -50.10 14.69
O DMF Z . -40.96 -50.66 13.87
N DMF Z . -41.67 -50.46 15.97
ZN ZN AA . -4.56 18.09 -17.18
K K BA . 1.19 20.55 -20.66
K K CA . 3.23 23.79 -35.13
C1 FG8 DA . -7.39 15.40 -18.35
C2 FG8 DA . -8.27 14.87 -17.51
C3 FG8 DA . -8.93 13.55 -17.65
C4 FG8 DA . -8.58 12.73 -18.72
C5 FG8 DA . -9.16 11.48 -18.86
C6 FG8 DA . -10.10 11.04 -17.96
C7 FG8 DA . -10.46 11.83 -16.89
N FG8 DA . -6.07 17.21 -19.09
C FG8 DA . -6.76 16.71 -18.07
C8 FG8 DA . -9.89 13.09 -16.73
C10 FG8 DA . -9.63 14.11 -12.75
C11 FG8 DA . -8.96 13.64 -11.63
C12 FG8 DA . -8.14 12.54 -11.76
C13 FG8 DA . -7.99 11.90 -12.97
C14 FG8 DA . -8.66 12.38 -14.08
C9 FG8 DA . -9.48 13.49 -13.98
O FG8 DA . -6.95 17.33 -17.01
O1 FG8 DA . -5.73 18.56 -19.11
S FG8 DA . -10.40 14.11 -15.37
CL FG8 DA . -7.25 11.97 -10.37
C1 DMF EA . -19.25 36.19 -3.80
C2 DMF EA . -20.07 36.98 -1.51
C DMF EA . -21.12 37.74 -3.59
O DMF EA . -21.95 38.36 -2.92
N DMF EA . -20.18 36.99 -2.99
C1 DMF FA . 10.72 11.22 -20.39
C2 DMF FA . 8.65 11.30 -18.93
C DMF FA . 8.96 9.56 -20.61
O DMF FA . 9.17 8.42 -20.15
N DMF FA . 9.42 10.64 -19.98
C1 DMF GA . 16.07 18.36 -12.83
C2 DMF GA . 14.32 16.98 -11.60
C DMF GA . 14.08 17.54 -13.94
O DMF GA . 13.11 16.79 -13.97
N DMF GA . 14.80 17.63 -12.83
C1 DMF HA . -23.66 30.22 -10.77
C2 DMF HA . -22.60 29.86 -8.49
C DMF HA . -23.14 27.99 -9.98
O DMF HA . -23.08 27.17 -9.06
N DMF HA . -23.13 29.30 -9.76
C1 DMF IA . -4.09 46.81 -4.60
C2 DMF IA . -3.87 44.76 -3.11
C DMF IA . -5.55 44.89 -4.82
O DMF IA . -6.10 43.92 -4.28
N DMF IA . -4.54 45.47 -4.21
C1 DMF JA . -22.42 41.32 -34.17
C2 DMF JA . -22.20 39.91 -32.07
C DMF JA . -24.29 40.02 -33.29
O DMF JA . -24.90 39.65 -32.29
N DMF JA . -23.02 40.40 -33.18
C1 DMF KA . -25.13 37.73 -41.77
C2 DMF KA . -26.38 36.31 -40.08
C DMF KA . -25.72 35.42 -42.24
O DMF KA . -26.15 34.31 -41.89
N DMF KA . -25.74 36.45 -41.39
C1 DMF LA . 1.46 39.47 -6.50
C2 DMF LA . 1.52 36.96 -6.95
C DMF LA . 0.11 37.90 -5.22
O DMF LA . 0.11 36.82 -4.63
N DMF LA . 0.99 38.11 -6.20
C1 DMF MA . 2.40 41.59 -21.54
C2 DMF MA . 2.46 44.05 -20.96
C DMF MA . 1.98 43.26 -23.23
O DMF MA . 2.45 44.26 -23.77
N DMF MA . 2.27 42.99 -21.96
C1 GOL NA . 6.41 13.15 -29.84
O1 GOL NA . 7.44 12.23 -30.18
C2 GOL NA . 5.04 12.53 -30.15
O2 GOL NA . 4.51 11.80 -29.06
C3 GOL NA . 4.09 13.63 -30.60
O3 GOL NA . 3.65 14.40 -29.49
ZN ZN OA . -1.00 -20.18 -30.06
K K PA . -6.28 -23.18 -26.46
K K QA . -10.69 -22.12 -12.12
C1 FG8 RA . 2.68 -19.35 -28.88
C2 FG8 RA . 3.65 -19.05 -29.74
C3 FG8 RA . 5.08 -19.32 -29.58
C4 FG8 RA . 5.52 -19.96 -28.42
C5 FG8 RA . 6.87 -20.20 -28.20
C6 FG8 RA . 7.80 -19.82 -29.13
C7 FG8 RA . 7.40 -19.19 -30.31
N FG8 RA . 0.44 -19.35 -28.15
C FG8 RA . 1.27 -19.03 -29.14
C8 FG8 RA . 6.05 -18.93 -30.54
C10 FG8 RA . 5.45 -18.72 -34.60
C11 FG8 RA . 5.47 -19.61 -35.67
C12 FG8 RA . 5.73 -20.93 -35.41
C13 FG8 RA . 6.01 -21.38 -34.14
C14 FG8 RA . 5.99 -20.48 -33.08
C9 FG8 RA . 5.70 -19.14 -33.32
O FG8 RA . 0.86 -18.50 -30.19
O1 FG8 RA . -0.85 -18.86 -28.13
S FG8 RA . 5.58 -17.99 -31.97
CL FG8 RA . 5.63 -22.08 -36.72
C1 DMF SA . -8.68 0.95 -39.58
C2 DMF SA . -10.32 1.35 -37.71
C DMF SA . -7.94 0.94 -37.26
O DMF SA . -8.02 1.32 -36.10
N DMF SA . -8.94 1.08 -38.14
C1 DMF TA . 16.81 -9.29 -26.04
C2 DMF TA . 16.31 -10.26 -23.73
C DMF TA . 17.55 -8.19 -24.03
O DMF TA . 17.72 -8.16 -22.81
N DMF TA . 16.90 -9.21 -24.58
C1 DMF UA . -20.68 -13.35 -43.66
C2 DMF UA . -18.72 -14.02 -42.16
C DMF UA . -21.03 -14.27 -41.47
O DMF UA . -21.54 -13.45 -40.71
N DMF UA . -20.17 -13.89 -42.39
C1 DMF VA . -25.16 -10.87 -24.76
C2 DMF VA . -26.78 -10.58 -26.70
C DMF VA . -24.88 -12.06 -26.87
O DMF VA . -25.02 -12.08 -28.09
N DMF VA . -25.58 -11.20 -26.13
C1 GOL WA . -2.18 -28.50 -16.14
O1 GOL WA . -2.99 -28.08 -17.23
C2 GOL WA . -1.88 -29.99 -16.27
O2 GOL WA . -1.00 -30.19 -17.36
C3 GOL WA . -3.17 -30.77 -16.48
O3 GOL WA . -3.02 -32.10 -15.99
#